data_4UDI
#
_entry.id   4UDI
#
_cell.length_a   84.116
_cell.length_b   141.206
_cell.length_c   176.245
_cell.angle_alpha   90.00
_cell.angle_beta   90.00
_cell.angle_gamma   90.00
#
_symmetry.space_group_name_H-M   'P 21 21 21'
#
loop_
_entity.id
_entity.type
_entity.pdbx_description
1 polymer UHGB_MP
2 non-polymer 'PHOSPHATE ION'
3 non-polymer GLYCEROL
4 non-polymer 'POTASSIUM ION'
5 non-polymer 1,2-ETHANEDIOL
6 non-polymer 'TRIETHYLENE GLYCOL'
7 water water
#
_entity_poly.entity_id   1
_entity_poly.type   'polypeptide(L)'
_entity_poly.pdbx_seq_one_letter_code
;MGSSHHHHHHSSGLVPRGSHMSMSSKVIIPWEERPAGCKDVLWRSVANPIIPRDLLPTSNSIFNSAVVPFGDGFAGVFRC
DDTSRRMRLHVGFSKDAINWNIKEEPLKFQCDDEEIGTWVYGYDPRVCFIEDRYYVTWCNGYHGPTIGVAYTFDFETFHQ
LENAFIPFNRNGVLFPRKINGRFAMLSRPSDNGHTPFGDIFYSESPDMEFWGRHRHVMSPAAFEVSAWQCTKIGAGPIPV
ETPEGWLLIYHGVLHSCNGYVYSFGSALLDLDEPWKVKFRSGPYLLAPREPYECMGDVPNVCFPCAALHDNETGRIAIYY
GCADTVTGLAFGYIPEIIEFTKRTSII
;
_entity_poly.pdbx_strand_id   A,B,C,D,E,F
#
loop_
_chem_comp.id
_chem_comp.type
_chem_comp.name
_chem_comp.formula
EDO non-polymer 1,2-ETHANEDIOL 'C2 H6 O2'
GOL non-polymer GLYCEROL 'C3 H8 O3'
K non-polymer 'POTASSIUM ION' 'K 1'
PGE non-polymer 'TRIETHYLENE GLYCOL' 'C6 H14 O4'
PO4 non-polymer 'PHOSPHATE ION' 'O4 P -3'
#
# COMPACT_ATOMS: atom_id res chain seq x y z
N VAL A 27 -51.70 -6.70 -6.73
CA VAL A 27 -50.24 -6.99 -6.33
C VAL A 27 -50.06 -7.38 -4.85
N ILE A 28 -49.84 -8.67 -4.54
CA ILE A 28 -49.71 -9.12 -3.16
C ILE A 28 -48.25 -9.36 -2.84
N ILE A 29 -47.66 -8.42 -2.12
CA ILE A 29 -46.25 -8.61 -1.74
C ILE A 29 -46.03 -9.56 -0.56
N PRO A 30 -44.82 -10.14 -0.47
CA PRO A 30 -44.49 -11.06 0.61
C PRO A 30 -44.51 -10.28 1.90
N TRP A 31 -44.92 -10.95 2.97
CA TRP A 31 -45.09 -10.34 4.26
C TRP A 31 -45.04 -11.35 5.37
N GLU A 32 -44.32 -10.98 6.43
CA GLU A 32 -44.43 -11.63 7.71
C GLU A 32 -44.60 -10.51 8.77
N GLU A 33 -45.36 -10.57 9.80
CA GLU A 33 -45.44 -9.64 10.91
C GLU A 33 -44.18 -9.73 11.76
N ARG A 34 -44.31 -8.46 12.28
N ARG A 34 -44.32 -8.46 12.30
CA ARG A 34 -43.22 -8.24 13.22
CA ARG A 34 -43.20 -8.28 13.21
C ARG A 34 -43.32 -9.26 14.37
C ARG A 34 -43.32 -9.29 14.34
N PRO A 35 -42.22 -9.96 14.69
CA PRO A 35 -42.32 -10.91 15.80
C PRO A 35 -42.73 -10.24 17.10
N ALA A 36 -43.34 -11.04 17.96
CA ALA A 36 -43.76 -10.61 19.35
C ALA A 36 -42.68 -9.88 20.12
N GLY A 37 -42.98 -8.68 20.57
CA GLY A 37 -42.03 -7.86 21.32
C GLY A 37 -40.82 -7.31 20.57
N CYS A 38 -40.60 -7.68 19.30
CA CYS A 38 -39.50 -7.10 18.53
C CYS A 38 -39.78 -5.58 18.38
N LYS A 39 -38.74 -4.80 18.59
CA LYS A 39 -38.82 -3.37 18.49
C LYS A 39 -38.19 -2.83 17.23
N ASP A 40 -37.54 -3.71 16.48
CA ASP A 40 -36.71 -3.26 15.38
C ASP A 40 -37.57 -2.73 14.24
N VAL A 41 -36.99 -1.81 13.48
CA VAL A 41 -37.63 -1.21 12.40
C VAL A 41 -37.75 -2.24 11.24
N LEU A 42 -36.76 -3.11 11.05
CA LEU A 42 -36.83 -4.21 10.07
C LEU A 42 -36.60 -5.50 10.74
N TRP A 43 -37.31 -6.52 10.26
CA TRP A 43 -37.13 -7.84 10.71
C TRP A 43 -36.93 -8.85 9.57
N ARG A 44 -36.00 -9.77 9.82
CA ARG A 44 -35.64 -10.77 8.89
C ARG A 44 -36.74 -11.79 8.65
N SER A 45 -36.90 -12.22 7.42
CA SER A 45 -37.75 -13.36 7.19
C SER A 45 -37.22 -14.57 7.95
N VAL A 46 -38.14 -15.29 8.58
CA VAL A 46 -37.77 -16.52 9.25
C VAL A 46 -37.49 -17.63 8.23
N ALA A 47 -37.74 -17.38 6.94
CA ALA A 47 -37.41 -18.37 5.92
C ALA A 47 -36.12 -18.02 5.21
N ASN A 48 -35.32 -17.12 5.75
CA ASN A 48 -34.06 -16.85 5.12
C ASN A 48 -33.09 -18.00 5.21
N PRO A 49 -32.23 -18.16 4.19
CA PRO A 49 -32.29 -17.39 2.94
C PRO A 49 -33.40 -17.85 2.02
N ILE A 50 -33.94 -16.95 1.23
CA ILE A 50 -35.02 -17.30 0.36
C ILE A 50 -34.57 -17.90 -0.97
N ILE A 51 -33.34 -17.56 -1.40
CA ILE A 51 -32.71 -18.17 -2.58
C ILE A 51 -31.36 -18.78 -2.11
N PRO A 52 -31.20 -20.07 -2.37
CA PRO A 52 -29.95 -20.78 -2.01
C PRO A 52 -28.88 -20.66 -3.10
N ARG A 53 -27.62 -20.90 -2.72
CA ARG A 53 -26.50 -20.61 -3.56
C ARG A 53 -26.44 -21.54 -4.77
N ASP A 54 -27.08 -22.68 -4.63
CA ASP A 54 -26.95 -23.78 -5.57
C ASP A 54 -28.26 -24.05 -6.33
N LEU A 55 -29.08 -23.02 -6.47
CA LEU A 55 -30.32 -23.20 -7.17
C LEU A 55 -30.15 -23.68 -8.65
N LEU A 56 -29.14 -23.22 -9.37
CA LEU A 56 -28.91 -23.62 -10.72
C LEU A 56 -27.84 -24.70 -10.78
N PRO A 57 -27.81 -25.52 -11.82
CA PRO A 57 -26.79 -26.58 -11.84
C PRO A 57 -25.35 -26.11 -11.72
N THR A 58 -25.01 -24.94 -12.21
CA THR A 58 -23.66 -24.49 -12.06
C THR A 58 -23.56 -23.23 -11.21
N SER A 59 -24.59 -22.88 -10.45
CA SER A 59 -24.47 -21.70 -9.60
C SER A 59 -23.56 -21.96 -8.38
N ASN A 60 -22.66 -21.00 -8.16
CA ASN A 60 -21.83 -20.84 -6.95
C ASN A 60 -22.50 -19.99 -5.93
N SER A 61 -23.18 -18.90 -6.38
CA SER A 61 -23.80 -17.97 -5.46
C SER A 61 -24.85 -17.17 -6.19
N ILE A 62 -25.92 -16.81 -5.47
CA ILE A 62 -27.02 -16.01 -6.03
C ILE A 62 -27.40 -14.93 -4.98
N PHE A 63 -26.98 -13.71 -5.16
CA PHE A 63 -27.09 -12.76 -4.05
C PHE A 63 -27.46 -11.34 -4.51
N ASN A 64 -27.87 -11.18 -5.79
CA ASN A 64 -28.64 -9.97 -6.10
C ASN A 64 -29.87 -10.38 -6.81
N SER A 65 -31.00 -9.79 -6.41
CA SER A 65 -32.28 -10.16 -6.88
C SER A 65 -33.05 -8.89 -7.18
N ALA A 66 -33.00 -8.46 -8.45
CA ALA A 66 -33.68 -7.27 -8.85
C ALA A 66 -35.10 -7.55 -9.29
N VAL A 67 -36.02 -7.37 -8.37
CA VAL A 67 -37.35 -7.93 -8.42
C VAL A 67 -38.42 -6.81 -8.62
N VAL A 68 -39.41 -7.15 -9.43
CA VAL A 68 -40.57 -6.31 -9.70
C VAL A 68 -41.82 -7.14 -9.84
N PRO A 69 -42.99 -6.52 -9.60
CA PRO A 69 -44.23 -7.10 -10.06
C PRO A 69 -44.28 -7.23 -11.59
N PHE A 70 -44.88 -8.31 -12.06
CA PHE A 70 -44.97 -8.54 -13.51
C PHE A 70 -46.08 -9.52 -13.79
N GLY A 71 -47.02 -9.11 -14.63
CA GLY A 71 -48.13 -9.97 -15.02
C GLY A 71 -48.91 -10.24 -13.77
N ASP A 72 -49.22 -11.51 -13.52
CA ASP A 72 -49.90 -11.89 -12.29
C ASP A 72 -48.92 -12.34 -11.21
N GLY A 73 -47.62 -12.15 -11.41
CA GLY A 73 -46.69 -12.45 -10.34
C GLY A 73 -45.55 -11.50 -10.33
N PHE A 74 -44.35 -12.07 -10.36
CA PHE A 74 -43.16 -11.26 -10.24
C PHE A 74 -42.10 -11.75 -11.18
N ALA A 75 -41.27 -10.83 -11.62
CA ALA A 75 -40.11 -11.14 -12.35
C ALA A 75 -38.87 -10.51 -11.75
N GLY A 76 -37.71 -10.95 -12.21
CA GLY A 76 -36.51 -10.29 -11.74
C GLY A 76 -35.32 -10.62 -12.57
N VAL A 77 -34.25 -9.81 -12.40
CA VAL A 77 -32.94 -10.13 -12.95
C VAL A 77 -32.01 -10.40 -11.76
N PHE A 78 -31.30 -11.49 -11.86
CA PHE A 78 -30.55 -12.02 -10.77
C PHE A 78 -29.09 -12.11 -11.12
N ARG A 79 -28.23 -11.77 -10.16
CA ARG A 79 -26.80 -12.06 -10.27
C ARG A 79 -26.60 -13.49 -9.78
N CYS A 80 -26.09 -14.31 -10.68
CA CYS A 80 -25.73 -15.66 -10.34
C CYS A 80 -24.29 -15.87 -10.79
N ASP A 81 -23.40 -16.13 -9.85
CA ASP A 81 -21.99 -16.32 -10.17
C ASP A 81 -21.88 -17.84 -10.23
N ASP A 82 -21.21 -18.33 -11.26
CA ASP A 82 -21.16 -19.74 -11.50
C ASP A 82 -19.91 -20.36 -10.84
N THR A 83 -19.72 -21.66 -11.08
CA THR A 83 -18.58 -22.44 -10.56
C THR A 83 -17.23 -22.14 -11.17
N SER A 84 -17.21 -21.23 -12.13
CA SER A 84 -16.01 -20.65 -12.68
C SER A 84 -15.77 -19.26 -12.10
N ARG A 85 -16.65 -18.90 -11.19
CA ARG A 85 -16.73 -17.56 -10.57
C ARG A 85 -16.89 -16.43 -11.58
N ARG A 86 -17.53 -16.76 -12.70
CA ARG A 86 -17.95 -15.68 -13.65
C ARG A 86 -19.25 -15.08 -13.15
N MET A 87 -19.43 -13.80 -13.45
CA MET A 87 -20.60 -13.00 -12.96
C MET A 87 -21.55 -12.88 -14.13
N ARG A 88 -22.71 -13.50 -14.00
CA ARG A 88 -23.73 -13.45 -15.05
C ARG A 88 -25.07 -13.00 -14.48
N LEU A 89 -25.91 -12.43 -15.39
CA LEU A 89 -27.28 -12.10 -15.02
C LEU A 89 -28.24 -13.17 -15.63
N HIS A 90 -29.23 -13.60 -14.86
CA HIS A 90 -30.27 -14.51 -15.30
C HIS A 90 -31.68 -13.93 -15.01
N VAL A 91 -32.65 -14.20 -15.87
CA VAL A 91 -34.03 -13.81 -15.60
C VAL A 91 -34.67 -14.84 -14.73
N GLY A 92 -35.52 -14.40 -13.82
CA GLY A 92 -36.40 -15.33 -13.12
C GLY A 92 -37.82 -14.89 -12.93
N PHE A 93 -38.69 -15.82 -12.57
CA PHE A 93 -40.08 -15.52 -12.38
C PHE A 93 -40.58 -16.19 -11.13
N SER A 94 -41.66 -15.68 -10.55
CA SER A 94 -42.17 -16.27 -9.31
C SER A 94 -43.63 -15.86 -9.17
N LYS A 95 -44.45 -16.73 -8.64
CA LYS A 95 -45.80 -16.41 -8.26
C LYS A 95 -45.90 -15.54 -7.00
N ASP A 96 -45.01 -15.78 -6.04
CA ASP A 96 -45.14 -15.26 -4.66
C ASP A 96 -44.02 -14.36 -4.25
N ALA A 97 -43.04 -14.22 -5.12
CA ALA A 97 -41.81 -13.44 -4.94
C ALA A 97 -40.81 -13.94 -3.90
N ILE A 98 -41.03 -15.14 -3.39
CA ILE A 98 -40.17 -15.80 -2.43
C ILE A 98 -39.53 -17.02 -3.05
N ASN A 99 -40.32 -17.82 -3.75
CA ASN A 99 -39.84 -18.98 -4.43
C ASN A 99 -39.64 -18.69 -5.88
N TRP A 100 -38.40 -18.74 -6.30
CA TRP A 100 -37.99 -18.32 -7.62
C TRP A 100 -37.62 -19.40 -8.59
N ASN A 101 -38.11 -19.24 -9.82
CA ASN A 101 -37.67 -20.06 -10.97
C ASN A 101 -36.77 -19.26 -11.85
N ILE A 102 -35.50 -19.52 -11.73
CA ILE A 102 -34.51 -18.73 -12.44
C ILE A 102 -34.03 -19.54 -13.63
N LYS A 103 -33.96 -18.90 -14.79
CA LYS A 103 -33.54 -19.51 -15.98
C LYS A 103 -32.11 -19.97 -15.90
N GLU A 104 -31.82 -21.20 -16.36
CA GLU A 104 -30.42 -21.72 -16.26
C GLU A 104 -29.51 -20.93 -17.20
N GLU A 105 -29.97 -20.51 -18.38
CA GLU A 105 -29.12 -19.80 -19.32
C GLU A 105 -29.02 -18.35 -18.89
N PRO A 106 -27.81 -17.80 -18.94
CA PRO A 106 -27.72 -16.35 -18.72
C PRO A 106 -28.49 -15.54 -19.74
N LEU A 107 -28.88 -14.37 -19.28
CA LEU A 107 -29.60 -13.40 -20.08
C LEU A 107 -28.66 -12.83 -21.16
N LYS A 108 -29.14 -12.70 -22.39
CA LYS A 108 -28.41 -12.05 -23.49
C LYS A 108 -29.11 -10.81 -23.86
N PHE A 109 -28.37 -9.72 -24.06
CA PHE A 109 -28.97 -8.46 -24.45
C PHE A 109 -28.94 -8.36 -25.94
N GLN A 110 -29.99 -7.86 -26.59
CA GLN A 110 -29.87 -7.48 -27.98
C GLN A 110 -29.32 -6.07 -28.07
N CYS A 111 -28.38 -5.87 -28.96
CA CYS A 111 -27.81 -4.55 -29.10
C CYS A 111 -27.46 -4.25 -30.54
N ASP A 112 -27.86 -3.07 -30.96
CA ASP A 112 -27.61 -2.64 -32.29
C ASP A 112 -26.17 -2.29 -32.57
N ASP A 113 -25.38 -2.02 -31.54
CA ASP A 113 -24.01 -1.59 -31.75
C ASP A 113 -23.19 -2.73 -31.23
N GLU A 114 -22.36 -3.31 -32.08
CA GLU A 114 -21.62 -4.50 -31.67
C GLU A 114 -20.59 -4.19 -30.57
N GLU A 115 -20.03 -2.93 -30.53
CA GLU A 115 -19.07 -2.70 -29.46
C GLU A 115 -19.77 -2.59 -28.07
N ILE A 116 -20.74 -1.86 -27.97
CA ILE A 116 -21.47 -1.75 -26.70
C ILE A 116 -22.12 -3.07 -26.33
N GLY A 117 -22.48 -3.85 -27.37
CA GLY A 117 -23.17 -5.14 -27.18
C GLY A 117 -22.20 -6.26 -26.76
N THR A 118 -20.92 -5.95 -26.71
CA THR A 118 -19.93 -6.97 -26.30
C THR A 118 -20.02 -7.28 -24.79
N TRP A 119 -20.21 -8.57 -24.45
CA TRP A 119 -20.32 -9.02 -23.05
C TRP A 119 -18.97 -9.32 -22.47
N VAL A 120 -18.60 -8.65 -21.40
CA VAL A 120 -17.41 -9.00 -20.66
C VAL A 120 -17.80 -9.60 -19.32
N TYR A 121 -18.56 -8.84 -18.51
CA TYR A 121 -19.17 -9.37 -17.31
C TYR A 121 -20.37 -8.50 -16.91
N GLY A 122 -21.19 -8.99 -15.98
CA GLY A 122 -22.23 -8.20 -15.37
C GLY A 122 -22.61 -8.60 -13.97
N TYR A 123 -22.81 -7.58 -13.13
CA TYR A 123 -23.27 -7.78 -11.82
C TYR A 123 -24.12 -6.57 -11.41
N ASP A 124 -24.49 -6.53 -10.15
CA ASP A 124 -25.20 -5.39 -9.58
C ASP A 124 -26.51 -4.99 -10.36
N PRO A 125 -27.41 -5.95 -10.70
CA PRO A 125 -28.62 -5.53 -11.47
C PRO A 125 -29.61 -4.74 -10.57
N ARG A 126 -30.39 -3.85 -11.21
CA ARG A 126 -31.51 -3.25 -10.66
C ARG A 126 -32.56 -3.14 -11.78
N VAL A 127 -33.83 -3.23 -11.42
CA VAL A 127 -34.93 -3.24 -12.37
C VAL A 127 -36.02 -2.33 -11.89
N CYS A 128 -36.55 -1.51 -12.78
CA CYS A 128 -37.75 -0.76 -12.40
C CYS A 128 -38.60 -0.41 -13.62
N PHE A 129 -39.86 -0.17 -13.40
CA PHE A 129 -40.79 0.19 -14.50
C PHE A 129 -40.84 1.70 -14.57
N ILE A 130 -40.57 2.30 -15.75
CA ILE A 130 -40.68 3.73 -15.94
C ILE A 130 -41.61 4.04 -17.14
N GLU A 131 -42.82 4.47 -16.79
CA GLU A 131 -43.87 4.97 -17.69
C GLU A 131 -44.53 3.87 -18.48
N ASP A 132 -43.76 3.18 -19.33
CA ASP A 132 -44.37 2.18 -20.28
C ASP A 132 -43.52 0.91 -20.50
N ARG A 133 -42.39 0.80 -19.75
CA ARG A 133 -41.58 -0.40 -19.82
C ARG A 133 -40.69 -0.59 -18.63
N TYR A 134 -40.10 -1.78 -18.55
CA TYR A 134 -39.11 -2.03 -17.48
C TYR A 134 -37.73 -1.69 -17.97
N TYR A 135 -36.93 -1.06 -17.13
CA TYR A 135 -35.56 -0.78 -17.43
C TYR A 135 -34.69 -1.55 -16.45
N VAL A 136 -33.61 -2.05 -16.99
CA VAL A 136 -32.56 -2.87 -16.30
C VAL A 136 -31.32 -2.04 -16.32
N THR A 137 -30.68 -1.88 -15.13
CA THR A 137 -29.32 -1.35 -15.12
C THR A 137 -28.42 -2.41 -14.44
N TRP A 138 -27.16 -2.35 -14.74
CA TRP A 138 -26.23 -3.26 -14.10
C TRP A 138 -24.85 -2.72 -14.18
N CYS A 139 -23.91 -3.31 -13.42
CA CYS A 139 -22.52 -2.90 -13.55
C CYS A 139 -22.00 -3.77 -14.70
N ASN A 140 -21.68 -3.12 -15.81
CA ASN A 140 -21.35 -3.75 -17.10
C ASN A 140 -19.90 -3.42 -17.40
N GLY A 141 -19.13 -4.43 -17.76
CA GLY A 141 -17.72 -4.24 -18.09
C GLY A 141 -17.60 -3.64 -19.45
N TYR A 142 -17.01 -2.45 -19.48
CA TYR A 142 -16.65 -1.79 -20.70
C TYR A 142 -15.36 -1.01 -20.45
N HIS A 143 -14.20 -1.71 -20.65
CA HIS A 143 -12.95 -1.14 -20.20
C HIS A 143 -12.97 -0.68 -18.75
N GLY A 144 -13.60 -1.52 -17.92
CA GLY A 144 -13.77 -1.23 -16.49
C GLY A 144 -15.27 -1.13 -16.18
N PRO A 145 -15.61 -1.09 -14.90
CA PRO A 145 -17.00 -1.12 -14.56
C PRO A 145 -17.70 0.21 -14.89
N THR A 146 -18.82 0.10 -15.56
CA THR A 146 -19.68 1.24 -15.78
C THR A 146 -21.10 0.75 -15.59
N ILE A 147 -22.06 1.61 -15.91
N ILE A 147 -22.10 1.60 -15.85
CA ILE A 147 -23.45 1.29 -15.75
CA ILE A 147 -23.50 1.22 -15.68
C ILE A 147 -23.99 0.96 -17.15
C ILE A 147 -24.18 0.99 -17.05
N GLY A 148 -24.48 -0.26 -17.33
CA GLY A 148 -25.17 -0.65 -18.53
C GLY A 148 -26.63 -0.34 -18.33
N VAL A 149 -27.33 -0.16 -19.44
CA VAL A 149 -28.75 0.06 -19.45
C VAL A 149 -29.48 -0.72 -20.58
N ALA A 150 -30.66 -1.26 -20.23
CA ALA A 150 -31.51 -1.94 -21.23
C ALA A 150 -32.95 -1.75 -20.87
N TYR A 151 -33.86 -2.02 -21.81
CA TYR A 151 -35.23 -2.17 -21.49
C TYR A 151 -35.82 -3.46 -21.93
N THR A 152 -36.95 -3.74 -21.32
CA THR A 152 -37.75 -4.87 -21.75
C THR A 152 -39.24 -4.55 -21.50
N PHE A 153 -40.07 -5.09 -22.35
CA PHE A 153 -41.49 -5.17 -22.11
C PHE A 153 -42.01 -6.47 -21.53
N ASP A 154 -41.21 -7.55 -21.59
CA ASP A 154 -41.73 -8.85 -21.28
C ASP A 154 -40.80 -9.83 -20.50
N PHE A 155 -39.60 -9.37 -20.23
CA PHE A 155 -38.51 -10.16 -19.55
C PHE A 155 -38.11 -11.37 -20.42
N GLU A 156 -38.31 -11.20 -21.73
CA GLU A 156 -37.86 -12.14 -22.75
C GLU A 156 -36.86 -11.52 -23.68
N THR A 157 -37.16 -10.43 -24.34
CA THR A 157 -36.21 -9.70 -25.17
C THR A 157 -35.82 -8.47 -24.41
N PHE A 158 -34.51 -8.22 -24.29
CA PHE A 158 -33.95 -7.06 -23.61
C PHE A 158 -33.15 -6.29 -24.66
N HIS A 159 -33.51 -5.01 -24.88
CA HIS A 159 -32.80 -4.12 -25.83
C HIS A 159 -31.81 -3.25 -25.10
N GLN A 160 -30.53 -3.45 -25.39
CA GLN A 160 -29.48 -2.76 -24.71
C GLN A 160 -29.28 -1.39 -25.27
N LEU A 161 -29.20 -0.43 -24.38
CA LEU A 161 -28.94 0.94 -24.73
C LEU A 161 -27.49 1.28 -24.46
N GLU A 162 -27.16 2.56 -24.64
CA GLU A 162 -25.82 3.01 -24.32
C GLU A 162 -25.48 2.91 -22.86
N ASN A 163 -24.23 2.58 -22.55
CA ASN A 163 -23.79 2.64 -21.16
C ASN A 163 -23.96 4.09 -20.73
N ALA A 164 -24.50 4.27 -19.55
CA ALA A 164 -24.85 5.64 -19.13
C ALA A 164 -23.68 6.59 -18.88
N PHE A 165 -22.57 6.04 -18.33
CA PHE A 165 -21.45 6.79 -17.93
C PHE A 165 -20.15 6.13 -18.40
N ILE A 166 -19.08 6.92 -18.30
CA ILE A 166 -17.73 6.42 -18.50
C ILE A 166 -17.33 5.64 -17.26
N PRO A 167 -16.52 4.57 -17.38
CA PRO A 167 -16.05 4.01 -16.11
C PRO A 167 -15.28 5.03 -15.32
N PHE A 168 -15.10 4.87 -14.00
CA PHE A 168 -15.51 3.75 -13.21
C PHE A 168 -16.72 4.04 -12.40
N ASN A 169 -17.77 3.21 -12.45
CA ASN A 169 -19.02 3.56 -11.79
C ASN A 169 -19.84 2.30 -11.62
N ARG A 170 -20.55 2.22 -10.55
CA ARG A 170 -21.53 1.16 -10.33
C ARG A 170 -22.62 1.61 -9.37
N ASN A 171 -23.41 0.69 -8.84
CA ASN A 171 -24.56 0.98 -7.98
C ASN A 171 -25.50 1.98 -8.67
N GLY A 172 -25.70 1.75 -9.97
CA GLY A 172 -26.63 2.57 -10.74
C GLY A 172 -28.06 2.22 -10.37
N VAL A 173 -28.88 3.22 -10.01
CA VAL A 173 -30.23 2.90 -9.64
C VAL A 173 -31.17 3.99 -10.22
N LEU A 174 -32.05 3.58 -11.13
CA LEU A 174 -33.02 4.50 -11.70
C LEU A 174 -34.13 4.91 -10.71
N PHE A 175 -34.64 6.15 -10.88
CA PHE A 175 -35.90 6.53 -10.26
C PHE A 175 -37.09 5.97 -11.07
N PRO A 176 -38.21 5.67 -10.40
CA PRO A 176 -39.30 4.92 -11.02
C PRO A 176 -40.31 5.81 -11.76
N ARG A 177 -39.97 7.09 -11.92
CA ARG A 177 -40.72 8.02 -12.74
C ARG A 177 -39.72 9.07 -13.18
N LYS A 178 -40.08 9.89 -14.15
CA LYS A 178 -39.28 11.03 -14.56
C LYS A 178 -39.33 12.10 -13.49
N ILE A 179 -38.25 12.85 -13.42
CA ILE A 179 -38.10 14.03 -12.51
C ILE A 179 -37.87 15.27 -13.41
N ASN A 180 -38.74 16.29 -13.27
CA ASN A 180 -38.64 17.55 -14.07
C ASN A 180 -38.62 17.16 -15.57
N GLY A 181 -39.42 16.14 -16.00
CA GLY A 181 -39.45 15.69 -17.40
C GLY A 181 -38.22 14.94 -17.92
N ARG A 182 -37.33 14.51 -17.00
CA ARG A 182 -36.16 13.65 -17.42
C ARG A 182 -36.01 12.35 -16.64
N PHE A 183 -35.39 11.36 -17.26
CA PHE A 183 -35.03 10.17 -16.54
C PHE A 183 -33.95 10.55 -15.55
N ALA A 184 -33.96 9.86 -14.44
CA ALA A 184 -32.95 10.14 -13.39
C ALA A 184 -32.36 8.88 -12.78
N MET A 185 -31.06 8.99 -12.45
CA MET A 185 -30.32 7.83 -11.98
C MET A 185 -29.29 8.21 -10.90
N LEU A 186 -29.34 7.42 -9.84
CA LEU A 186 -28.29 7.50 -8.81
C LEU A 186 -27.12 6.63 -9.29
N SER A 187 -25.91 7.06 -9.00
CA SER A 187 -24.75 6.19 -9.33
C SER A 187 -23.71 6.30 -8.23
N ARG A 188 -22.53 5.80 -8.48
CA ARG A 188 -21.53 5.70 -7.40
C ARG A 188 -20.16 5.59 -7.98
N PRO A 189 -19.51 6.70 -8.31
CA PRO A 189 -18.20 6.71 -8.90
C PRO A 189 -17.17 5.85 -8.10
N SER A 190 -16.42 5.05 -8.84
CA SER A 190 -15.63 4.00 -8.20
C SER A 190 -14.23 4.02 -8.78
N ASP A 191 -13.46 2.91 -8.59
CA ASP A 191 -12.20 2.75 -9.29
C ASP A 191 -12.17 1.40 -10.01
N ASN A 192 -10.96 0.95 -10.35
CA ASN A 192 -10.76 -0.32 -11.02
C ASN A 192 -10.52 -1.53 -10.08
N GLY A 193 -10.83 -1.40 -8.79
CA GLY A 193 -10.59 -2.46 -7.80
C GLY A 193 -11.74 -2.56 -6.79
N HIS A 194 -11.41 -3.03 -5.60
CA HIS A 194 -12.29 -3.10 -4.45
C HIS A 194 -12.21 -1.69 -3.83
N THR A 195 -12.95 -0.85 -4.43
CA THR A 195 -12.84 0.62 -4.23
C THR A 195 -12.89 1.08 -2.78
N PRO A 196 -11.88 1.89 -2.31
CA PRO A 196 -11.90 2.19 -0.87
C PRO A 196 -12.57 3.55 -0.54
N PHE A 197 -13.47 3.98 -1.38
CA PHE A 197 -14.20 5.30 -1.23
C PHE A 197 -15.50 5.14 -1.98
N GLY A 198 -16.40 6.14 -1.88
CA GLY A 198 -17.57 6.08 -2.74
C GLY A 198 -18.66 6.98 -2.26
N ASP A 199 -18.94 8.04 -3.04
CA ASP A 199 -20.10 8.94 -2.84
C ASP A 199 -21.27 8.51 -3.80
N ILE A 200 -22.48 8.79 -3.37
CA ILE A 200 -23.66 8.63 -4.24
C ILE A 200 -23.86 9.91 -5.03
N PHE A 201 -24.06 9.73 -6.36
CA PHE A 201 -24.32 10.83 -7.26
C PHE A 201 -25.67 10.66 -7.91
N TYR A 202 -26.15 11.77 -8.47
CA TYR A 202 -27.42 11.85 -9.20
C TYR A 202 -27.18 12.45 -10.56
N SER A 203 -27.87 11.90 -11.56
CA SER A 203 -27.76 12.42 -12.92
C SER A 203 -29.07 12.33 -13.66
N GLU A 204 -29.18 13.10 -14.69
CA GLU A 204 -30.42 13.10 -15.47
C GLU A 204 -30.19 12.88 -16.94
N SER A 205 -31.22 12.40 -17.60
CA SER A 205 -31.17 12.23 -19.10
C SER A 205 -32.49 12.50 -19.81
N PRO A 206 -32.44 13.22 -20.94
CA PRO A 206 -33.80 13.35 -21.57
C PRO A 206 -34.24 12.11 -22.34
N ASP A 207 -33.32 11.23 -22.61
CA ASP A 207 -33.54 10.21 -23.66
C ASP A 207 -33.01 8.81 -23.40
N MET A 208 -32.49 8.63 -22.22
CA MET A 208 -31.85 7.35 -21.85
C MET A 208 -30.60 7.08 -22.73
N GLU A 209 -29.95 8.15 -23.22
CA GLU A 209 -28.77 8.07 -24.07
C GLU A 209 -27.72 9.08 -23.64
N PHE A 210 -28.10 10.35 -23.51
CA PHE A 210 -27.19 11.38 -23.06
C PHE A 210 -27.55 11.80 -21.63
N TRP A 211 -26.53 11.83 -20.77
CA TRP A 211 -26.65 12.05 -19.30
C TRP A 211 -25.89 13.22 -18.84
N GLY A 212 -26.43 13.94 -17.87
CA GLY A 212 -25.78 15.13 -17.37
C GLY A 212 -26.50 15.70 -16.13
N ARG A 213 -26.22 16.95 -15.84
CA ARG A 213 -26.74 17.64 -14.67
C ARG A 213 -26.36 16.85 -13.42
N HIS A 214 -25.12 16.41 -13.37
CA HIS A 214 -24.60 15.56 -12.28
C HIS A 214 -24.56 16.32 -10.96
N ARG A 215 -25.14 15.73 -9.94
CA ARG A 215 -25.11 16.37 -8.62
C ARG A 215 -24.73 15.38 -7.54
N HIS A 216 -23.94 15.83 -6.60
CA HIS A 216 -23.56 15.03 -5.44
C HIS A 216 -24.70 14.82 -4.47
N VAL A 217 -25.01 13.60 -4.13
CA VAL A 217 -26.09 13.35 -3.17
C VAL A 217 -25.57 13.30 -1.75
N MET A 218 -24.63 12.38 -1.54
CA MET A 218 -24.01 12.29 -0.26
C MET A 218 -22.76 11.46 -0.23
N SER A 219 -21.99 11.72 0.83
CA SER A 219 -20.70 11.06 1.05
C SER A 219 -20.76 10.14 2.23
N PRO A 220 -19.75 9.28 2.39
CA PRO A 220 -19.69 8.50 3.65
C PRO A 220 -19.69 9.39 4.83
N ALA A 221 -20.25 8.96 5.93
CA ALA A 221 -20.28 9.77 7.16
C ALA A 221 -18.89 9.75 7.79
N ALA A 222 -18.62 10.71 8.67
CA ALA A 222 -17.44 10.64 9.57
C ALA A 222 -17.55 9.41 10.47
N PHE A 223 -16.43 8.76 10.71
CA PHE A 223 -16.47 7.55 11.56
C PHE A 223 -16.93 7.82 12.95
N GLU A 224 -16.67 9.01 13.48
N GLU A 224 -16.66 8.97 13.52
CA GLU A 224 -17.17 9.36 14.83
CA GLU A 224 -17.14 9.20 14.88
C GLU A 224 -18.65 9.51 14.93
C GLU A 224 -18.63 9.53 14.95
N VAL A 225 -19.27 9.75 13.79
CA VAL A 225 -20.74 10.01 13.71
C VAL A 225 -21.54 8.76 13.40
N SER A 226 -21.12 8.01 12.36
CA SER A 226 -21.85 6.84 11.96
C SER A 226 -20.89 5.92 11.19
N ALA A 227 -20.21 5.02 11.91
CA ALA A 227 -19.15 4.27 11.28
C ALA A 227 -19.62 3.14 10.36
N TRP A 228 -20.85 2.63 10.45
CA TRP A 228 -21.29 1.60 9.51
C TRP A 228 -21.29 2.16 8.04
N GLN A 229 -21.17 3.48 7.86
CA GLN A 229 -21.27 4.12 6.55
C GLN A 229 -20.14 5.13 6.36
N CYS A 230 -18.98 4.84 6.97
CA CYS A 230 -17.87 5.75 6.84
C CYS A 230 -16.78 5.51 5.82
N THR A 231 -16.75 4.36 5.17
CA THR A 231 -15.76 4.09 4.15
C THR A 231 -16.30 4.39 2.73
N LYS A 232 -17.47 3.88 2.48
CA LYS A 232 -18.22 4.11 1.20
C LYS A 232 -19.63 3.79 1.36
N ILE A 233 -20.47 4.31 0.43
CA ILE A 233 -21.88 4.04 0.47
C ILE A 233 -22.31 3.82 -1.02
N GLY A 234 -23.45 3.21 -1.17
CA GLY A 234 -24.06 3.06 -2.51
C GLY A 234 -25.49 2.73 -2.45
N ALA A 235 -26.24 3.19 -3.46
CA ALA A 235 -27.67 2.95 -3.51
C ALA A 235 -28.05 1.50 -3.72
N GLY A 236 -29.16 1.18 -3.10
CA GLY A 236 -29.72 -0.10 -3.14
C GLY A 236 -30.97 -0.26 -4.03
N PRO A 237 -32.08 -0.71 -3.43
CA PRO A 237 -33.38 -0.70 -4.10
C PRO A 237 -33.73 0.58 -4.81
N ILE A 238 -34.57 0.44 -5.82
CA ILE A 238 -35.17 1.54 -6.50
C ILE A 238 -35.78 2.52 -5.45
N PRO A 239 -35.48 3.79 -5.58
CA PRO A 239 -36.09 4.74 -4.67
C PRO A 239 -37.62 4.62 -4.58
N VAL A 240 -38.17 4.78 -3.37
CA VAL A 240 -39.57 4.55 -3.10
C VAL A 240 -40.22 5.91 -2.80
N GLU A 241 -41.21 6.33 -3.61
CA GLU A 241 -41.83 7.66 -3.40
C GLU A 241 -42.76 7.66 -2.20
N THR A 242 -42.63 8.70 -1.38
CA THR A 242 -43.45 8.94 -0.19
C THR A 242 -43.81 10.42 -0.23
N PRO A 243 -44.92 10.79 0.44
CA PRO A 243 -45.21 12.26 0.55
C PRO A 243 -44.05 13.04 1.23
N GLU A 244 -43.37 12.38 2.15
CA GLU A 244 -42.19 12.91 2.89
C GLU A 244 -40.84 12.90 2.10
N GLY A 245 -40.83 12.43 0.81
CA GLY A 245 -39.62 12.51 -0.09
C GLY A 245 -39.34 11.13 -0.71
N TRP A 246 -38.19 10.98 -1.35
CA TRP A 246 -37.84 9.63 -1.83
C TRP A 246 -37.14 8.84 -0.67
N LEU A 247 -37.66 7.65 -0.35
CA LEU A 247 -37.04 6.76 0.58
C LEU A 247 -35.97 5.98 -0.19
N LEU A 248 -34.73 6.21 0.23
CA LEU A 248 -33.59 5.56 -0.32
C LEU A 248 -33.05 4.57 0.72
N ILE A 249 -32.97 3.32 0.31
CA ILE A 249 -32.28 2.30 1.10
CA ILE A 249 -32.30 2.29 1.10
C ILE A 249 -30.91 2.08 0.47
N TYR A 250 -29.83 2.23 1.23
CA TYR A 250 -28.51 2.23 0.72
C TYR A 250 -27.56 1.50 1.64
N HIS A 251 -26.55 0.87 1.04
CA HIS A 251 -25.53 0.27 1.89
C HIS A 251 -24.42 1.22 2.33
N GLY A 252 -23.76 0.87 3.46
CA GLY A 252 -22.58 1.56 3.83
C GLY A 252 -21.53 0.57 4.37
N VAL A 253 -20.29 0.93 4.21
CA VAL A 253 -19.17 0.08 4.55
C VAL A 253 -18.38 0.63 5.71
N LEU A 254 -18.04 -0.25 6.63
CA LEU A 254 -17.09 0.04 7.75
C LEU A 254 -15.85 -0.83 7.46
N HIS A 255 -14.68 -0.24 7.58
CA HIS A 255 -13.40 -0.94 7.42
C HIS A 255 -12.79 -1.33 8.78
N SER A 256 -12.85 -2.62 9.07
CA SER A 256 -12.20 -3.13 10.29
C SER A 256 -10.78 -3.63 9.89
N CYS A 257 -10.01 -4.08 10.89
CA CYS A 257 -8.73 -4.63 10.56
C CYS A 257 -8.87 -5.88 9.69
N ASN A 258 -10.00 -6.60 9.77
CA ASN A 258 -10.19 -7.83 9.07
C ASN A 258 -11.06 -7.74 7.79
N GLY A 259 -11.33 -6.50 7.35
CA GLY A 259 -11.95 -6.26 6.07
C GLY A 259 -13.15 -5.31 6.19
N TYR A 260 -14.05 -5.44 5.25
CA TYR A 260 -15.24 -4.61 5.21
C TYR A 260 -16.44 -5.29 5.85
N VAL A 261 -17.32 -4.50 6.46
CA VAL A 261 -18.60 -4.97 6.95
C VAL A 261 -19.62 -4.07 6.20
N TYR A 262 -20.52 -4.70 5.47
CA TYR A 262 -21.64 -4.02 4.74
C TYR A 262 -22.87 -4.08 5.57
N SER A 263 -23.41 -2.91 5.91
CA SER A 263 -24.71 -2.79 6.58
C SER A 263 -25.59 -1.95 5.64
N PHE A 264 -26.85 -1.76 6.01
CA PHE A 264 -27.64 -0.84 5.24
C PHE A 264 -28.61 -0.02 6.11
N GLY A 265 -28.99 1.11 5.56
CA GLY A 265 -29.82 2.07 6.23
C GLY A 265 -30.68 2.86 5.28
N SER A 266 -31.18 4.01 5.76
CA SER A 266 -32.18 4.76 5.02
C SER A 266 -31.94 6.29 5.06
N ALA A 267 -32.38 6.95 3.98
CA ALA A 267 -32.37 8.35 3.83
C ALA A 267 -33.62 8.78 3.06
N LEU A 268 -33.93 10.05 3.25
CA LEU A 268 -35.05 10.73 2.53
C LEU A 268 -34.48 11.82 1.71
N LEU A 269 -34.78 11.77 0.40
CA LEU A 269 -34.30 12.74 -0.57
C LEU A 269 -35.45 13.68 -0.94
N ASP A 270 -35.13 14.91 -1.25
CA ASP A 270 -36.16 15.87 -1.69
C ASP A 270 -36.86 15.32 -2.96
N LEU A 271 -38.19 15.44 -3.01
CA LEU A 271 -38.95 14.96 -4.16
C LEU A 271 -38.58 15.51 -5.52
N ASP A 272 -38.42 16.84 -5.60
CA ASP A 272 -38.09 17.52 -6.86
C ASP A 272 -36.67 17.66 -7.17
N GLU A 273 -35.79 17.59 -6.15
CA GLU A 273 -34.36 17.74 -6.36
C GLU A 273 -33.68 16.65 -5.50
N PRO A 274 -33.68 15.38 -5.98
CA PRO A 274 -33.32 14.24 -5.14
C PRO A 274 -31.89 14.18 -4.77
N TRP A 275 -31.05 15.08 -5.24
CA TRP A 275 -29.70 15.10 -4.78
C TRP A 275 -29.67 15.76 -3.39
N LYS A 276 -30.77 16.38 -2.98
CA LYS A 276 -30.81 17.07 -1.68
C LYS A 276 -31.33 16.16 -0.63
N VAL A 277 -30.46 15.75 0.32
CA VAL A 277 -30.88 14.81 1.28
C VAL A 277 -31.59 15.56 2.42
N LYS A 278 -32.76 15.12 2.83
CA LYS A 278 -33.49 15.76 3.93
C LYS A 278 -33.14 15.12 5.28
N PHE A 279 -33.11 13.78 5.31
CA PHE A 279 -32.82 13.04 6.55
C PHE A 279 -31.95 11.87 6.18
N ARG A 280 -31.12 11.36 7.12
CA ARG A 280 -30.25 10.27 6.83
C ARG A 280 -29.93 9.52 8.15
N SER A 281 -30.25 8.24 8.23
CA SER A 281 -30.23 7.55 9.50
C SER A 281 -28.79 7.46 10.04
N GLY A 282 -28.64 7.71 11.34
CA GLY A 282 -27.41 7.42 12.06
C GLY A 282 -27.16 5.96 12.27
N PRO A 283 -28.14 5.29 12.84
CA PRO A 283 -28.04 3.87 12.96
C PRO A 283 -28.34 3.18 11.65
N TYR A 284 -27.86 1.95 11.50
CA TYR A 284 -28.24 1.12 10.38
C TYR A 284 -29.67 0.55 10.59
N LEU A 285 -30.30 0.10 9.48
CA LEU A 285 -31.47 -0.73 9.61
C LEU A 285 -31.18 -2.20 9.80
N LEU A 286 -30.13 -2.66 9.15
CA LEU A 286 -29.74 -4.06 9.24
C LEU A 286 -28.25 -4.19 9.04
N ALA A 287 -27.67 -5.16 9.71
CA ALA A 287 -26.25 -5.39 9.63
C ALA A 287 -25.98 -6.88 9.83
N PRO A 288 -24.79 -7.35 9.47
CA PRO A 288 -24.62 -8.79 9.43
C PRO A 288 -24.59 -9.38 10.78
N ARG A 289 -25.50 -10.30 11.00
CA ARG A 289 -25.68 -10.88 12.28
C ARG A 289 -25.88 -12.40 12.25
N GLU A 290 -26.59 -12.95 11.26
CA GLU A 290 -26.92 -14.35 11.24
C GLU A 290 -25.76 -15.12 10.54
N PRO A 291 -25.70 -16.41 10.71
CA PRO A 291 -24.62 -17.18 10.10
C PRO A 291 -24.60 -17.03 8.59
N TYR A 292 -25.78 -16.98 7.96
CA TYR A 292 -25.82 -16.79 6.50
C TYR A 292 -25.42 -15.39 6.02
N GLU A 293 -25.36 -14.41 6.92
CA GLU A 293 -24.76 -13.13 6.58
C GLU A 293 -23.30 -12.98 6.91
N CYS A 294 -22.84 -13.79 7.87
CA CYS A 294 -21.52 -13.65 8.42
C CYS A 294 -20.51 -14.63 7.76
N MET A 295 -20.98 -15.76 7.27
CA MET A 295 -20.16 -16.76 6.64
C MET A 295 -20.56 -17.01 5.16
N GLY A 296 -19.57 -17.08 4.29
CA GLY A 296 -19.74 -17.40 2.90
C GLY A 296 -18.63 -16.77 2.09
N ASP A 297 -18.91 -16.54 0.82
CA ASP A 297 -17.88 -16.13 -0.07
C ASP A 297 -17.25 -14.79 0.22
N VAL A 298 -18.05 -13.82 0.75
CA VAL A 298 -17.51 -12.62 1.26
C VAL A 298 -18.19 -12.39 2.64
N PRO A 299 -17.50 -12.72 3.72
CA PRO A 299 -18.07 -12.60 5.05
C PRO A 299 -18.58 -11.19 5.43
N ASN A 300 -19.62 -11.13 6.21
CA ASN A 300 -20.15 -9.89 6.82
C ASN A 300 -20.69 -8.87 5.84
N VAL A 301 -21.60 -9.37 5.00
CA VAL A 301 -22.29 -8.56 3.97
C VAL A 301 -23.80 -8.73 4.02
N CYS A 302 -24.47 -7.56 4.20
CA CYS A 302 -25.89 -7.39 3.90
C CYS A 302 -26.02 -6.28 2.87
N PHE A 303 -26.41 -6.67 1.63
CA PHE A 303 -26.33 -5.78 0.52
C PHE A 303 -27.75 -5.70 -0.11
N PRO A 304 -28.51 -4.63 0.15
CA PRO A 304 -29.85 -4.52 -0.35
C PRO A 304 -29.90 -4.18 -1.81
N CYS A 305 -30.85 -4.81 -2.53
CA CYS A 305 -30.86 -4.80 -3.96
CA CYS A 305 -30.81 -4.73 -3.97
C CYS A 305 -32.18 -4.46 -4.60
N ALA A 306 -33.27 -4.75 -3.89
CA ALA A 306 -34.62 -4.50 -4.40
C ALA A 306 -35.59 -4.41 -3.28
N ALA A 307 -36.73 -3.80 -3.53
CA ALA A 307 -37.85 -3.86 -2.61
C ALA A 307 -39.20 -3.86 -3.34
N LEU A 308 -40.20 -4.50 -2.72
CA LEU A 308 -41.58 -4.51 -3.16
C LEU A 308 -42.31 -3.74 -2.05
N HIS A 309 -43.28 -2.92 -2.38
CA HIS A 309 -43.96 -2.19 -1.31
C HIS A 309 -45.41 -2.00 -1.64
N ASP A 310 -46.23 -1.68 -0.64
CA ASP A 310 -47.71 -1.53 -0.86
C ASP A 310 -48.04 -0.28 -0.09
N ASN A 311 -48.31 0.80 -0.82
CA ASN A 311 -48.67 2.05 -0.18
C ASN A 311 -49.94 2.00 0.69
N GLU A 312 -50.91 1.16 0.39
CA GLU A 312 -52.16 1.15 1.16
C GLU A 312 -51.89 0.68 2.55
N THR A 313 -51.03 -0.30 2.68
CA THR A 313 -50.76 -0.89 3.99
C THR A 313 -49.46 -0.34 4.59
N GLY A 314 -48.61 0.31 3.80
CA GLY A 314 -47.27 0.72 4.28
C GLY A 314 -46.22 -0.39 4.29
N ARG A 315 -46.56 -1.58 3.87
CA ARG A 315 -45.61 -2.66 4.00
C ARG A 315 -44.54 -2.55 2.95
N ILE A 316 -43.31 -2.94 3.33
CA ILE A 316 -42.18 -3.02 2.40
C ILE A 316 -41.38 -4.31 2.71
N ALA A 317 -40.96 -4.96 1.66
CA ALA A 317 -40.13 -6.17 1.71
C ALA A 317 -38.86 -5.88 0.91
N ILE A 318 -37.73 -6.03 1.60
CA ILE A 318 -36.46 -5.57 1.08
C ILE A 318 -35.60 -6.84 0.85
N TYR A 319 -35.16 -7.04 -0.38
CA TYR A 319 -34.30 -8.15 -0.76
C TYR A 319 -32.89 -7.73 -0.54
N TYR A 320 -32.05 -8.63 0.01
CA TYR A 320 -30.66 -8.27 0.19
C TYR A 320 -29.73 -9.53 0.08
N GLY A 321 -28.58 -9.34 -0.51
CA GLY A 321 -27.57 -10.39 -0.61
C GLY A 321 -26.90 -10.58 0.72
N CYS A 322 -26.66 -11.85 1.05
CA CYS A 322 -26.09 -12.25 2.31
C CYS A 322 -24.74 -12.87 2.05
N ALA A 323 -23.65 -12.24 2.53
CA ALA A 323 -22.26 -12.74 2.41
C ALA A 323 -21.84 -13.05 0.96
N ASP A 324 -22.44 -12.33 -0.01
CA ASP A 324 -22.25 -12.60 -1.42
C ASP A 324 -22.42 -14.08 -1.70
N THR A 325 -23.39 -14.73 -1.06
CA THR A 325 -23.60 -16.14 -1.24
C THR A 325 -25.07 -16.49 -1.55
N VAL A 326 -26.01 -15.91 -0.77
CA VAL A 326 -27.43 -16.21 -0.86
C VAL A 326 -28.26 -14.92 -0.84
N THR A 327 -29.57 -15.03 -0.95
CA THR A 327 -30.42 -13.88 -0.93
C THR A 327 -31.35 -13.99 0.22
N GLY A 328 -31.53 -12.88 0.97
CA GLY A 328 -32.48 -12.87 2.08
C GLY A 328 -33.56 -11.80 1.89
N LEU A 329 -34.59 -11.84 2.74
CA LEU A 329 -35.63 -10.86 2.77
C LEU A 329 -35.75 -10.29 4.22
N ALA A 330 -36.17 -9.06 4.27
CA ALA A 330 -36.47 -8.34 5.54
C ALA A 330 -37.68 -7.47 5.30
N PHE A 331 -38.42 -7.23 6.36
CA PHE A 331 -39.76 -6.59 6.30
C PHE A 331 -39.78 -5.39 7.21
N GLY A 332 -40.59 -4.39 6.82
CA GLY A 332 -40.81 -3.23 7.67
C GLY A 332 -42.04 -2.48 7.22
N TYR A 333 -42.35 -1.40 7.91
CA TYR A 333 -43.42 -0.49 7.55
C TYR A 333 -42.77 0.82 7.11
N ILE A 334 -43.15 1.31 5.92
CA ILE A 334 -42.62 2.54 5.38
C ILE A 334 -42.79 3.74 6.39
N PRO A 335 -43.97 3.94 7.03
CA PRO A 335 -44.07 5.10 7.94
C PRO A 335 -43.10 5.04 9.13
N GLU A 336 -42.90 3.81 9.63
CA GLU A 336 -41.92 3.56 10.73
C GLU A 336 -40.52 3.80 10.27
N ILE A 337 -40.18 3.36 9.07
CA ILE A 337 -38.86 3.64 8.55
C ILE A 337 -38.61 5.13 8.40
N ILE A 338 -39.61 5.86 7.88
CA ILE A 338 -39.48 7.29 7.74
C ILE A 338 -39.34 7.95 9.09
N GLU A 339 -40.09 7.53 10.09
CA GLU A 339 -40.05 8.16 11.42
C GLU A 339 -38.64 7.91 12.05
N PHE A 340 -38.14 6.70 11.89
CA PHE A 340 -36.82 6.33 12.37
C PHE A 340 -35.75 7.23 11.66
N THR A 341 -35.84 7.34 10.34
CA THR A 341 -34.89 8.11 9.55
C THR A 341 -34.83 9.54 10.01
N LYS A 342 -36.01 10.11 10.31
CA LYS A 342 -36.08 11.46 10.77
C LYS A 342 -35.54 11.56 12.20
N ARG A 343 -36.00 10.71 13.11
CA ARG A 343 -35.68 10.87 14.54
C ARG A 343 -34.17 10.66 14.79
N THR A 344 -33.55 9.78 13.97
CA THR A 344 -32.18 9.44 14.20
C THR A 344 -31.29 10.13 13.21
N SER A 345 -31.85 11.09 12.49
CA SER A 345 -31.09 11.75 11.44
C SER A 345 -29.76 12.39 11.78
N ILE A 346 -28.78 12.23 10.90
CA ILE A 346 -27.47 12.90 11.05
C ILE A 346 -27.27 14.08 10.14
N ILE A 347 -28.30 14.42 9.42
CA ILE A 347 -28.34 15.64 8.67
C ILE A 347 -29.15 16.54 9.59
N VAL B 27 -15.13 -10.53 49.16
CA VAL B 27 -15.22 -10.57 47.63
C VAL B 27 -15.17 -12.03 47.15
N ILE B 28 -16.29 -12.51 46.60
CA ILE B 28 -16.36 -13.83 46.01
C ILE B 28 -16.28 -13.69 44.48
N ILE B 29 -15.18 -14.11 43.86
CA ILE B 29 -15.03 -14.03 42.41
C ILE B 29 -15.73 -15.15 41.70
N PRO B 30 -16.16 -14.91 40.46
CA PRO B 30 -16.76 -16.01 39.72
C PRO B 30 -15.74 -17.16 39.49
N TRP B 31 -16.26 -18.39 39.43
CA TRP B 31 -15.40 -19.52 39.27
C TRP B 31 -16.11 -20.73 38.73
N GLU B 32 -15.46 -21.49 37.85
CA GLU B 32 -15.92 -22.81 37.46
C GLU B 32 -14.69 -23.68 37.47
N GLU B 33 -14.87 -24.87 37.96
CA GLU B 33 -13.74 -25.78 38.19
C GLU B 33 -13.26 -26.27 36.83
N ARG B 34 -11.95 -26.49 36.69
N ARG B 34 -11.96 -26.49 36.73
CA ARG B 34 -11.39 -26.98 35.42
CA ARG B 34 -11.30 -27.30 35.71
C ARG B 34 -12.00 -28.33 35.12
C ARG B 34 -12.21 -28.45 35.22
N PRO B 35 -12.57 -28.46 33.94
CA PRO B 35 -13.29 -29.65 33.52
C PRO B 35 -12.42 -30.89 33.67
N ALA B 36 -13.05 -32.04 33.79
CA ALA B 36 -12.32 -33.29 34.05
C ALA B 36 -11.39 -33.61 32.85
N GLY B 37 -10.12 -33.84 33.06
CA GLY B 37 -9.28 -34.15 31.94
C GLY B 37 -8.92 -33.00 31.00
N CYS B 38 -9.22 -31.77 31.38
CA CYS B 38 -8.75 -30.64 30.61
C CYS B 38 -7.36 -30.39 31.15
N LYS B 39 -6.42 -30.23 30.26
CA LYS B 39 -5.06 -29.96 30.66
C LYS B 39 -4.67 -28.52 30.40
N ASP B 40 -5.59 -27.69 29.98
CA ASP B 40 -5.24 -26.35 29.57
C ASP B 40 -5.07 -25.50 30.83
N VAL B 41 -4.19 -24.53 30.73
CA VAL B 41 -3.97 -23.56 31.74
C VAL B 41 -5.19 -22.67 31.99
N LEU B 42 -5.92 -22.25 30.94
CA LEU B 42 -7.15 -21.53 31.13
C LEU B 42 -8.29 -22.29 30.53
N TRP B 43 -9.49 -22.20 31.09
CA TRP B 43 -10.63 -22.86 30.51
C TRP B 43 -11.79 -21.85 30.38
N ARG B 44 -12.52 -21.94 29.26
CA ARG B 44 -13.67 -21.03 29.05
C ARG B 44 -14.83 -21.32 29.95
N SER B 45 -15.52 -20.27 30.39
CA SER B 45 -16.80 -20.45 31.11
C SER B 45 -17.73 -21.21 30.22
N VAL B 46 -18.48 -22.17 30.76
CA VAL B 46 -19.49 -22.88 29.96
C VAL B 46 -20.71 -22.00 29.73
N ALA B 47 -20.76 -20.85 30.35
CA ALA B 47 -21.83 -19.92 30.12
C ALA B 47 -21.47 -18.82 29.13
N ASN B 48 -20.38 -18.95 28.36
CA ASN B 48 -19.96 -17.92 27.45
C ASN B 48 -20.94 -17.91 26.28
N PRO B 49 -21.21 -16.77 25.71
CA PRO B 49 -20.77 -15.44 26.15
C PRO B 49 -21.57 -14.98 27.37
N ILE B 50 -20.91 -14.32 28.31
CA ILE B 50 -21.60 -13.89 29.53
C ILE B 50 -22.36 -12.57 29.34
N ILE B 51 -21.96 -11.79 28.34
CA ILE B 51 -22.70 -10.55 27.97
C ILE B 51 -23.00 -10.60 26.45
N PRO B 52 -24.28 -10.54 26.10
CA PRO B 52 -24.69 -10.66 24.70
C PRO B 52 -24.58 -9.34 23.98
N ARG B 53 -24.66 -9.35 22.65
CA ARG B 53 -24.34 -8.12 21.88
C ARG B 53 -25.49 -7.09 21.99
N ASP B 54 -26.64 -7.57 22.34
CA ASP B 54 -27.88 -6.79 22.26
C ASP B 54 -28.49 -6.60 23.63
N LEU B 55 -27.68 -6.51 24.68
CA LEU B 55 -28.17 -6.25 25.99
C LEU B 55 -28.87 -4.92 26.16
N LEU B 56 -28.43 -3.88 25.46
CA LEU B 56 -29.05 -2.56 25.53
C LEU B 56 -29.94 -2.33 24.31
N PRO B 57 -30.95 -1.46 24.42
CA PRO B 57 -31.87 -1.25 23.29
C PRO B 57 -31.13 -0.77 22.03
N THR B 58 -29.98 -0.10 22.15
CA THR B 58 -29.28 0.36 20.98
C THR B 58 -27.88 -0.30 20.78
N SER B 59 -27.52 -1.33 21.55
CA SER B 59 -26.20 -1.89 21.43
C SER B 59 -26.07 -2.81 20.20
N ASN B 60 -24.99 -2.60 19.48
CA ASN B 60 -24.52 -3.48 18.39
C ASN B 60 -23.59 -4.58 18.94
N SER B 61 -22.75 -4.21 19.91
CA SER B 61 -21.74 -5.13 20.42
C SER B 61 -21.32 -4.65 21.80
N ILE B 62 -20.92 -5.61 22.63
CA ILE B 62 -20.43 -5.32 23.99
C ILE B 62 -19.27 -6.27 24.30
N PHE B 63 -18.06 -5.73 24.27
CA PHE B 63 -16.87 -6.60 24.19
C PHE B 63 -15.64 -6.11 24.92
N ASN B 64 -15.75 -5.03 25.69
CA ASN B 64 -14.75 -4.71 26.70
C ASN B 64 -15.49 -4.55 28.02
N SER B 65 -15.05 -5.26 29.04
CA SER B 65 -15.67 -5.22 30.32
C SER B 65 -14.59 -4.93 31.37
N ALA B 66 -14.42 -3.68 31.74
CA ALA B 66 -13.39 -3.26 32.67
C ALA B 66 -13.92 -3.37 34.10
N VAL B 67 -13.71 -4.53 34.71
CA VAL B 67 -14.51 -4.94 35.90
C VAL B 67 -13.67 -4.88 37.21
N VAL B 68 -14.31 -4.44 38.29
CA VAL B 68 -13.70 -4.46 39.61
C VAL B 68 -14.74 -4.79 40.76
N PRO B 69 -14.26 -5.29 41.93
CA PRO B 69 -15.16 -5.34 43.08
C PRO B 69 -15.57 -3.91 43.49
N PHE B 70 -16.80 -3.81 43.90
CA PHE B 70 -17.36 -2.53 44.35
C PHE B 70 -18.52 -2.80 45.28
N GLY B 71 -18.50 -2.30 46.50
CA GLY B 71 -19.59 -2.53 47.41
C GLY B 71 -19.74 -3.98 47.80
N ASP B 72 -20.99 -4.42 47.86
CA ASP B 72 -21.32 -5.80 48.11
C ASP B 72 -21.27 -6.61 46.78
N GLY B 73 -20.81 -6.02 45.69
CA GLY B 73 -20.73 -6.76 44.40
C GLY B 73 -19.64 -6.21 43.52
N PHE B 74 -20.01 -5.95 42.28
CA PHE B 74 -19.09 -5.55 41.26
C PHE B 74 -19.59 -4.40 40.42
N ALA B 75 -18.64 -3.65 39.89
CA ALA B 75 -18.92 -2.60 38.96
C ALA B 75 -17.98 -2.64 37.77
N GLY B 76 -18.32 -1.87 36.74
CA GLY B 76 -17.44 -1.86 35.57
C GLY B 76 -17.75 -0.80 34.56
N VAL B 77 -16.81 -0.50 33.69
CA VAL B 77 -16.96 0.37 32.58
C VAL B 77 -16.90 -0.56 31.37
N PHE B 78 -17.92 -0.46 30.54
CA PHE B 78 -18.11 -1.35 29.38
C PHE B 78 -17.98 -0.57 28.08
N ARG B 79 -17.24 -1.12 27.09
CA ARG B 79 -17.33 -0.57 25.75
C ARG B 79 -18.59 -1.17 25.08
N CYS B 80 -19.52 -0.33 24.74
CA CYS B 80 -20.74 -0.76 24.06
C CYS B 80 -20.81 0.04 22.78
N ASP B 81 -20.65 -0.61 21.65
CA ASP B 81 -20.74 0.10 20.38
C ASP B 81 -22.20 0.04 20.00
N ASP B 82 -22.75 1.15 19.57
CA ASP B 82 -24.17 1.19 19.27
C ASP B 82 -24.50 0.83 17.78
N THR B 83 -25.78 0.97 17.41
CA THR B 83 -26.26 0.65 16.06
C THR B 83 -25.83 1.69 15.03
N SER B 84 -25.25 2.79 15.50
CA SER B 84 -24.56 3.76 14.66
C SER B 84 -23.09 3.41 14.54
N ARG B 85 -22.69 2.33 15.17
CA ARG B 85 -21.29 1.99 15.27
C ARG B 85 -20.40 3.10 15.89
N ARG B 86 -21.01 3.90 16.75
CA ARG B 86 -20.24 4.73 17.64
C ARG B 86 -19.71 3.94 18.83
N MET B 87 -18.58 4.37 19.31
CA MET B 87 -17.85 3.70 20.42
C MET B 87 -18.13 4.53 21.69
N ARG B 88 -18.86 3.95 22.60
CA ARG B 88 -19.19 4.63 23.90
C ARG B 88 -18.89 3.74 25.11
N LEU B 89 -18.73 4.37 26.26
CA LEU B 89 -18.53 3.69 27.49
C LEU B 89 -19.77 3.79 28.35
N HIS B 90 -20.18 2.67 28.92
CA HIS B 90 -21.29 2.59 29.84
C HIS B 90 -20.89 1.94 31.17
N VAL B 91 -21.51 2.41 32.28
CA VAL B 91 -21.30 1.80 33.59
C VAL B 91 -22.23 0.60 33.71
N GLY B 92 -21.74 -0.44 34.36
CA GLY B 92 -22.54 -1.60 34.75
C GLY B 92 -22.30 -2.04 36.19
N PHE B 93 -23.27 -2.75 36.75
CA PHE B 93 -23.19 -3.31 38.11
C PHE B 93 -23.64 -4.74 38.08
N SER B 94 -23.17 -5.56 39.02
CA SER B 94 -23.52 -6.99 39.07
C SER B 94 -23.30 -7.45 40.49
N LYS B 95 -24.12 -8.38 40.91
CA LYS B 95 -23.93 -9.07 42.19
C LYS B 95 -22.91 -10.21 42.11
N ASP B 96 -22.82 -10.88 40.96
CA ASP B 96 -22.02 -12.10 40.79
C ASP B 96 -20.90 -11.93 39.78
N ALA B 97 -20.75 -10.77 39.15
CA ALA B 97 -19.72 -10.50 38.13
C ALA B 97 -19.91 -11.24 36.77
N ILE B 98 -20.99 -12.01 36.67
CA ILE B 98 -21.33 -12.78 35.46
C ILE B 98 -22.57 -12.13 34.74
N ASN B 99 -23.60 -11.84 35.50
CA ASN B 99 -24.82 -11.20 35.00
C ASN B 99 -24.82 -9.72 35.31
N TRP B 100 -24.75 -8.95 34.22
CA TRP B 100 -24.49 -7.53 34.30
C TRP B 100 -25.73 -6.67 33.96
N ASN B 101 -25.93 -5.67 34.78
CA ASN B 101 -26.87 -4.58 34.48
C ASN B 101 -26.14 -3.34 34.06
N ILE B 102 -26.22 -3.08 32.77
CA ILE B 102 -25.43 -2.05 32.17
C ILE B 102 -26.39 -0.88 31.90
N LYS B 103 -25.97 0.31 32.24
CA LYS B 103 -26.76 1.49 32.02
C LYS B 103 -27.01 1.73 30.54
N GLU B 104 -28.22 2.11 30.19
CA GLU B 104 -28.55 2.37 28.82
C GLU B 104 -27.88 3.59 28.29
N GLU B 105 -27.70 4.60 29.09
CA GLU B 105 -27.11 5.85 28.66
C GLU B 105 -25.60 5.77 28.77
N PRO B 106 -24.89 6.25 27.75
CA PRO B 106 -23.46 6.29 27.90
C PRO B 106 -23.03 7.15 29.12
N LEU B 107 -21.71 6.88 29.68
CA LEU B 107 -21.45 7.72 30.84
C LEU B 107 -20.99 9.11 30.36
N LYS B 108 -21.00 10.01 31.00
CA LYS B 108 -20.47 11.32 30.67
C LYS B 108 -19.42 11.67 31.69
N PHE B 109 -18.31 12.23 31.24
CA PHE B 109 -17.21 12.61 32.16
C PHE B 109 -17.33 14.05 32.52
N GLN B 110 -17.18 14.40 33.79
CA GLN B 110 -17.16 15.80 34.15
C GLN B 110 -15.73 16.33 33.98
N CYS B 111 -15.54 17.52 33.40
CA CYS B 111 -14.18 18.02 33.23
C CYS B 111 -14.15 19.50 33.41
N ASP B 112 -13.24 19.97 34.26
CA ASP B 112 -12.98 21.40 34.43
C ASP B 112 -12.64 22.06 33.10
N ASP B 113 -11.84 21.40 32.23
CA ASP B 113 -11.23 22.06 31.05
C ASP B 113 -12.08 21.67 29.84
N GLU B 114 -12.58 22.66 29.16
CA GLU B 114 -13.51 22.48 28.10
C GLU B 114 -12.87 21.73 26.93
N GLU B 115 -11.59 21.97 26.72
CA GLU B 115 -10.85 21.42 25.57
C GLU B 115 -10.69 19.91 25.74
N ILE B 116 -10.29 19.47 26.93
CA ILE B 116 -10.02 18.03 27.19
C ILE B 116 -11.35 17.35 27.40
N GLY B 117 -12.32 18.11 27.93
CA GLY B 117 -13.62 17.51 28.27
C GLY B 117 -14.47 17.26 26.98
N THR B 118 -13.97 17.57 25.81
CA THR B 118 -14.76 17.36 24.60
C THR B 118 -14.78 15.88 24.20
N TRP B 119 -15.97 15.26 24.12
CA TRP B 119 -16.10 13.88 23.72
C TRP B 119 -16.06 13.73 22.20
N VAL B 120 -15.15 12.90 21.71
CA VAL B 120 -15.08 12.49 20.31
C VAL B 120 -15.49 11.04 20.21
N TYR B 121 -14.73 10.14 20.88
CA TYR B 121 -15.09 8.76 20.96
C TYR B 121 -14.34 8.16 22.14
N GLY B 122 -14.74 6.95 22.54
CA GLY B 122 -13.99 6.19 23.57
C GLY B 122 -14.17 4.71 23.49
N TYR B 123 -13.02 4.03 23.64
CA TYR B 123 -12.98 2.61 23.67
C TYR B 123 -11.90 2.10 24.59
N ASP B 124 -11.70 0.77 24.62
CA ASP B 124 -10.59 0.17 25.39
C ASP B 124 -10.54 0.61 26.90
N PRO B 125 -11.63 0.58 27.62
CA PRO B 125 -11.57 0.98 29.04
C PRO B 125 -10.78 -0.03 29.93
N ARG B 126 -10.19 0.47 31.01
CA ARG B 126 -9.60 -0.34 32.03
C ARG B 126 -9.90 0.41 33.34
N VAL B 127 -10.18 -0.35 34.36
CA VAL B 127 -10.51 0.23 35.65
C VAL B 127 -9.67 -0.44 36.73
N CYS B 128 -9.22 0.38 37.68
CA CYS B 128 -8.58 -0.18 38.89
C CYS B 128 -8.67 0.84 40.08
N PHE B 129 -8.64 0.25 41.22
CA PHE B 129 -8.67 1.07 42.45
C PHE B 129 -7.24 1.36 42.83
N ILE B 130 -6.85 2.60 43.02
CA ILE B 130 -5.55 2.90 43.57
C ILE B 130 -5.67 3.82 44.82
N GLU B 131 -5.32 3.26 45.95
CA GLU B 131 -5.21 3.95 47.22
C GLU B 131 -6.53 4.44 47.81
N ASP B 132 -7.19 5.38 47.16
CA ASP B 132 -8.41 5.93 47.70
C ASP B 132 -9.60 6.11 46.76
N ARG B 133 -9.47 5.62 45.53
CA ARG B 133 -10.49 5.81 44.51
C ARG B 133 -10.26 4.91 43.29
N TYR B 134 -11.26 4.86 42.41
CA TYR B 134 -11.18 4.05 41.20
C TYR B 134 -10.76 4.95 40.06
N TYR B 135 -9.77 4.50 39.32
CA TYR B 135 -9.32 5.18 38.16
C TYR B 135 -9.81 4.44 36.89
N VAL B 136 -10.26 5.24 35.91
CA VAL B 136 -10.69 4.71 34.59
C VAL B 136 -9.71 5.25 33.60
N THR B 137 -9.12 4.36 32.77
CA THR B 137 -8.45 4.87 31.55
C THR B 137 -9.15 4.30 30.33
N TRP B 138 -8.96 4.92 29.19
CA TRP B 138 -9.66 4.51 27.97
C TRP B 138 -8.90 5.09 26.82
N CYS B 139 -9.16 4.58 25.58
CA CYS B 139 -8.61 5.19 24.39
C CYS B 139 -9.60 6.28 24.04
N ASN B 140 -9.15 7.52 24.24
CA ASN B 140 -9.91 8.72 24.09
C ASN B 140 -9.49 9.48 22.89
N GLY B 141 -10.46 9.91 22.04
CA GLY B 141 -10.01 10.69 20.89
C GLY B 141 -9.74 12.13 21.30
N TYR B 142 -8.53 12.58 20.95
CA TYR B 142 -8.10 13.93 21.09
C TYR B 142 -7.13 14.15 19.97
N HIS B 143 -7.68 14.58 18.79
CA HIS B 143 -6.85 14.64 17.58
C HIS B 143 -6.09 13.34 17.28
N GLY B 144 -6.78 12.25 17.50
CA GLY B 144 -6.23 10.95 17.41
C GLY B 144 -6.36 10.19 18.73
N PRO B 145 -6.14 8.88 18.72
CA PRO B 145 -6.28 8.05 19.88
C PRO B 145 -5.19 8.40 20.90
N THR B 146 -5.59 8.67 22.12
CA THR B 146 -4.65 8.80 23.18
C THR B 146 -5.24 8.16 24.41
N ILE B 147 -4.61 8.31 25.55
CA ILE B 147 -5.11 7.62 26.74
C ILE B 147 -5.78 8.67 27.66
N GLY B 148 -7.09 8.60 27.76
CA GLY B 148 -7.88 9.41 28.73
C GLY B 148 -7.78 8.82 30.13
N VAL B 149 -7.94 9.69 31.14
CA VAL B 149 -7.87 9.28 32.50
C VAL B 149 -8.94 10.01 33.33
N ALA B 150 -9.61 9.27 34.23
CA ALA B 150 -10.69 9.84 35.04
C ALA B 150 -10.67 9.07 36.37
N TYR B 151 -11.29 9.63 37.38
CA TYR B 151 -11.55 8.91 38.61
C TYR B 151 -12.99 8.99 39.03
N THR B 152 -13.40 8.04 39.86
CA THR B 152 -14.68 7.97 40.50
C THR B 152 -14.55 7.38 41.88
N PHE B 153 -15.43 7.86 42.76
CA PHE B 153 -15.65 7.23 44.06
C PHE B 153 -16.84 6.32 44.04
N ASP B 154 -17.72 6.45 43.05
CA ASP B 154 -19.04 5.82 43.19
C ASP B 154 -19.63 5.18 41.89
N PHE B 155 -18.89 5.24 40.80
CA PHE B 155 -19.35 4.69 39.48
C PHE B 155 -20.65 5.37 39.08
N GLU B 156 -20.81 6.61 39.55
CA GLU B 156 -21.95 7.53 39.11
C GLU B 156 -21.39 8.84 38.54
N THR B 157 -20.53 9.55 39.29
CA THR B 157 -19.85 10.72 38.77
C THR B 157 -18.39 10.40 38.48
N PHE B 158 -17.91 10.82 37.31
CA PHE B 158 -16.56 10.58 36.88
C PHE B 158 -15.89 11.88 36.58
N HIS B 159 -14.71 12.12 37.13
CA HIS B 159 -14.00 13.38 36.99
C HIS B 159 -12.85 13.11 36.09
N GLN B 160 -12.88 13.75 34.95
CA GLN B 160 -11.88 13.56 33.90
C GLN B 160 -10.64 14.36 34.17
N LEU B 161 -9.49 13.71 34.05
CA LEU B 161 -8.18 14.33 34.25
C LEU B 161 -7.51 14.57 32.88
N GLU B 162 -6.27 15.02 32.87
CA GLU B 162 -5.56 15.24 31.60
C GLU B 162 -5.39 13.93 30.89
N ASN B 163 -5.43 13.96 29.57
CA ASN B 163 -5.00 12.82 28.82
C ASN B 163 -3.53 12.57 29.16
N ALA B 164 -3.14 11.32 29.40
CA ALA B 164 -1.83 11.05 29.93
C ALA B 164 -0.72 11.29 28.92
N PHE B 165 -1.00 11.06 27.63
CA PHE B 165 0.00 11.11 26.56
C PHE B 165 -0.54 11.88 25.32
N ILE B 166 0.38 12.27 24.43
CA ILE B 166 0.11 12.78 23.10
C ILE B 166 -0.32 11.59 22.27
N PRO B 167 -1.26 11.76 21.33
CA PRO B 167 -1.53 10.69 20.40
C PRO B 167 -0.26 10.28 19.65
N PHE B 168 -0.15 9.08 19.07
CA PHE B 168 -1.12 8.00 19.07
C PHE B 168 -0.77 6.90 20.04
N ASN B 169 -1.74 6.55 20.88
CA ASN B 169 -1.49 5.65 21.92
C ASN B 169 -2.80 5.03 22.37
N ARG B 170 -2.71 3.77 22.78
CA ARG B 170 -3.80 3.06 23.39
C ARG B 170 -3.39 1.87 24.24
N ASN B 171 -4.31 1.03 24.71
CA ASN B 171 -3.98 -0.09 25.59
C ASN B 171 -3.26 0.45 26.82
N GLY B 172 -3.81 1.58 27.32
CA GLY B 172 -3.41 2.13 28.59
C GLY B 172 -3.88 1.32 29.75
N VAL B 173 -2.94 0.94 30.65
CA VAL B 173 -3.31 0.06 31.75
C VAL B 173 -2.46 0.48 32.99
N LEU B 174 -3.14 1.01 34.00
CA LEU B 174 -2.52 1.39 35.25
C LEU B 174 -2.15 0.18 36.09
N PHE B 175 -1.05 0.35 36.88
CA PHE B 175 -0.80 -0.55 37.95
C PHE B 175 -1.70 -0.21 39.19
N PRO B 176 -2.08 -1.23 39.98
CA PRO B 176 -3.02 -1.08 41.05
C PRO B 176 -2.42 -0.50 42.35
N ARG B 177 -1.15 -0.09 42.35
CA ARG B 177 -0.60 0.66 43.46
C ARG B 177 0.52 1.53 42.88
N LYS B 178 1.05 2.46 43.65
CA LYS B 178 2.21 3.23 43.22
C LYS B 178 3.47 2.32 43.21
N ILE B 179 4.37 2.66 42.32
CA ILE B 179 5.66 1.98 42.14
C ILE B 179 6.65 3.07 42.51
N ASN B 180 7.34 2.77 43.59
CA ASN B 180 8.21 3.66 44.38
C ASN B 180 7.76 5.13 44.36
N GLY B 181 6.57 5.32 44.84
CA GLY B 181 6.10 6.66 45.07
C GLY B 181 5.43 7.33 43.90
N ARG B 182 5.32 6.64 42.74
CA ARG B 182 4.56 7.24 41.63
C ARG B 182 3.54 6.30 41.03
N PHE B 183 2.55 6.90 40.37
CA PHE B 183 1.61 6.13 39.61
C PHE B 183 2.37 5.59 38.41
N ALA B 184 1.96 4.41 38.03
CA ALA B 184 2.55 3.74 36.83
C ALA B 184 1.51 3.23 35.85
N MET B 185 1.84 3.39 34.55
CA MET B 185 0.97 2.97 33.44
C MET B 185 1.72 2.34 32.27
N LEU B 186 1.15 1.24 31.82
CA LEU B 186 1.55 0.57 30.59
C LEU B 186 0.79 1.25 29.46
N SER B 187 1.43 1.37 28.30
CA SER B 187 0.72 1.94 27.11
C SER B 187 1.26 1.25 25.89
N ARG B 188 0.82 1.73 24.74
CA ARG B 188 1.08 1.04 23.47
C ARG B 188 1.08 2.05 22.33
N PRO B 189 2.22 2.65 22.05
CA PRO B 189 2.25 3.55 20.95
C PRO B 189 1.77 2.99 19.64
N SER B 190 0.98 3.77 18.97
CA SER B 190 0.23 3.31 17.81
C SER B 190 0.31 4.33 16.69
N ASP B 191 -0.65 4.25 15.70
CA ASP B 191 -0.78 5.22 14.66
C ASP B 191 -2.26 5.61 14.55
N ASN B 192 -2.55 6.27 13.42
CA ASN B 192 -3.85 6.79 13.20
C ASN B 192 -4.86 5.86 12.49
N GLY B 193 -4.54 4.59 12.34
CA GLY B 193 -5.39 3.59 11.63
C GLY B 193 -5.39 2.26 12.36
N HIS B 194 -5.44 1.19 11.59
CA HIS B 194 -5.39 -0.17 12.07
C HIS B 194 -3.87 -0.53 12.18
N THR B 195 -3.37 -0.11 13.29
CA THR B 195 -1.88 -0.05 13.49
C THR B 195 -1.18 -1.38 13.22
N PRO B 196 -0.18 -1.42 12.28
CA PRO B 196 0.45 -2.73 11.93
C PRO B 196 1.73 -3.02 12.74
N PHE B 197 1.79 -2.44 13.91
CA PHE B 197 2.95 -2.58 14.80
C PHE B 197 2.50 -2.28 16.23
N GLY B 198 3.34 -2.58 17.21
CA GLY B 198 3.03 -2.19 18.55
C GLY B 198 3.84 -2.82 19.67
N ASP B 199 4.63 -1.98 20.32
CA ASP B 199 5.38 -2.33 21.54
C ASP B 199 4.62 -1.85 22.80
N ILE B 200 4.75 -2.59 23.87
CA ILE B 200 4.32 -2.15 25.19
C ILE B 200 5.37 -1.29 25.82
N PHE B 201 4.90 -0.17 26.41
CA PHE B 201 5.74 0.81 27.10
C PHE B 201 5.21 1.00 28.52
N TYR B 202 6.07 1.57 29.32
CA TYR B 202 5.84 1.84 30.75
C TYR B 202 6.17 3.28 31.03
N SER B 203 5.33 3.96 31.82
CA SER B 203 5.56 5.35 32.17
C SER B 203 5.13 5.56 33.61
N GLU B 204 5.65 6.63 34.19
CA GLU B 204 5.30 7.05 35.59
C GLU B 204 4.86 8.50 35.75
N SER B 205 4.06 8.72 36.79
CA SER B 205 3.61 10.08 37.10
C SER B 205 3.55 10.29 38.61
N PRO B 206 4.09 11.44 39.07
CA PRO B 206 3.86 11.72 40.51
C PRO B 206 2.48 12.14 40.88
N ASP B 207 1.63 12.53 39.90
CA ASP B 207 0.38 13.24 40.22
C ASP B 207 -0.76 12.99 39.23
N MET B 208 -0.66 11.98 38.40
CA MET B 208 -1.74 11.71 37.42
C MET B 208 -1.94 12.84 36.45
N GLU B 209 -0.91 13.63 36.22
CA GLU B 209 -1.00 14.78 35.33
C GLU B 209 0.22 14.84 34.41
N PHE B 210 1.39 14.75 35.01
CA PHE B 210 2.66 14.85 34.32
C PHE B 210 3.29 13.48 34.34
N TRP B 211 3.59 13.02 33.13
CA TRP B 211 4.10 11.64 32.88
C TRP B 211 5.48 11.60 32.29
N GLY B 212 6.27 10.57 32.60
CA GLY B 212 7.63 10.51 32.13
C GLY B 212 8.35 9.27 32.62
N ARG B 213 9.66 9.27 32.47
CA ARG B 213 10.46 8.09 32.71
C ARG B 213 9.96 6.89 31.88
N HIS B 214 9.77 7.14 30.59
CA HIS B 214 9.27 6.17 29.70
C HIS B 214 10.30 5.06 29.47
N ARG B 215 9.83 3.84 29.56
CA ARG B 215 10.71 2.68 29.34
C ARG B 215 10.02 1.61 28.46
N HIS B 216 10.75 1.03 27.53
CA HIS B 216 10.24 -0.03 26.68
C HIS B 216 10.08 -1.28 27.45
N VAL B 217 8.92 -1.87 27.42
CA VAL B 217 8.68 -3.11 28.10
C VAL B 217 8.99 -4.30 27.20
N MET B 218 8.23 -4.45 26.14
CA MET B 218 8.57 -5.49 25.20
C MET B 218 8.02 -5.21 23.81
N SER B 219 8.58 -5.97 22.85
CA SER B 219 8.21 -5.88 21.43
C SER B 219 7.54 -7.14 21.00
N PRO B 220 6.82 -7.09 19.87
CA PRO B 220 6.35 -8.33 19.25
C PRO B 220 7.50 -9.31 19.08
N ALA B 221 7.21 -10.57 19.30
CA ALA B 221 8.19 -11.65 19.08
C ALA B 221 8.47 -11.86 17.57
N ALA B 222 9.58 -12.47 17.26
CA ALA B 222 9.82 -12.90 15.86
C ALA B 222 8.81 -13.96 15.48
N PHE B 223 8.38 -13.92 14.24
CA PHE B 223 7.39 -14.93 13.74
C PHE B 223 7.84 -16.34 13.87
N GLU B 224 9.14 -16.57 13.75
CA GLU B 224 9.58 -17.97 13.86
C GLU B 224 9.68 -18.52 15.28
N VAL B 225 9.58 -17.63 16.23
CA VAL B 225 9.62 -17.93 17.68
C VAL B 225 8.20 -18.05 18.25
N SER B 226 7.29 -17.08 18.02
CA SER B 226 6.02 -17.07 18.65
C SER B 226 5.09 -16.17 17.74
N ALA B 227 4.49 -16.75 16.70
CA ALA B 227 3.83 -15.96 15.72
C ALA B 227 2.48 -15.37 16.22
N TRP B 228 1.85 -15.95 17.25
CA TRP B 228 0.58 -15.37 17.79
C TRP B 228 0.82 -13.92 18.30
N GLN B 229 2.10 -13.53 18.54
CA GLN B 229 2.43 -12.21 19.06
C GLN B 229 3.47 -11.52 18.27
N CYS B 230 3.50 -11.79 16.96
CA CYS B 230 4.56 -11.22 16.13
C CYS B 230 4.26 -9.95 15.35
N THR B 231 3.01 -9.48 15.30
CA THR B 231 2.71 -8.27 14.59
C THR B 231 2.66 -7.07 15.52
N LYS B 232 1.91 -7.24 16.56
CA LYS B 232 1.77 -6.24 17.64
C LYS B 232 1.29 -6.89 18.89
N ILE B 233 1.50 -6.19 20.05
CA ILE B 233 1.03 -6.70 21.29
C ILE B 233 0.48 -5.50 22.09
N GLY B 234 -0.36 -5.81 23.06
CA GLY B 234 -0.82 -4.73 24.00
C GLY B 234 -1.29 -5.28 25.29
N ALA B 235 -1.25 -4.44 26.33
CA ALA B 235 -1.67 -4.90 27.67
C ALA B 235 -3.14 -5.08 27.76
N GLY B 236 -3.50 -6.01 28.61
CA GLY B 236 -4.84 -6.41 28.88
C GLY B 236 -5.37 -6.00 30.28
N PRO B 237 -5.77 -6.97 31.13
CA PRO B 237 -6.13 -6.70 32.53
C PRO B 237 -5.10 -5.87 33.28
N ILE B 238 -5.55 -5.24 34.36
CA ILE B 238 -4.65 -4.61 35.29
C ILE B 238 -3.59 -5.65 35.73
N PRO B 239 -2.34 -5.26 35.74
CA PRO B 239 -1.32 -6.18 36.27
C PRO B 239 -1.65 -6.74 37.62
N VAL B 240 -1.35 -8.03 37.82
CA VAL B 240 -1.65 -8.74 39.04
C VAL B 240 -0.35 -9.06 39.79
N GLU B 241 -0.25 -8.55 41.03
CA GLU B 241 1.00 -8.71 41.80
C GLU B 241 1.12 -10.11 42.30
N THR B 242 2.30 -10.73 42.10
CA THR B 242 2.60 -12.06 42.65
C THR B 242 3.99 -11.98 43.24
N PRO B 243 4.33 -12.93 44.10
CA PRO B 243 5.73 -12.91 44.62
C PRO B 243 6.78 -13.05 43.52
N GLU B 244 6.41 -13.65 42.38
CA GLU B 244 7.37 -13.86 41.25
C GLU B 244 7.37 -12.77 40.11
N GLY B 245 6.65 -11.67 40.35
CA GLY B 245 6.65 -10.58 39.47
C GLY B 245 5.18 -10.14 39.26
N TRP B 246 5.00 -9.04 38.53
CA TRP B 246 3.69 -8.62 38.08
C TRP B 246 3.23 -9.56 36.94
N LEU B 247 2.10 -10.24 37.10
CA LEU B 247 1.54 -11.11 36.06
C LEU B 247 0.81 -10.18 35.09
N LEU B 248 1.35 -10.07 33.89
CA LEU B 248 0.75 -9.33 32.78
C LEU B 248 0.08 -10.29 31.79
N ILE B 249 -1.24 -10.09 31.55
CA ILE B 249 -1.99 -10.86 30.53
C ILE B 249 -2.12 -9.89 29.40
N TYR B 250 -1.70 -10.25 28.17
CA TYR B 250 -1.58 -9.27 27.13
C TYR B 250 -1.99 -9.96 25.81
N HIS B 251 -2.56 -9.18 24.89
CA HIS B 251 -2.88 -9.75 23.57
C HIS B 251 -1.70 -9.67 22.62
N GLY B 252 -1.74 -10.57 21.61
CA GLY B 252 -0.81 -10.54 20.56
C GLY B 252 -1.58 -10.79 19.21
N VAL B 253 -1.06 -10.25 18.15
CA VAL B 253 -1.62 -10.35 16.80
C VAL B 253 -0.71 -11.09 15.89
N LEU B 254 -1.33 -11.95 15.07
CA LEU B 254 -0.71 -12.65 13.99
C LEU B 254 -1.46 -12.18 12.72
N HIS B 255 -0.68 -11.94 11.68
CA HIS B 255 -1.21 -11.47 10.37
C HIS B 255 -1.26 -12.59 9.38
N SER B 256 -2.48 -13.06 9.05
CA SER B 256 -2.66 -14.03 7.97
C SER B 256 -3.03 -13.28 6.66
N CYS B 257 -3.12 -14.01 5.53
CA CYS B 257 -3.54 -13.35 4.33
C CYS B 257 -4.96 -12.79 4.47
N ASN B 258 -5.79 -13.33 5.37
CA ASN B 258 -7.18 -12.88 5.53
C ASN B 258 -7.42 -11.94 6.72
N GLY B 259 -6.33 -11.45 7.38
CA GLY B 259 -6.44 -10.41 8.37
C GLY B 259 -5.67 -10.76 9.64
N TYR B 260 -6.18 -10.28 10.76
CA TYR B 260 -5.48 -10.43 12.02
C TYR B 260 -6.20 -11.45 12.88
N VAL B 261 -5.42 -12.23 13.66
CA VAL B 261 -5.96 -13.13 14.64
C VAL B 261 -5.36 -12.60 15.97
N TYR B 262 -6.24 -12.36 16.95
CA TYR B 262 -5.88 -11.89 18.29
C TYR B 262 -6.00 -13.03 19.23
N SER B 263 -4.88 -13.37 19.84
CA SER B 263 -4.80 -14.32 20.93
C SER B 263 -4.26 -13.61 22.20
N PHE B 264 -4.17 -14.31 23.31
CA PHE B 264 -3.55 -13.69 24.45
C PHE B 264 -2.72 -14.73 25.27
N GLY B 265 -1.77 -14.16 26.02
CA GLY B 265 -0.77 -14.90 26.74
C GLY B 265 -0.30 -14.13 27.97
N SER B 266 0.82 -14.59 28.54
CA SER B 266 1.24 -14.08 29.85
C SER B 266 2.72 -13.75 29.91
N ALA B 267 3.08 -12.74 30.71
CA ALA B 267 4.42 -12.45 31.08
C ALA B 267 4.55 -12.04 32.55
N LEU B 268 5.77 -12.17 33.05
CA LEU B 268 6.09 -11.74 34.41
C LEU B 268 7.06 -10.61 34.34
N LEU B 269 6.70 -9.51 35.00
CA LEU B 269 7.47 -8.27 35.03
C LEU B 269 8.15 -8.11 36.39
N ASP B 270 9.33 -7.52 36.41
CA ASP B 270 10.02 -7.28 37.69
C ASP B 270 9.15 -6.42 38.61
N LEU B 271 9.12 -6.75 39.91
CA LEU B 271 8.27 -5.99 40.83
C LEU B 271 8.58 -4.52 40.98
N ASP B 272 9.86 -4.18 41.03
CA ASP B 272 10.31 -2.82 41.30
C ASP B 272 10.58 -2.03 40.08
N GLU B 273 10.90 -2.71 38.97
CA GLU B 273 11.15 -2.04 37.72
C GLU B 273 10.37 -2.78 36.64
N PRO B 274 9.06 -2.47 36.55
CA PRO B 274 8.21 -3.38 35.80
C PRO B 274 8.38 -3.32 34.32
N TRP B 275 9.23 -2.45 33.82
CA TRP B 275 9.55 -2.51 32.37
C TRP B 275 10.54 -3.63 32.07
N LYS B 276 11.10 -4.26 33.12
CA LYS B 276 11.97 -5.44 32.96
C LYS B 276 11.16 -6.73 32.94
N VAL B 277 11.07 -7.35 31.74
CA VAL B 277 10.30 -8.56 31.57
C VAL B 277 11.23 -9.72 32.02
N LYS B 278 10.79 -10.53 32.96
CA LYS B 278 11.60 -11.66 33.38
C LYS B 278 11.25 -12.94 32.66
N PHE B 279 9.96 -13.19 32.35
CA PHE B 279 9.55 -14.39 31.64
C PHE B 279 8.41 -13.97 30.74
N ARG B 280 8.31 -14.64 29.62
CA ARG B 280 7.30 -14.34 28.60
C ARG B 280 6.87 -15.62 27.87
N SER B 281 5.59 -15.98 27.91
CA SER B 281 5.16 -17.23 27.33
C SER B 281 5.43 -17.34 25.79
N GLY B 282 5.83 -18.51 25.35
CA GLY B 282 5.87 -18.84 23.92
C GLY B 282 4.47 -19.18 23.37
N PRO B 283 3.78 -20.14 23.97
CA PRO B 283 2.44 -20.38 23.56
C PRO B 283 1.46 -19.32 24.07
N TYR B 284 0.30 -19.27 23.43
CA TYR B 284 -0.78 -18.42 23.94
C TYR B 284 -1.47 -19.14 25.09
N LEU B 285 -2.16 -18.37 25.94
CA LEU B 285 -3.09 -18.96 26.86
C LEU B 285 -4.45 -19.27 26.26
N LEU B 286 -4.88 -18.40 25.34
CA LEU B 286 -6.19 -18.53 24.71
C LEU B 286 -6.15 -17.92 23.32
N ALA B 287 -6.81 -18.58 22.38
CA ALA B 287 -6.91 -18.17 20.96
C ALA B 287 -8.27 -18.45 20.39
N PRO B 288 -8.65 -17.78 19.29
CA PRO B 288 -10.04 -17.92 18.86
C PRO B 288 -10.35 -19.34 18.37
N ARG B 289 -11.33 -19.98 18.98
CA ARG B 289 -11.64 -21.37 18.71
C ARG B 289 -13.16 -21.58 18.59
N GLU B 290 -13.99 -20.93 19.40
CA GLU B 290 -15.38 -21.17 19.48
C GLU B 290 -16.10 -20.25 18.43
N PRO B 291 -17.27 -20.64 17.97
CA PRO B 291 -18.06 -19.78 17.05
C PRO B 291 -18.20 -18.37 17.49
N TYR B 292 -18.38 -18.12 18.79
CA TYR B 292 -18.53 -16.74 19.28
C TYR B 292 -17.25 -15.92 19.26
N GLU B 293 -16.13 -16.58 19.10
CA GLU B 293 -14.82 -15.93 18.95
C GLU B 293 -14.39 -15.78 17.48
N CYS B 294 -14.90 -16.66 16.65
CA CYS B 294 -14.50 -16.68 15.25
C CYS B 294 -15.48 -16.07 14.24
N MET B 295 -16.68 -15.75 14.66
CA MET B 295 -17.68 -15.12 13.81
C MET B 295 -18.25 -13.91 14.53
N GLY B 296 -18.40 -12.79 13.82
CA GLY B 296 -18.95 -11.59 14.44
C GLY B 296 -18.39 -10.40 13.71
N ASP B 297 -18.42 -9.25 14.35
CA ASP B 297 -18.04 -8.02 13.69
C ASP B 297 -16.60 -7.94 13.27
N VAL B 298 -15.74 -8.53 14.10
CA VAL B 298 -14.33 -8.70 13.74
C VAL B 298 -13.94 -10.14 14.06
N PRO B 299 -13.88 -10.97 13.00
CA PRO B 299 -13.76 -12.37 13.31
C PRO B 299 -12.36 -12.70 13.90
N ASN B 300 -12.26 -13.74 14.69
CA ASN B 300 -10.98 -14.29 15.19
C ASN B 300 -10.24 -13.38 16.16
N VAL B 301 -10.98 -12.92 17.18
CA VAL B 301 -10.46 -12.03 18.19
C VAL B 301 -10.81 -12.56 19.58
N CYS B 302 -9.77 -12.78 20.39
CA CYS B 302 -9.90 -12.91 21.89
C CYS B 302 -9.05 -11.82 22.53
N PHE B 303 -9.71 -10.82 23.18
CA PHE B 303 -9.01 -9.59 23.55
C PHE B 303 -9.25 -9.39 25.06
N PRO B 304 -8.27 -9.78 25.90
CA PRO B 304 -8.46 -9.68 27.35
C PRO B 304 -8.49 -8.24 27.86
N CYS B 305 -9.44 -7.97 28.76
CA CYS B 305 -9.66 -6.57 29.23
CA CYS B 305 -9.71 -6.59 29.25
C CYS B 305 -9.66 -6.39 30.73
N ALA B 306 -9.91 -7.46 31.50
CA ALA B 306 -9.99 -7.36 32.99
C ALA B 306 -9.86 -8.72 33.61
N ALA B 307 -9.50 -8.77 34.92
CA ALA B 307 -9.49 -9.95 35.68
C ALA B 307 -9.87 -9.70 37.10
N LEU B 308 -10.49 -10.69 37.75
CA LEU B 308 -10.68 -10.65 39.15
C LEU B 308 -9.85 -11.84 39.66
N HIS B 309 -9.27 -11.70 40.85
CA HIS B 309 -8.47 -12.79 41.38
C HIS B 309 -8.50 -12.87 42.86
N ASP B 310 -8.08 -14.00 43.41
CA ASP B 310 -8.16 -14.28 44.83
C ASP B 310 -6.85 -14.93 45.25
N ASN B 311 -6.01 -14.21 45.99
CA ASN B 311 -4.71 -14.74 46.37
C ASN B 311 -4.74 -15.94 47.30
N GLU B 312 -5.78 -16.08 48.07
CA GLU B 312 -5.90 -17.18 49.01
C GLU B 312 -5.98 -18.47 48.22
N THR B 313 -6.87 -18.49 47.26
CA THR B 313 -7.07 -19.71 46.45
C THR B 313 -6.24 -19.78 45.17
N GLY B 314 -5.62 -18.68 44.75
CA GLY B 314 -4.94 -18.61 43.45
C GLY B 314 -5.88 -18.45 42.25
N ARG B 315 -7.19 -18.38 42.49
CA ARG B 315 -8.10 -18.29 41.38
C ARG B 315 -8.02 -16.97 40.66
N ILE B 316 -8.14 -17.03 39.31
CA ILE B 316 -8.27 -15.85 38.50
C ILE B 316 -9.35 -16.06 37.45
N ALA B 317 -10.12 -14.98 37.22
CA ALA B 317 -11.13 -14.97 36.19
C ALA B 317 -10.81 -13.83 35.26
N ILE B 318 -10.68 -14.15 33.96
CA ILE B 318 -10.23 -13.21 32.96
C ILE B 318 -11.38 -12.94 31.99
N TYR B 319 -11.68 -11.67 31.88
CA TYR B 319 -12.72 -11.18 30.92
C TYR B 319 -12.08 -10.88 29.61
N TYR B 320 -12.76 -11.25 28.47
CA TYR B 320 -12.17 -11.00 27.21
C TYR B 320 -13.26 -10.76 26.14
N GLY B 321 -13.00 -9.86 25.21
CA GLY B 321 -13.94 -9.61 24.13
C GLY B 321 -13.73 -10.70 23.08
N CYS B 322 -14.85 -11.15 22.52
CA CYS B 322 -14.91 -12.25 21.53
C CYS B 322 -15.38 -11.69 20.22
N ALA B 323 -14.53 -11.70 19.19
CA ALA B 323 -14.92 -11.27 17.83
C ALA B 323 -15.40 -9.81 17.76
N ASP B 324 -14.95 -9.00 18.74
CA ASP B 324 -15.48 -7.63 18.93
C ASP B 324 -17.01 -7.61 18.89
N THR B 325 -17.66 -8.59 19.50
CA THR B 325 -19.12 -8.73 19.45
C THR B 325 -19.74 -8.96 20.85
N VAL B 326 -19.13 -9.87 21.64
CA VAL B 326 -19.68 -10.30 22.91
C VAL B 326 -18.52 -10.40 23.93
N THR B 327 -18.82 -10.64 25.21
CA THR B 327 -17.76 -10.71 26.23
C THR B 327 -17.80 -12.09 26.77
N GLY B 328 -16.63 -12.67 27.00
CA GLY B 328 -16.56 -13.97 27.61
C GLY B 328 -15.68 -13.94 28.87
N LEU B 329 -15.71 -15.05 29.58
CA LEU B 329 -14.93 -15.30 30.75
C LEU B 329 -14.13 -16.64 30.56
N ALA B 330 -12.93 -16.62 31.10
CA ALA B 330 -12.06 -17.80 31.20
C ALA B 330 -11.47 -17.84 32.60
N PHE B 331 -11.17 -19.02 33.08
CA PHE B 331 -10.70 -19.25 34.45
C PHE B 331 -9.33 -19.92 34.45
N GLY B 332 -8.51 -19.66 35.49
CA GLY B 332 -7.24 -20.37 35.65
C GLY B 332 -6.78 -20.21 37.08
N TYR B 333 -5.62 -20.82 37.40
CA TYR B 333 -4.94 -20.64 38.64
C TYR B 333 -3.64 -19.86 38.43
N ILE B 334 -3.45 -18.86 39.27
CA ILE B 334 -2.30 -18.00 39.15
C ILE B 334 -0.96 -18.84 39.24
N PRO B 335 -0.82 -19.72 40.23
CA PRO B 335 0.44 -20.53 40.30
C PRO B 335 0.65 -21.34 38.99
N GLU B 336 -0.41 -21.83 38.40
CA GLU B 336 -0.28 -22.56 37.12
C GLU B 336 0.12 -21.69 35.96
N ILE B 337 -0.43 -20.48 35.93
CA ILE B 337 -0.04 -19.52 34.96
C ILE B 337 1.41 -19.09 35.09
N ILE B 338 1.88 -18.91 36.34
CA ILE B 338 3.23 -18.55 36.56
C ILE B 338 4.15 -19.70 36.04
N GLU B 339 3.80 -20.85 36.27
CA GLU B 339 4.68 -21.95 35.92
C GLU B 339 4.73 -22.12 34.38
N PHE B 340 3.54 -21.98 33.83
CA PHE B 340 3.47 -22.04 32.34
C PHE B 340 4.32 -20.94 31.74
N THR B 341 4.23 -19.74 32.28
CA THR B 341 4.99 -18.64 31.79
C THR B 341 6.50 -18.90 31.86
N LYS B 342 6.97 -19.47 32.96
CA LYS B 342 8.38 -19.65 33.13
C LYS B 342 8.86 -20.85 32.31
N ARG B 343 8.10 -21.91 32.36
CA ARG B 343 8.42 -23.17 31.65
C ARG B 343 8.60 -22.93 30.14
N THR B 344 7.75 -22.07 29.56
CA THR B 344 7.72 -21.93 28.08
C THR B 344 8.41 -20.64 27.69
N SER B 345 9.05 -19.99 28.66
CA SER B 345 9.51 -18.64 28.44
C SER B 345 10.40 -18.46 27.24
N ILE B 346 10.22 -17.38 26.51
CA ILE B 346 11.05 -17.11 25.31
C ILE B 346 12.01 -15.99 25.59
N ILE B 347 12.07 -15.55 26.84
CA ILE B 347 13.15 -14.75 27.32
C ILE B 347 14.03 -15.73 28.10
N VAL C 27 -2.73 -52.37 -1.47
CA VAL C 27 -3.15 -50.96 -0.99
C VAL C 27 -4.67 -50.68 -1.11
N ILE C 28 -5.38 -50.61 0.01
CA ILE C 28 -6.80 -50.34 -0.05
C ILE C 28 -6.98 -48.91 0.33
N ILE C 29 -7.28 -48.06 -0.65
CA ILE C 29 -7.38 -46.62 -0.36
C ILE C 29 -8.76 -46.29 0.16
N PRO C 30 -8.85 -45.22 0.98
CA PRO C 30 -10.10 -44.85 1.53
C PRO C 30 -11.08 -44.46 0.40
N TRP C 31 -12.34 -44.81 0.61
CA TRP C 31 -13.38 -44.58 -0.38
C TRP C 31 -14.75 -44.40 0.25
N GLU C 32 -15.51 -43.41 -0.20
CA GLU C 32 -16.94 -43.38 0.03
C GLU C 32 -17.62 -43.24 -1.34
N GLU C 33 -18.72 -43.93 -1.55
CA GLU C 33 -19.45 -43.88 -2.83
C GLU C 33 -20.13 -42.52 -3.03
N ARG C 34 -20.22 -42.07 -4.29
N ARG C 34 -20.22 -42.11 -4.30
CA ARG C 34 -20.84 -40.81 -4.64
CA ARG C 34 -21.05 -41.02 -4.79
C ARG C 34 -22.28 -40.80 -4.14
C ARG C 34 -22.37 -40.94 -4.00
N PRO C 35 -22.63 -39.84 -3.28
CA PRO C 35 -23.96 -39.68 -2.67
C PRO C 35 -25.05 -39.77 -3.72
N ALA C 36 -26.18 -40.38 -3.42
CA ALA C 36 -27.17 -40.55 -4.50
C ALA C 36 -27.70 -39.15 -4.83
N GLY C 37 -27.87 -38.88 -6.13
CA GLY C 37 -28.29 -37.57 -6.58
C GLY C 37 -27.14 -36.63 -6.90
N CYS C 38 -25.98 -36.81 -6.25
CA CYS C 38 -24.88 -35.89 -6.43
C CYS C 38 -24.32 -35.98 -7.87
N LYS C 39 -24.27 -34.84 -8.54
CA LYS C 39 -23.70 -34.68 -9.87
C LYS C 39 -22.30 -34.12 -9.87
N ASP C 40 -21.69 -33.90 -8.70
CA ASP C 40 -20.40 -33.26 -8.66
C ASP C 40 -19.31 -34.26 -9.03
N VAL C 41 -18.21 -33.77 -9.56
CA VAL C 41 -17.07 -34.59 -9.90
C VAL C 41 -16.36 -35.07 -8.61
N LEU C 42 -16.31 -34.22 -7.58
CA LEU C 42 -15.78 -34.64 -6.26
C LEU C 42 -16.80 -34.51 -5.18
N TRP C 43 -16.75 -35.42 -4.23
CA TRP C 43 -17.62 -35.32 -3.09
C TRP C 43 -16.83 -35.44 -1.78
N ARG C 44 -17.21 -34.62 -0.84
CA ARG C 44 -16.57 -34.58 0.47
C ARG C 44 -16.88 -35.81 1.25
N SER C 45 -15.90 -36.32 2.03
CA SER C 45 -16.20 -37.34 3.02
C SER C 45 -17.25 -36.89 4.00
N VAL C 46 -18.18 -37.77 4.34
CA VAL C 46 -19.19 -37.50 5.33
C VAL C 46 -18.64 -37.47 6.74
N ALA C 47 -17.41 -37.87 6.90
CA ALA C 47 -16.70 -37.83 8.17
C ALA C 47 -15.68 -36.68 8.29
N ASN C 48 -15.73 -35.67 7.41
CA ASN C 48 -14.86 -34.52 7.54
C ASN C 48 -15.18 -33.72 8.80
N PRO C 49 -14.19 -33.17 9.49
CA PRO C 49 -12.78 -33.23 9.16
C PRO C 49 -12.21 -34.54 9.60
N ILE C 50 -11.30 -35.11 8.84
CA ILE C 50 -10.74 -36.40 9.27
C ILE C 50 -9.61 -36.24 10.27
N ILE C 51 -9.00 -35.06 10.36
CA ILE C 51 -7.99 -34.81 11.38
C ILE C 51 -8.39 -33.51 12.09
N PRO C 52 -8.55 -33.60 13.42
CA PRO C 52 -8.96 -32.42 14.17
C PRO C 52 -7.78 -31.51 14.54
N ARG C 53 -8.06 -30.25 14.91
CA ARG C 53 -6.98 -29.28 15.13
C ARG C 53 -6.17 -29.60 16.39
N ASP C 54 -6.77 -30.31 17.32
CA ASP C 54 -6.16 -30.52 18.66
C ASP C 54 -5.68 -31.94 18.89
N LEU C 55 -5.39 -32.64 17.80
CA LEU C 55 -4.95 -34.01 17.91
C LEU C 55 -3.74 -34.21 18.82
N LEU C 56 -2.79 -33.29 18.81
CA LEU C 56 -1.59 -33.39 19.62
C LEU C 56 -1.75 -32.50 20.83
N PRO C 57 -0.99 -32.79 21.89
CA PRO C 57 -1.14 -32.01 23.13
C PRO C 57 -0.85 -30.51 22.90
N THR C 58 0.04 -30.16 21.97
CA THR C 58 0.34 -28.80 21.72
C THR C 58 -0.15 -28.26 20.35
N SER C 59 -0.94 -29.02 19.60
CA SER C 59 -1.36 -28.58 18.27
C SER C 59 -2.47 -27.52 18.30
N ASN C 60 -2.23 -26.48 17.53
CA ASN C 60 -3.20 -25.39 17.23
C ASN C 60 -4.00 -25.76 15.96
N SER C 61 -3.36 -26.41 14.98
CA SER C 61 -4.02 -26.67 13.69
C SER C 61 -3.18 -27.75 12.98
N ILE C 62 -3.91 -28.55 12.19
CA ILE C 62 -3.31 -29.61 11.42
C ILE C 62 -3.99 -29.68 10.06
N PHE C 63 -3.32 -29.14 9.06
CA PHE C 63 -4.00 -28.87 7.81
C PHE C 63 -3.22 -29.16 6.51
N ASN C 64 -2.05 -29.77 6.62
CA ASN C 64 -1.42 -30.36 5.41
C ASN C 64 -1.11 -31.78 5.81
N SER C 65 -1.48 -32.74 4.95
CA SER C 65 -1.26 -34.11 5.22
C SER C 65 -0.68 -34.74 3.97
N ALA C 66 0.64 -34.89 3.95
CA ALA C 66 1.34 -35.34 2.79
C ALA C 66 1.49 -36.86 2.94
N VAL C 67 0.54 -37.58 2.39
CA VAL C 67 0.27 -38.97 2.68
C VAL C 67 0.68 -39.90 1.52
N VAL C 68 1.13 -41.07 1.92
CA VAL C 68 1.55 -42.14 0.97
C VAL C 68 1.28 -43.51 1.53
N PRO C 69 1.14 -44.55 0.66
CA PRO C 69 1.17 -45.94 1.12
C PRO C 69 2.56 -46.23 1.66
N PHE C 70 2.59 -47.01 2.68
CA PHE C 70 3.86 -47.38 3.32
C PHE C 70 3.64 -48.68 4.04
N GLY C 71 4.41 -49.72 3.70
CA GLY C 71 4.37 -50.98 4.48
C GLY C 71 2.97 -51.59 4.35
N ASP C 72 2.36 -51.99 5.45
CA ASP C 72 1.01 -52.56 5.41
C ASP C 72 -0.04 -51.44 5.58
N GLY C 73 0.34 -50.18 5.52
CA GLY C 73 -0.66 -49.10 5.61
C GLY C 73 -0.18 -47.86 4.98
N PHE C 74 -0.25 -46.76 5.74
CA PHE C 74 0.04 -45.43 5.22
C PHE C 74 0.97 -44.67 6.19
N ALA C 75 1.76 -43.76 5.63
CA ALA C 75 2.55 -42.82 6.32
C ALA C 75 2.37 -41.44 5.72
N GLY C 76 2.84 -40.46 6.46
CA GLY C 76 2.64 -39.07 6.10
C GLY C 76 3.53 -38.11 6.83
N VAL C 77 3.77 -36.95 6.20
CA VAL C 77 4.35 -35.85 6.87
C VAL C 77 3.26 -34.76 6.93
N PHE C 78 3.04 -34.26 8.15
CA PHE C 78 1.94 -33.39 8.45
C PHE C 78 2.43 -32.01 8.95
N ARG C 79 1.82 -30.96 8.42
CA ARG C 79 1.99 -29.62 8.96
C ARG C 79 1.09 -29.47 10.17
N CYS C 80 1.75 -29.31 11.32
CA CYS C 80 1.05 -29.12 12.60
C CYS C 80 1.59 -27.85 13.19
N ASP C 81 0.74 -26.84 13.25
CA ASP C 81 1.18 -25.58 13.87
C ASP C 81 0.87 -25.67 15.32
N ASP C 82 1.83 -25.31 16.15
CA ASP C 82 1.60 -25.49 17.58
C ASP C 82 0.88 -24.22 18.21
N THR C 83 0.69 -24.31 19.52
CA THR C 83 0.11 -23.23 20.35
C THR C 83 1.02 -21.98 20.48
N SER C 84 2.26 -22.04 19.94
CA SER C 84 3.12 -20.89 19.77
C SER C 84 3.01 -20.30 18.36
N ARG C 85 2.16 -20.92 17.57
CA ARG C 85 1.98 -20.67 16.14
C ARG C 85 3.28 -20.83 15.35
N ARG C 86 4.13 -21.76 15.83
CA ARG C 86 5.27 -22.19 15.04
C ARG C 86 4.78 -23.27 14.06
N MET C 87 5.44 -23.28 12.90
CA MET C 87 5.14 -24.18 11.80
C MET C 87 6.17 -25.32 11.83
N ARG C 88 5.68 -26.49 12.14
CA ARG C 88 6.51 -27.68 12.22
C ARG C 88 5.92 -28.85 11.43
N LEU C 89 6.79 -29.81 11.11
CA LEU C 89 6.44 -31.08 10.43
C LEU C 89 6.53 -32.27 11.32
N HIS C 90 5.49 -33.07 11.33
CA HIS C 90 5.37 -34.27 12.13
C HIS C 90 5.06 -35.49 11.25
N VAL C 91 5.63 -36.66 11.61
CA VAL C 91 5.39 -37.90 10.89
C VAL C 91 4.14 -38.50 11.48
N GLY C 92 3.31 -39.08 10.66
CA GLY C 92 2.15 -39.86 11.12
C GLY C 92 2.01 -41.22 10.43
N PHE C 93 1.27 -42.15 11.04
CA PHE C 93 1.01 -43.46 10.45
C PHE C 93 -0.44 -43.79 10.63
N SER C 94 -0.96 -44.61 9.74
CA SER C 94 -2.37 -45.00 9.74
C SER C 94 -2.54 -46.33 9.06
N LYS C 95 -3.49 -47.11 9.54
CA LYS C 95 -3.84 -48.35 8.88
C LYS C 95 -4.75 -48.10 7.69
N ASP C 96 -5.62 -47.13 7.82
CA ASP C 96 -6.66 -46.89 6.81
C ASP C 96 -6.58 -45.55 6.09
N ALA C 97 -5.62 -44.71 6.45
CA ALA C 97 -5.41 -43.42 5.78
C ALA C 97 -6.46 -42.36 6.18
N ILE C 98 -7.32 -42.67 7.12
CA ILE C 98 -8.37 -41.76 7.64
C ILE C 98 -8.09 -41.39 9.09
N ASN C 99 -7.80 -42.39 9.91
CA ASN C 99 -7.50 -42.18 11.30
C ASN C 99 -6.01 -42.26 11.56
N TRP C 100 -5.43 -41.15 11.95
CA TRP C 100 -4.01 -40.96 11.95
C TRP C 100 -3.38 -40.92 13.36
N ASN C 101 -2.26 -41.57 13.50
CA ASN C 101 -1.44 -41.50 14.69
C ASN C 101 -0.24 -40.65 14.41
N ILE C 102 -0.30 -39.41 14.83
CA ILE C 102 0.75 -38.41 14.51
C ILE C 102 1.70 -38.32 15.70
N LYS C 103 2.99 -38.36 15.42
CA LYS C 103 4.00 -38.23 16.47
C LYS C 103 3.89 -36.84 17.14
N GLU C 104 3.96 -36.86 18.46
CA GLU C 104 3.90 -35.61 19.24
C GLU C 104 5.09 -34.75 19.00
N GLU C 105 6.24 -35.33 18.77
CA GLU C 105 7.45 -34.54 18.59
C GLU C 105 7.64 -34.22 17.13
N PRO C 106 8.07 -33.00 16.80
CA PRO C 106 8.30 -32.69 15.42
C PRO C 106 9.44 -33.53 14.86
N LEU C 107 9.44 -33.63 13.42
CA LEU C 107 10.45 -34.57 12.98
C LEU C 107 11.80 -33.81 12.97
N LYS C 108 12.81 -34.28 12.97
CA LYS C 108 14.09 -33.60 12.80
C LYS C 108 14.84 -34.19 11.60
N PHE C 109 15.44 -33.32 10.80
CA PHE C 109 16.21 -33.73 9.63
C PHE C 109 17.67 -33.88 9.97
N GLN C 110 18.22 -34.78 9.40
CA GLN C 110 19.62 -35.15 9.64
C GLN C 110 20.47 -34.42 8.62
N CYS C 111 21.40 -33.71 8.62
CA CYS C 111 22.09 -33.11 7.52
C CYS C 111 23.59 -33.01 7.84
N ASP C 112 24.41 -33.37 6.89
CA ASP C 112 25.88 -33.17 6.99
C ASP C 112 26.31 -31.73 6.93
N ASP C 113 25.56 -30.85 6.25
CA ASP C 113 25.96 -29.45 6.13
C ASP C 113 25.22 -28.65 7.20
N GLU C 114 25.95 -27.94 8.03
CA GLU C 114 25.33 -27.28 9.15
C GLU C 114 24.50 -26.07 8.76
N GLU C 115 24.95 -25.41 7.70
CA GLU C 115 24.25 -24.26 7.15
C GLU C 115 22.82 -24.63 6.66
N ILE C 116 22.74 -25.66 5.85
CA ILE C 116 21.49 -26.09 5.25
C ILE C 116 20.70 -26.82 6.28
N GLY C 117 21.38 -27.48 7.24
CA GLY C 117 20.67 -28.24 8.23
C GLY C 117 20.03 -27.36 9.34
N THR C 118 20.16 -26.06 9.27
CA THR C 118 19.57 -25.18 10.31
C THR C 118 18.07 -25.03 10.06
N TRP C 119 17.29 -25.35 11.10
CA TRP C 119 15.86 -25.25 11.08
C TRP C 119 15.46 -23.85 11.46
N VAL C 120 14.72 -23.20 10.60
CA VAL C 120 14.09 -21.91 10.93
C VAL C 120 12.56 -22.15 11.04
N TYR C 121 11.93 -22.67 10.00
CA TYR C 121 10.54 -23.06 10.06
C TYR C 121 10.28 -23.98 8.84
N GLY C 122 9.15 -24.68 8.87
CA GLY C 122 8.69 -25.48 7.71
C GLY C 122 7.20 -25.65 7.61
N TYR C 123 6.68 -25.57 6.38
CA TYR C 123 5.30 -25.81 6.10
C TYR C 123 5.19 -26.40 4.67
N ASP C 124 3.97 -26.61 4.26
CA ASP C 124 3.69 -27.00 2.86
C ASP C 124 4.42 -28.32 2.45
N PRO C 125 4.35 -29.37 3.29
CA PRO C 125 5.03 -30.64 2.96
C PRO C 125 4.33 -31.36 1.79
N ARG C 126 5.13 -32.13 1.03
CA ARG C 126 4.65 -33.03 0.02
C ARG C 126 5.58 -34.26 0.07
N VAL C 127 5.02 -35.44 -0.14
CA VAL C 127 5.79 -36.68 -0.04
C VAL C 127 5.47 -37.55 -1.26
N CYS C 128 6.50 -38.13 -1.83
CA CYS C 128 6.30 -39.13 -2.89
C CYS C 128 7.49 -40.06 -3.00
N PHE C 129 7.16 -41.25 -3.39
CA PHE C 129 8.14 -42.35 -3.56
C PHE C 129 8.70 -42.21 -4.95
N ILE C 130 10.03 -42.14 -5.10
CA ILE C 130 10.65 -42.08 -6.41
C ILE C 130 11.73 -43.15 -6.48
N GLU C 131 11.40 -44.25 -7.18
CA GLU C 131 12.32 -45.41 -7.52
C GLU C 131 12.72 -46.28 -6.37
N ASP C 132 13.37 -45.68 -5.36
CA ASP C 132 13.89 -46.46 -4.21
C ASP C 132 13.75 -45.92 -2.81
N ARG C 133 13.09 -44.76 -2.69
CA ARG C 133 12.98 -44.09 -1.41
C ARG C 133 11.88 -43.04 -1.52
N TYR C 134 11.51 -42.49 -0.37
CA TYR C 134 10.49 -41.47 -0.26
C TYR C 134 11.18 -40.16 -0.18
N TYR C 135 10.69 -39.17 -0.92
CA TYR C 135 11.24 -37.86 -0.83
C TYR C 135 10.20 -36.96 -0.18
N VAL C 136 10.71 -36.06 0.64
CA VAL C 136 9.89 -35.04 1.34
C VAL C 136 10.34 -33.70 0.82
N THR C 137 9.40 -32.90 0.30
CA THR C 137 9.68 -31.49 0.05
C THR C 137 8.82 -30.66 1.00
N TRP C 138 9.26 -29.45 1.24
CA TRP C 138 8.51 -28.54 2.11
C TRP C 138 8.97 -27.14 1.84
N CYS C 139 8.16 -26.15 2.25
CA CYS C 139 8.65 -24.76 2.23
C CYS C 139 9.54 -24.57 3.44
N ASN C 140 10.84 -24.40 3.17
CA ASN C 140 11.82 -24.35 4.23
C ASN C 140 12.36 -22.98 4.33
N GLY C 141 12.53 -22.46 5.55
CA GLY C 141 13.16 -21.16 5.66
C GLY C 141 14.66 -21.23 5.57
N TYR C 142 15.18 -20.50 4.63
CA TYR C 142 16.57 -20.27 4.42
C TYR C 142 16.69 -18.85 3.84
N HIS C 143 16.81 -17.87 4.75
CA HIS C 143 16.76 -16.48 4.32
C HIS C 143 15.54 -16.12 3.47
N GLY C 144 14.43 -16.72 3.87
CA GLY C 144 13.18 -16.63 3.20
C GLY C 144 12.69 -18.01 2.76
N PRO C 145 11.46 -18.09 2.23
CA PRO C 145 10.86 -19.33 1.84
C PRO C 145 11.51 -19.91 0.59
N THR C 146 12.02 -21.11 0.73
CA THR C 146 12.47 -21.87 -0.42
C THR C 146 11.97 -23.31 -0.32
N ILE C 147 12.37 -24.21 -1.24
CA ILE C 147 11.93 -25.59 -1.21
CA ILE C 147 11.91 -25.57 -1.14
C ILE C 147 13.03 -26.47 -0.62
N GLY C 148 12.80 -27.01 0.57
CA GLY C 148 13.68 -28.00 1.20
C GLY C 148 13.38 -29.37 0.56
N VAL C 149 14.41 -30.22 0.61
CA VAL C 149 14.30 -31.56 0.08
C VAL C 149 14.99 -32.56 1.03
N ALA C 150 14.31 -33.68 1.30
CA ALA C 150 14.90 -34.75 2.11
C ALA C 150 14.43 -36.09 1.61
N TYR C 151 15.10 -37.14 2.03
CA TYR C 151 14.61 -38.49 1.78
C TYR C 151 14.54 -39.35 2.97
N THR C 152 13.70 -40.36 2.90
CA THR C 152 13.58 -41.35 3.98
C THR C 152 13.31 -42.71 3.38
N PHE C 153 13.86 -43.74 4.03
CA PHE C 153 13.54 -45.14 3.69
C PHE C 153 12.48 -45.65 4.61
N ASP C 154 12.26 -45.03 5.76
CA ASP C 154 11.44 -45.69 6.79
C ASP C 154 10.55 -44.76 7.57
N PHE C 155 10.53 -43.48 7.23
CA PHE C 155 9.72 -42.49 7.95
C PHE C 155 10.12 -42.35 9.44
N GLU C 156 11.36 -42.72 9.70
CA GLU C 156 11.95 -42.52 11.06
C GLU C 156 13.13 -41.62 10.95
N THR C 157 14.08 -41.90 10.07
CA THR C 157 15.18 -41.02 9.82
C THR C 157 14.99 -40.33 8.49
N PHE C 158 15.14 -39.00 8.45
CA PHE C 158 15.02 -38.21 7.24
C PHE C 158 16.32 -37.52 6.96
N HIS C 159 16.86 -37.66 5.75
CA HIS C 159 18.16 -37.14 5.37
C HIS C 159 17.95 -35.96 4.51
N GLN C 160 18.40 -34.79 4.93
CA GLN C 160 18.15 -33.58 4.24
C GLN C 160 19.20 -33.35 3.15
N LEU C 161 18.70 -32.90 1.97
CA LEU C 161 19.50 -32.56 0.85
C LEU C 161 19.55 -31.05 0.69
N GLU C 162 20.21 -30.58 -0.36
CA GLU C 162 20.27 -29.17 -0.67
C GLU C 162 18.88 -28.62 -0.95
N ASN C 163 18.65 -27.37 -0.55
CA ASN C 163 17.43 -26.67 -0.91
C ASN C 163 17.47 -26.56 -2.42
N ALA C 164 16.37 -26.82 -3.06
CA ALA C 164 16.36 -27.00 -4.54
C ALA C 164 16.52 -25.65 -5.27
N PHE C 165 16.05 -24.57 -4.64
CA PHE C 165 16.04 -23.29 -5.26
C PHE C 165 16.48 -22.21 -4.29
N ILE C 166 16.74 -21.05 -4.86
CA ILE C 166 16.94 -19.79 -4.13
C ILE C 166 15.58 -19.29 -3.71
N PRO C 167 15.47 -18.63 -2.53
CA PRO C 167 14.18 -17.95 -2.24
C PRO C 167 13.84 -16.95 -3.32
N PHE C 168 12.57 -16.65 -3.56
CA PHE C 168 11.40 -17.02 -2.76
C PHE C 168 10.60 -17.99 -3.58
N ASN C 169 10.26 -19.13 -3.00
CA ASN C 169 9.56 -20.16 -3.72
C ASN C 169 8.89 -21.10 -2.74
N ARG C 170 7.77 -21.65 -3.12
CA ARG C 170 7.07 -22.67 -2.36
C ARG C 170 6.15 -23.50 -3.27
N ASN C 171 5.22 -24.28 -2.73
CA ASN C 171 4.42 -25.22 -3.47
C ASN C 171 5.26 -26.12 -4.38
N GLY C 172 6.36 -26.64 -3.82
CA GLY C 172 7.22 -27.57 -4.54
C GLY C 172 6.58 -28.93 -4.51
N VAL C 173 6.50 -29.63 -5.66
CA VAL C 173 5.81 -30.88 -5.73
C VAL C 173 6.59 -31.66 -6.78
N LEU C 174 7.25 -32.72 -6.31
CA LEU C 174 7.95 -33.65 -7.20
C LEU C 174 6.99 -34.47 -8.03
N PHE C 175 7.47 -34.85 -9.22
CA PHE C 175 6.89 -35.92 -9.99
C PHE C 175 7.32 -37.29 -9.45
N PRO C 176 6.42 -38.28 -9.53
CA PRO C 176 6.64 -39.56 -8.85
C PRO C 176 7.49 -40.55 -9.67
N ARG C 177 8.10 -40.11 -10.78
CA ARG C 177 9.09 -40.94 -11.44
C ARG C 177 9.95 -39.94 -12.13
N LYS C 178 11.04 -40.39 -12.70
CA LYS C 178 11.89 -39.53 -13.49
C LYS C 178 11.23 -39.22 -14.83
N ILE C 179 11.59 -38.07 -15.41
CA ILE C 179 11.09 -37.63 -16.71
C ILE C 179 12.28 -37.39 -17.54
N ASN C 180 12.37 -38.16 -18.61
CA ASN C 180 13.58 -38.23 -19.45
C ASN C 180 14.88 -38.36 -18.67
N GLY C 181 14.88 -39.23 -17.69
CA GLY C 181 16.11 -39.49 -17.00
C GLY C 181 16.44 -38.52 -15.89
N ARG C 182 15.50 -37.62 -15.56
CA ARG C 182 15.74 -36.58 -14.53
C ARG C 182 14.67 -36.45 -13.58
N PHE C 183 15.05 -36.02 -12.37
CA PHE C 183 14.04 -35.72 -11.39
C PHE C 183 13.36 -34.49 -11.93
N ALA C 184 12.09 -34.36 -11.60
CA ALA C 184 11.30 -33.18 -11.96
C ALA C 184 10.42 -32.66 -10.83
N MET C 185 10.35 -31.32 -10.79
CA MET C 185 9.59 -30.64 -9.74
C MET C 185 8.85 -29.38 -10.19
N LEU C 186 7.60 -29.35 -9.83
CA LEU C 186 6.76 -28.13 -9.95
C LEU C 186 7.06 -27.20 -8.76
N SER C 187 7.14 -25.89 -9.00
CA SER C 187 7.35 -24.92 -7.92
C SER C 187 6.47 -23.69 -8.22
N ARG C 188 6.70 -22.62 -7.48
CA ARG C 188 5.77 -21.45 -7.46
C ARG C 188 6.49 -20.23 -6.93
N PRO C 189 7.25 -19.53 -7.78
CA PRO C 189 7.94 -18.38 -7.36
C PRO C 189 7.02 -17.38 -6.66
N SER C 190 7.53 -16.90 -5.56
CA SER C 190 6.72 -16.14 -4.60
C SER C 190 7.49 -14.87 -4.20
N ASP C 191 7.06 -14.29 -3.06
CA ASP C 191 7.83 -13.21 -2.44
C ASP C 191 8.02 -13.50 -0.94
N ASN C 192 8.40 -12.44 -0.21
CA ASN C 192 8.64 -12.51 1.22
C ASN C 192 7.38 -12.31 2.12
N GLY C 193 6.17 -12.29 1.57
CA GLY C 193 4.94 -12.01 2.36
C GLY C 193 3.80 -12.96 1.96
N HIS C 194 2.57 -12.54 2.11
CA HIS C 194 1.37 -13.24 1.59
C HIS C 194 1.20 -12.85 0.09
N THR C 195 2.01 -13.51 -0.66
CA THR C 195 2.29 -13.16 -2.07
C THR C 195 1.04 -12.91 -2.91
N PRO C 196 0.95 -11.78 -3.58
CA PRO C 196 -0.26 -11.46 -4.33
C PRO C 196 -0.19 -11.85 -5.77
N PHE C 197 0.58 -12.87 -6.09
CA PHE C 197 0.74 -13.33 -7.47
C PHE C 197 1.24 -14.78 -7.41
N GLY C 198 1.27 -15.49 -8.52
CA GLY C 198 1.83 -16.80 -8.53
C GLY C 198 1.58 -17.69 -9.72
N ASP C 199 2.64 -17.95 -10.48
CA ASP C 199 2.69 -18.90 -11.62
C ASP C 199 3.30 -20.24 -11.16
N ILE C 200 2.85 -21.33 -11.74
CA ILE C 200 3.47 -22.63 -11.59
C ILE C 200 4.60 -22.75 -12.60
N PHE C 201 5.76 -23.20 -12.09
CA PHE C 201 6.91 -23.48 -12.88
C PHE C 201 7.30 -24.98 -12.73
N TYR C 202 8.18 -25.41 -13.65
CA TYR C 202 8.67 -26.77 -13.75
C TYR C 202 10.17 -26.74 -13.88
N SER C 203 10.87 -27.61 -13.12
CA SER C 203 12.34 -27.66 -13.25
C SER C 203 12.83 -29.09 -13.16
N GLU C 204 14.06 -29.33 -13.62
CA GLU C 204 14.57 -30.70 -13.58
C GLU C 204 15.95 -30.76 -12.94
N SER C 205 16.30 -31.96 -12.51
CA SER C 205 17.61 -32.19 -11.88
C SER C 205 18.09 -33.59 -12.18
N PRO C 206 19.34 -33.72 -12.58
CA PRO C 206 19.87 -35.11 -12.73
C PRO C 206 20.17 -35.82 -11.41
N ASP C 207 20.22 -35.10 -10.29
CA ASP C 207 20.82 -35.69 -9.08
C ASP C 207 20.23 -35.20 -7.75
N MET C 208 19.17 -34.45 -7.84
CA MET C 208 18.50 -33.98 -6.59
C MET C 208 19.42 -33.00 -5.86
N GLU C 209 20.30 -32.31 -6.61
CA GLU C 209 21.22 -31.33 -6.06
C GLU C 209 21.27 -30.06 -6.94
N PHE C 210 21.50 -30.26 -8.25
CA PHE C 210 21.58 -29.17 -9.18
C PHE C 210 20.34 -29.18 -10.05
N TRP C 211 19.68 -28.02 -10.14
CA TRP C 211 18.36 -27.89 -10.78
C TRP C 211 18.40 -26.89 -11.97
N GLY C 212 17.58 -27.07 -12.99
CA GLY C 212 17.69 -26.25 -14.15
C GLY C 212 16.63 -26.59 -15.19
N ARG C 213 16.79 -26.07 -16.36
CA ARG C 213 15.78 -26.24 -17.42
C ARG C 213 14.42 -25.79 -16.98
N HIS C 214 14.37 -24.57 -16.43
CA HIS C 214 13.15 -24.05 -15.85
C HIS C 214 12.17 -23.67 -16.93
N ARG C 215 10.96 -24.10 -16.75
CA ARG C 215 9.88 -23.82 -17.70
C ARG C 215 8.63 -23.36 -16.99
N HIS C 216 7.95 -22.38 -17.60
CA HIS C 216 6.68 -21.89 -17.16
C HIS C 216 5.56 -22.86 -17.47
N VAL C 217 4.79 -23.26 -16.48
CA VAL C 217 3.72 -24.18 -16.65
C VAL C 217 2.44 -23.41 -16.93
N MET C 218 2.01 -22.63 -15.96
CA MET C 218 0.81 -21.82 -16.17
C MET C 218 0.71 -20.65 -15.26
N SER C 219 -0.08 -19.66 -15.72
CA SER C 219 -0.32 -18.46 -14.91
C SER C 219 -1.79 -18.45 -14.44
N PRO C 220 -2.10 -17.55 -13.46
CA PRO C 220 -3.44 -17.34 -13.13
C PRO C 220 -4.26 -16.98 -14.36
N ALA C 221 -5.50 -17.43 -14.40
CA ALA C 221 -6.46 -17.10 -15.47
C ALA C 221 -6.94 -15.67 -15.33
N ALA C 222 -7.44 -15.12 -16.41
CA ALA C 222 -8.15 -13.84 -16.37
C ALA C 222 -9.40 -13.88 -15.49
N PHE C 223 -9.68 -12.80 -14.77
CA PHE C 223 -10.84 -12.84 -13.86
C PHE C 223 -12.14 -13.00 -14.57
N GLU C 224 -12.23 -12.46 -15.76
CA GLU C 224 -13.48 -12.61 -16.54
C GLU C 224 -13.70 -14.01 -17.14
N VAL C 225 -12.63 -14.83 -17.14
CA VAL C 225 -12.71 -16.21 -17.55
C VAL C 225 -12.93 -17.21 -16.40
N SER C 226 -12.09 -17.17 -15.35
CA SER C 226 -12.13 -18.17 -14.32
C SER C 226 -11.57 -17.52 -13.06
N ALA C 227 -12.44 -16.84 -12.28
CA ALA C 227 -11.96 -15.96 -11.27
C ALA C 227 -11.45 -16.72 -10.02
N TRP C 228 -11.89 -17.98 -9.80
CA TRP C 228 -11.41 -18.77 -8.64
C TRP C 228 -9.89 -19.00 -8.68
N GLN C 229 -9.27 -18.77 -9.82
CA GLN C 229 -7.87 -18.99 -10.07
C GLN C 229 -7.26 -17.80 -10.73
N CYS C 230 -7.71 -16.59 -10.42
CA CYS C 230 -7.13 -15.39 -11.08
C CYS C 230 -6.09 -14.54 -10.37
N THR C 231 -5.85 -14.74 -9.08
CA THR C 231 -4.83 -14.04 -8.36
C THR C 231 -3.52 -14.79 -8.35
N LYS C 232 -3.60 -16.04 -7.98
CA LYS C 232 -2.43 -16.95 -7.93
C LYS C 232 -2.85 -18.36 -7.95
N ILE C 233 -1.91 -19.25 -8.29
CA ILE C 233 -2.20 -20.65 -8.35
C ILE C 233 -0.93 -21.37 -7.77
N GLY C 234 -1.12 -22.60 -7.36
CA GLY C 234 0.00 -23.45 -6.84
C GLY C 234 -0.32 -24.90 -6.89
N ALA C 235 0.69 -25.78 -7.15
CA ALA C 235 0.44 -27.18 -7.17
C ALA C 235 0.06 -27.76 -5.86
N GLY C 236 -0.76 -28.79 -5.93
CA GLY C 236 -1.16 -29.51 -4.74
C GLY C 236 -0.60 -30.91 -4.61
N PRO C 237 -1.46 -31.92 -4.65
CA PRO C 237 -0.94 -33.30 -4.64
C PRO C 237 0.12 -33.62 -5.69
N ILE C 238 0.84 -34.69 -5.40
CA ILE C 238 1.81 -35.19 -6.38
C ILE C 238 1.06 -35.45 -7.69
N PRO C 239 1.66 -35.07 -8.83
CA PRO C 239 1.03 -35.39 -10.17
C PRO C 239 0.72 -36.85 -10.31
N VAL C 240 -0.45 -37.10 -10.89
CA VAL C 240 -0.95 -38.44 -11.06
C VAL C 240 -0.87 -38.82 -12.56
N GLU C 241 -0.10 -39.86 -12.86
CA GLU C 241 0.10 -40.22 -14.23
C GLU C 241 -1.17 -40.88 -14.77
N THR C 242 -1.59 -40.45 -15.96
CA THR C 242 -2.67 -41.11 -16.67
C THR C 242 -2.27 -41.27 -18.13
N PRO C 243 -3.00 -42.09 -18.89
CA PRO C 243 -2.66 -42.13 -20.33
C PRO C 243 -2.85 -40.82 -21.11
N GLU C 244 -3.62 -39.88 -20.56
CA GLU C 244 -3.91 -38.61 -21.22
C GLU C 244 -3.11 -37.45 -20.67
N GLY C 245 -2.10 -37.74 -19.87
CA GLY C 245 -1.26 -36.66 -19.34
C GLY C 245 -1.12 -36.81 -17.84
N TRP C 246 -0.39 -35.89 -17.27
CA TRP C 246 -0.28 -35.84 -15.82
C TRP C 246 -1.47 -35.05 -15.26
N LEU C 247 -2.25 -35.65 -14.35
CA LEU C 247 -3.36 -34.98 -13.69
C LEU C 247 -2.78 -34.20 -12.56
N LEU C 248 -2.86 -32.87 -12.74
CA LEU C 248 -2.49 -31.92 -11.74
C LEU C 248 -3.69 -31.34 -11.05
N ILE C 249 -3.72 -31.54 -9.73
CA ILE C 249 -4.74 -30.91 -8.91
CA ILE C 249 -4.73 -30.90 -8.93
C ILE C 249 -4.07 -29.72 -8.24
N TYR C 250 -4.64 -28.50 -8.41
CA TYR C 250 -3.95 -27.35 -7.95
C TYR C 250 -4.96 -26.37 -7.32
N HIS C 251 -4.44 -25.54 -6.45
CA HIS C 251 -5.23 -24.46 -5.87
C HIS C 251 -5.20 -23.19 -6.72
N GLY C 252 -6.29 -22.41 -6.57
CA GLY C 252 -6.37 -21.11 -7.17
C GLY C 252 -7.00 -20.15 -6.16
N VAL C 253 -6.54 -18.93 -6.24
CA VAL C 253 -6.99 -17.83 -5.34
C VAL C 253 -7.77 -16.77 -6.08
N LEU C 254 -8.84 -16.34 -5.43
CA LEU C 254 -9.65 -15.22 -5.84
C LEU C 254 -9.50 -14.16 -4.69
N HIS C 255 -9.38 -12.89 -5.06
CA HIS C 255 -9.22 -11.80 -4.09
C HIS C 255 -10.49 -11.02 -3.98
N SER C 256 -11.21 -11.20 -2.87
CA SER C 256 -12.41 -10.38 -2.62
C SER C 256 -12.00 -9.15 -1.76
N CYS C 257 -12.95 -8.27 -1.45
CA CYS C 257 -12.65 -7.14 -0.56
C CYS C 257 -12.18 -7.61 0.82
N ASN C 258 -12.59 -8.81 1.27
CA ASN C 258 -12.31 -9.35 2.58
C ASN C 258 -11.16 -10.39 2.66
N GLY C 259 -10.50 -10.65 1.53
CA GLY C 259 -9.31 -11.47 1.53
C GLY C 259 -9.33 -12.47 0.40
N TYR C 260 -8.63 -13.54 0.62
CA TYR C 260 -8.44 -14.58 -0.35
C TYR C 260 -9.39 -15.71 -0.12
N VAL C 261 -9.90 -16.31 -1.20
CA VAL C 261 -10.66 -17.54 -1.12
C VAL C 261 -9.85 -18.56 -1.96
N TYR C 262 -9.53 -19.69 -1.36
CA TYR C 262 -8.75 -20.77 -1.99
C TYR C 262 -9.72 -21.84 -2.42
N SER C 263 -9.76 -22.13 -3.71
CA SER C 263 -10.55 -23.25 -4.23
C SER C 263 -9.50 -24.20 -4.97
N PHE C 264 -9.95 -25.31 -5.51
CA PHE C 264 -8.99 -26.10 -6.27
C PHE C 264 -9.68 -26.72 -7.47
N GLY C 265 -8.87 -27.05 -8.47
CA GLY C 265 -9.36 -27.62 -9.74
C GLY C 265 -8.28 -28.50 -10.34
N SER C 266 -8.38 -28.72 -11.63
CA SER C 266 -7.58 -29.76 -12.29
C SER C 266 -7.12 -29.35 -13.64
N ALA C 267 -5.94 -29.86 -14.02
CA ALA C 267 -5.36 -29.70 -15.30
C ALA C 267 -4.64 -30.95 -15.74
N LEU C 268 -4.44 -31.03 -17.05
CA LEU C 268 -3.70 -32.18 -17.67
C LEU C 268 -2.44 -31.64 -18.31
N LEU C 269 -1.29 -32.20 -17.95
CA LEU C 269 0.01 -31.78 -18.47
C LEU C 269 0.51 -32.88 -19.43
N ASP C 270 1.26 -32.46 -20.44
CA ASP C 270 1.83 -33.44 -21.39
C ASP C 270 2.74 -34.43 -20.63
N LEU C 271 2.71 -35.70 -21.05
CA LEU C 271 3.50 -36.71 -20.30
C LEU C 271 4.98 -36.49 -20.36
N ASP C 272 5.47 -36.15 -21.56
CA ASP C 272 6.92 -36.03 -21.80
C ASP C 272 7.54 -34.68 -21.54
N GLU C 273 6.70 -33.63 -21.67
CA GLU C 273 7.11 -32.27 -21.43
C GLU C 273 6.06 -31.59 -20.54
N PRO C 274 6.11 -31.87 -19.22
CA PRO C 274 4.97 -31.52 -18.37
C PRO C 274 4.73 -30.04 -18.12
N TRP C 275 5.60 -29.17 -18.61
CA TRP C 275 5.32 -27.77 -18.60
C TRP C 275 4.30 -27.36 -19.67
N LYS C 276 3.94 -28.26 -20.59
CA LYS C 276 2.95 -28.00 -21.63
C LYS C 276 1.58 -28.41 -21.13
N VAL C 277 0.74 -27.42 -20.80
CA VAL C 277 -0.60 -27.72 -20.31
C VAL C 277 -1.48 -28.10 -21.48
N LYS C 278 -2.22 -29.19 -21.46
CA LYS C 278 -3.04 -29.56 -22.58
C LYS C 278 -4.47 -29.18 -22.33
N PHE C 279 -4.95 -29.27 -21.09
CA PHE C 279 -6.30 -28.92 -20.78
C PHE C 279 -6.24 -28.38 -19.35
N ARG C 280 -7.17 -27.45 -19.06
CA ARG C 280 -7.22 -26.81 -17.75
C ARG C 280 -8.67 -26.40 -17.41
N SER C 281 -9.22 -26.83 -16.30
CA SER C 281 -10.62 -26.69 -16.01
C SER C 281 -11.00 -25.22 -15.85
N GLY C 282 -12.16 -24.89 -16.37
CA GLY C 282 -12.76 -23.57 -16.09
C GLY C 282 -13.37 -23.51 -14.73
N PRO C 283 -14.28 -24.45 -14.44
CA PRO C 283 -14.84 -24.43 -13.08
C PRO C 283 -13.86 -25.00 -12.09
N TYR C 284 -14.12 -24.75 -10.81
CA TYR C 284 -13.38 -25.45 -9.79
C TYR C 284 -13.93 -26.87 -9.54
N LEU C 285 -13.11 -27.70 -8.89
CA LEU C 285 -13.61 -28.97 -8.36
C LEU C 285 -14.23 -28.89 -6.96
N LEU C 286 -13.62 -28.03 -6.15
CA LEU C 286 -14.04 -27.80 -4.78
C LEU C 286 -13.69 -26.38 -4.35
N ALA C 287 -14.59 -25.83 -3.57
CA ALA C 287 -14.46 -24.45 -3.04
C ALA C 287 -15.06 -24.39 -1.61
N PRO C 288 -14.66 -23.39 -0.83
CA PRO C 288 -15.01 -23.42 0.60
C PRO C 288 -16.49 -23.27 0.75
N ARG C 289 -17.10 -24.26 1.37
CA ARG C 289 -18.52 -24.28 1.48
C ARG C 289 -19.02 -24.63 2.88
N GLU C 290 -18.37 -25.58 3.54
CA GLU C 290 -18.81 -26.10 4.78
C GLU C 290 -18.24 -25.22 5.96
N PRO C 291 -18.90 -25.23 7.10
CA PRO C 291 -18.41 -24.49 8.28
C PRO C 291 -16.93 -24.74 8.59
N TYR C 292 -16.47 -25.98 8.40
CA TYR C 292 -15.05 -26.28 8.71
C TYR C 292 -14.07 -25.79 7.63
N GLU C 293 -14.60 -25.35 6.47
CA GLU C 293 -13.79 -24.71 5.44
C GLU C 293 -13.89 -23.17 5.48
N CYS C 294 -14.95 -22.68 6.05
CA CYS C 294 -15.27 -21.26 6.02
C CYS C 294 -14.85 -20.50 7.31
N MET C 295 -14.73 -21.21 8.42
CA MET C 295 -14.42 -20.65 9.72
C MET C 295 -13.16 -21.30 10.29
N GLY C 296 -12.28 -20.53 10.92
CA GLY C 296 -11.07 -21.07 11.53
C GLY C 296 -9.95 -20.07 11.39
N ASP C 297 -8.70 -20.55 11.47
CA ASP C 297 -7.58 -19.67 11.53
C ASP C 297 -7.37 -18.80 10.31
N VAL C 298 -7.71 -19.37 9.13
CA VAL C 298 -7.72 -18.63 7.90
C VAL C 298 -9.00 -19.02 7.15
N PRO C 299 -10.00 -18.16 7.21
CA PRO C 299 -11.31 -18.49 6.69
C PRO C 299 -11.30 -18.69 5.16
N ASN C 300 -12.15 -19.57 4.69
CA ASN C 300 -12.43 -19.75 3.20
C ASN C 300 -11.25 -20.31 2.43
N VAL C 301 -10.68 -21.39 2.97
CA VAL C 301 -9.52 -22.05 2.34
C VAL C 301 -9.79 -23.54 2.19
N CYS C 302 -9.66 -24.00 0.96
CA CYS C 302 -9.64 -25.45 0.68
C CYS C 302 -8.30 -25.69 -0.10
N PHE C 303 -7.30 -26.34 0.55
CA PHE C 303 -5.94 -26.33 0.03
C PHE C 303 -5.50 -27.77 -0.19
N PRO C 304 -5.48 -28.29 -1.43
CA PRO C 304 -5.27 -29.72 -1.60
C PRO C 304 -3.79 -30.01 -1.47
N CYS C 305 -3.40 -31.09 -0.75
CA CYS C 305 -1.97 -31.31 -0.42
CA CYS C 305 -1.98 -31.34 -0.39
C CYS C 305 -1.47 -32.72 -0.79
N ALA C 306 -2.40 -33.66 -1.04
CA ALA C 306 -2.08 -35.04 -1.33
C ALA C 306 -3.24 -35.83 -1.87
N ALA C 307 -2.89 -36.94 -2.56
CA ALA C 307 -3.89 -37.84 -3.06
C ALA C 307 -3.41 -39.28 -3.02
N LEU C 308 -4.33 -40.20 -2.75
CA LEU C 308 -4.14 -41.63 -2.93
C LEU C 308 -5.03 -42.05 -4.11
N HIS C 309 -4.52 -42.92 -4.96
CA HIS C 309 -5.35 -43.32 -6.11
C HIS C 309 -5.15 -44.77 -6.48
N ASP C 310 -6.13 -45.34 -7.16
CA ASP C 310 -6.07 -46.74 -7.63
C ASP C 310 -6.41 -46.79 -9.12
N ASN C 311 -5.41 -47.01 -9.96
CA ASN C 311 -5.69 -47.12 -11.43
C ASN C 311 -6.67 -48.20 -11.89
N GLU C 312 -6.71 -49.30 -11.18
CA GLU C 312 -7.66 -50.37 -11.46
C GLU C 312 -9.08 -49.92 -11.37
N THR C 313 -9.44 -49.17 -10.33
CA THR C 313 -10.82 -48.75 -10.15
C THR C 313 -11.02 -47.32 -10.57
N GLY C 314 -9.95 -46.57 -10.84
CA GLY C 314 -10.02 -45.14 -11.10
C GLY C 314 -10.29 -44.27 -9.83
N ARG C 315 -10.46 -44.90 -8.70
CA ARG C 315 -10.71 -44.15 -7.46
C ARG C 315 -9.60 -43.21 -7.11
N ILE C 316 -9.99 -42.00 -6.64
CA ILE C 316 -8.99 -41.14 -6.08
C ILE C 316 -9.58 -40.48 -4.83
N ALA C 317 -8.72 -40.40 -3.80
CA ALA C 317 -8.99 -39.68 -2.53
C ALA C 317 -8.01 -38.53 -2.34
N ILE C 318 -8.57 -37.30 -2.21
CA ILE C 318 -7.77 -36.09 -2.25
C ILE C 318 -7.86 -35.45 -0.85
N TYR C 319 -6.70 -35.28 -0.23
CA TYR C 319 -6.60 -34.67 1.15
C TYR C 319 -6.49 -33.19 0.99
N TYR C 320 -7.16 -32.41 1.88
CA TYR C 320 -7.03 -30.96 1.72
C TYR C 320 -7.21 -30.22 3.06
N GLY C 321 -6.46 -29.17 3.22
CA GLY C 321 -6.52 -28.31 4.38
C GLY C 321 -7.76 -27.47 4.34
N CYS C 322 -8.45 -27.40 5.47
CA CYS C 322 -9.69 -26.63 5.61
C CYS C 322 -9.52 -25.47 6.52
N ALA C 323 -9.63 -24.25 6.00
CA ALA C 323 -9.50 -23.03 6.81
C ALA C 323 -8.19 -22.91 7.59
N ASP C 324 -7.15 -23.57 7.09
CA ASP C 324 -5.87 -23.68 7.81
C ASP C 324 -6.02 -24.09 9.25
N THR C 325 -6.95 -25.00 9.47
CA THR C 325 -7.31 -25.46 10.78
C THR C 325 -7.32 -27.00 10.92
N VAL C 326 -8.04 -27.67 10.04
CA VAL C 326 -8.25 -29.11 10.11
C VAL C 326 -8.03 -29.69 8.67
N THR C 327 -8.03 -31.02 8.59
CA THR C 327 -7.80 -31.73 7.32
C THR C 327 -9.06 -32.44 6.92
N GLY C 328 -9.39 -32.29 5.64
CA GLY C 328 -10.54 -32.99 5.08
C GLY C 328 -10.16 -33.93 3.89
N LEU C 329 -11.09 -34.78 3.52
CA LEU C 329 -10.95 -35.70 2.37
C LEU C 329 -12.10 -35.48 1.40
N ALA C 330 -11.83 -35.65 0.11
CA ALA C 330 -12.83 -35.67 -0.94
C ALA C 330 -12.46 -36.79 -1.94
N PHE C 331 -13.48 -37.35 -2.57
CA PHE C 331 -13.39 -38.48 -3.45
C PHE C 331 -13.86 -38.15 -4.82
N GLY C 332 -13.29 -38.86 -5.78
CA GLY C 332 -13.72 -38.77 -7.20
C GLY C 332 -13.18 -39.96 -7.96
N TYR C 333 -13.50 -39.95 -9.26
CA TYR C 333 -12.99 -40.98 -10.16
C TYR C 333 -12.07 -40.29 -11.14
N ILE C 334 -10.88 -40.83 -11.37
CA ILE C 334 -9.91 -40.23 -12.28
C ILE C 334 -10.51 -40.03 -13.74
N PRO C 335 -11.18 -41.03 -14.33
CA PRO C 335 -11.70 -40.84 -15.67
C PRO C 335 -12.73 -39.71 -15.72
N GLU C 336 -13.56 -39.58 -14.68
CA GLU C 336 -14.49 -38.43 -14.61
C GLU C 336 -13.79 -37.09 -14.51
N ILE C 337 -12.71 -37.03 -13.72
CA ILE C 337 -11.92 -35.84 -13.61
C ILE C 337 -11.21 -35.47 -14.89
N ILE C 338 -10.74 -36.47 -15.62
CA ILE C 338 -10.11 -36.20 -16.91
C ILE C 338 -11.17 -35.64 -17.86
N GLU C 339 -12.33 -36.24 -17.87
CA GLU C 339 -13.37 -35.81 -18.85
C GLU C 339 -13.87 -34.38 -18.49
N PHE C 340 -13.99 -34.08 -17.20
CA PHE C 340 -14.43 -32.73 -16.74
C PHE C 340 -13.39 -31.71 -17.16
N THR C 341 -12.14 -32.04 -16.95
CA THR C 341 -11.00 -31.19 -17.29
C THR C 341 -10.99 -30.83 -18.79
N LYS C 342 -11.17 -31.84 -19.65
CA LYS C 342 -11.14 -31.63 -21.03
C LYS C 342 -12.40 -30.92 -21.50
N ARG C 343 -13.58 -31.34 -21.08
CA ARG C 343 -14.76 -30.72 -21.58
C ARG C 343 -14.98 -29.30 -21.15
N THR C 344 -14.41 -28.92 -19.98
CA THR C 344 -14.59 -27.55 -19.50
C THR C 344 -13.35 -26.72 -19.74
N SER C 345 -12.40 -27.23 -20.54
CA SER C 345 -11.11 -26.61 -20.70
C SER C 345 -11.11 -25.18 -21.15
N ILE C 346 -10.31 -24.33 -20.49
CA ILE C 346 -10.11 -22.96 -20.93
C ILE C 346 -8.87 -22.75 -21.77
N ILE C 347 -8.35 -23.70 -22.16
CA ILE C 347 -7.48 -23.69 -23.28
C ILE C 347 -7.84 -24.85 -24.24
N ILE D 28 25.82 40.61 17.44
CA ILE D 28 25.84 41.04 16.01
C ILE D 28 25.51 39.84 15.13
N ILE D 29 24.24 39.70 14.78
CA ILE D 29 23.82 38.59 13.97
C ILE D 29 24.02 38.87 12.48
N PRO D 30 24.11 37.80 11.65
CA PRO D 30 24.34 37.96 10.22
C PRO D 30 23.22 38.68 9.50
N TRP D 31 23.57 39.49 8.52
CA TRP D 31 22.58 40.26 7.82
C TRP D 31 22.99 40.62 6.38
N GLU D 32 22.04 40.57 5.46
CA GLU D 32 22.17 41.19 4.16
C GLU D 32 20.86 41.89 3.87
N GLU D 33 20.98 43.11 3.35
CA GLU D 33 19.83 43.94 3.02
C GLU D 33 19.09 43.32 1.86
N ARG D 34 17.80 43.58 1.78
CA ARG D 34 17.03 42.97 0.72
C ARG D 34 17.57 43.48 -0.60
N PRO D 35 17.73 42.59 -1.59
CA PRO D 35 18.04 43.13 -2.92
C PRO D 35 17.08 44.26 -3.33
N ALA D 36 17.53 45.21 -4.15
CA ALA D 36 16.67 46.32 -4.58
C ALA D 36 15.55 45.77 -5.46
N GLY D 37 14.37 46.37 -5.36
CA GLY D 37 13.20 45.89 -6.11
C GLY D 37 12.56 44.63 -5.56
N CYS D 38 13.33 43.77 -4.87
CA CYS D 38 12.77 42.55 -4.26
C CYS D 38 11.66 42.89 -3.26
N LYS D 39 10.45 42.39 -3.51
CA LYS D 39 9.31 42.57 -2.65
C LYS D 39 9.06 41.28 -1.79
N ASP D 40 9.97 40.30 -1.83
CA ASP D 40 9.81 39.12 -0.97
C ASP D 40 10.00 39.44 0.51
N VAL D 41 9.27 38.71 1.35
CA VAL D 41 9.35 38.85 2.80
C VAL D 41 10.63 38.25 3.34
N LEU D 42 11.07 37.14 2.75
CA LEU D 42 12.39 36.55 3.01
C LEU D 42 13.25 36.54 1.77
N TRP D 43 14.54 36.77 1.92
CA TRP D 43 15.44 36.72 0.81
C TRP D 43 16.60 35.83 1.20
N ARG D 44 17.00 34.98 0.27
CA ARG D 44 18.09 34.06 0.50
C ARG D 44 19.39 34.84 0.55
N SER D 45 20.29 34.40 1.42
CA SER D 45 21.66 34.88 1.41
C SER D 45 22.25 34.61 0.04
N VAL D 46 23.06 35.56 -0.44
CA VAL D 46 23.77 35.43 -1.71
C VAL D 46 24.97 34.47 -1.59
N ALA D 47 25.28 34.04 -0.36
CA ALA D 47 26.40 33.14 -0.05
C ALA D 47 25.94 31.73 0.28
N ASN D 48 24.68 31.39 -0.01
CA ASN D 48 24.18 30.01 0.17
C ASN D 48 24.85 29.10 -0.87
N PRO D 49 25.14 27.84 -0.53
CA PRO D 49 24.96 27.29 0.81
C PRO D 49 26.00 27.87 1.73
N ILE D 50 25.64 28.10 2.98
CA ILE D 50 26.62 28.61 3.95
C ILE D 50 27.41 27.50 4.61
N ILE D 51 26.99 26.26 4.48
CA ILE D 51 27.75 25.13 5.00
C ILE D 51 27.71 24.02 3.97
N PRO D 52 28.88 23.53 3.53
CA PRO D 52 28.95 22.55 2.47
C PRO D 52 28.83 21.13 2.98
N ARG D 53 28.39 20.23 2.13
CA ARG D 53 28.18 18.83 2.49
C ARG D 53 29.41 18.12 3.03
N ASP D 54 30.56 18.53 2.52
CA ASP D 54 31.82 17.86 2.80
C ASP D 54 32.74 18.68 3.72
N LEU D 55 32.17 19.37 4.70
CA LEU D 55 32.97 20.17 5.56
C LEU D 55 33.88 19.27 6.42
N LEU D 56 33.36 18.17 6.94
CA LEU D 56 34.18 17.17 7.70
C LEU D 56 34.77 16.05 6.78
N PRO D 57 35.83 15.39 7.23
CA PRO D 57 36.43 14.32 6.44
C PRO D 57 35.52 13.16 6.05
N THR D 58 34.55 12.84 6.88
CA THR D 58 33.60 11.77 6.60
C THR D 58 32.10 12.25 6.48
N SER D 59 31.86 13.53 6.23
CA SER D 59 30.50 13.99 6.18
C SER D 59 29.98 13.85 4.76
N ASN D 60 28.75 13.36 4.69
CA ASN D 60 28.00 13.21 3.45
C ASN D 60 27.06 14.40 3.24
N SER D 61 26.55 14.89 4.36
CA SER D 61 25.64 16.03 4.35
C SER D 61 25.57 16.73 5.67
N ILE D 62 25.26 18.01 5.61
CA ILE D 62 25.16 18.85 6.82
C ILE D 62 24.04 19.84 6.59
N PHE D 63 22.92 19.60 7.26
CA PHE D 63 21.69 20.27 6.89
C PHE D 63 20.73 20.61 8.02
N ASN D 64 21.13 20.42 9.26
CA ASN D 64 20.47 21.05 10.39
C ASN D 64 21.51 21.85 11.17
N SER D 65 21.23 23.11 11.47
CA SER D 65 22.13 23.99 12.21
C SER D 65 21.35 24.58 13.35
N ALA D 66 21.50 23.99 14.54
CA ALA D 66 20.81 24.46 15.76
C ALA D 66 21.68 25.49 16.52
N VAL D 67 21.55 26.73 16.10
CA VAL D 67 22.50 27.81 16.35
C VAL D 67 21.97 28.76 17.44
N VAL D 68 22.85 29.17 18.37
CA VAL D 68 22.56 30.18 19.39
C VAL D 68 23.75 31.12 19.54
N PRO D 69 23.52 32.37 20.02
CA PRO D 69 24.68 33.15 20.49
C PRO D 69 25.33 32.41 21.65
N PHE D 70 26.66 32.45 21.71
CA PHE D 70 27.42 31.90 22.83
C PHE D 70 28.72 32.66 23.04
N GLY D 71 28.95 33.09 24.29
CA GLY D 71 30.12 33.91 24.63
C GLY D 71 30.39 35.04 23.64
N ASP D 72 31.62 35.12 23.12
CA ASP D 72 32.01 36.14 22.16
C ASP D 72 31.48 35.91 20.75
N GLY D 73 30.79 34.80 20.48
CA GLY D 73 30.39 34.45 19.14
C GLY D 73 29.14 33.58 19.09
N PHE D 74 29.21 32.49 18.32
CA PHE D 74 28.07 31.56 18.19
C PHE D 74 28.47 30.11 18.37
N ALA D 75 27.50 29.30 18.81
CA ALA D 75 27.64 27.85 18.95
C ALA D 75 26.46 27.15 18.36
N GLY D 76 26.64 25.88 18.07
CA GLY D 76 25.53 25.12 17.53
C GLY D 76 25.68 23.63 17.67
N VAL D 77 24.55 22.92 17.43
CA VAL D 77 24.53 21.47 17.32
C VAL D 77 24.05 21.20 15.93
N PHE D 78 24.79 20.36 15.21
CA PHE D 78 24.57 20.19 13.77
C PHE D 78 24.25 18.75 13.46
N ARG D 79 23.24 18.52 12.65
CA ARG D 79 23.07 17.18 12.07
C ARG D 79 24.07 17.02 10.94
N CYS D 80 25.02 16.10 11.11
CA CYS D 80 25.99 15.75 10.06
C CYS D 80 25.88 14.26 9.76
N ASP D 81 25.31 13.91 8.61
CA ASP D 81 25.22 12.49 8.29
C ASP D 81 26.52 12.11 7.62
N ASP D 82 27.09 11.01 8.08
CA ASP D 82 28.39 10.59 7.55
C ASP D 82 28.23 9.79 6.25
N THR D 83 29.39 9.31 5.75
CA THR D 83 29.51 8.51 4.54
C THR D 83 29.00 7.07 4.71
N SER D 84 28.66 6.71 5.94
CA SER D 84 27.92 5.51 6.20
C SER D 84 26.42 5.75 6.23
N ARG D 85 26.03 7.02 6.03
CA ARG D 85 24.66 7.48 6.14
C ARG D 85 24.09 7.25 7.55
N ARG D 86 24.97 7.36 8.55
CA ARG D 86 24.54 7.40 9.93
C ARG D 86 24.27 8.84 10.26
N MET D 87 23.27 9.06 11.11
CA MET D 87 22.84 10.37 11.57
C MET D 87 23.46 10.66 12.95
N ARG D 88 24.28 11.72 12.98
CA ARG D 88 25.02 12.13 14.15
C ARG D 88 24.89 13.63 14.38
N LEU D 89 25.07 14.05 15.64
CA LEU D 89 25.11 15.44 16.01
C LEU D 89 26.54 15.79 16.33
N HIS D 90 26.95 16.97 15.84
CA HIS D 90 28.28 17.51 16.08
C HIS D 90 28.11 18.93 16.59
N VAL D 91 28.95 19.30 17.56
CA VAL D 91 29.12 20.67 17.98
C VAL D 91 29.92 21.49 16.99
N GLY D 92 29.50 22.75 16.86
CA GLY D 92 30.19 23.73 16.04
C GLY D 92 30.28 25.08 16.73
N PHE D 93 31.23 25.87 16.26
CA PHE D 93 31.49 27.24 16.74
C PHE D 93 31.75 28.15 15.54
N SER D 94 31.34 29.41 15.68
CA SER D 94 31.55 30.43 14.68
C SER D 94 31.65 31.81 15.35
N LYS D 95 32.47 32.67 14.78
CA LYS D 95 32.58 34.04 15.29
C LYS D 95 31.51 34.86 14.60
N ASP D 96 31.10 34.49 13.38
CA ASP D 96 30.17 35.32 12.64
C ASP D 96 28.84 34.65 12.35
N ALA D 97 28.67 33.41 12.78
CA ALA D 97 27.45 32.66 12.50
C ALA D 97 27.24 32.20 11.03
N ILE D 98 28.17 32.52 10.13
CA ILE D 98 28.12 32.08 8.71
C ILE D 98 29.17 31.03 8.43
N ASN D 99 30.36 31.22 9.01
CA ASN D 99 31.48 30.37 8.77
C ASN D 99 31.69 29.53 10.01
N TRP D 100 31.55 28.22 9.83
CA TRP D 100 31.53 27.30 10.94
C TRP D 100 32.73 26.38 11.03
N ASN D 101 33.21 26.17 12.27
CA ASN D 101 34.21 25.16 12.58
C ASN D 101 33.56 24.09 13.41
N ILE D 102 33.23 22.99 12.74
CA ILE D 102 32.44 21.93 13.32
C ILE D 102 33.37 20.84 13.78
N LYS D 103 33.19 20.39 15.00
CA LYS D 103 34.01 19.33 15.53
C LYS D 103 33.93 18.06 14.69
N GLU D 104 35.04 17.40 14.41
CA GLU D 104 35.02 16.12 13.65
C GLU D 104 34.42 14.95 14.41
N GLU D 105 34.57 14.95 15.72
CA GLU D 105 33.97 13.89 16.51
C GLU D 105 32.52 14.26 16.74
N PRO D 106 31.65 13.25 16.68
CA PRO D 106 30.33 13.48 17.15
C PRO D 106 30.23 13.72 18.66
N LEU D 107 29.20 14.45 18.98
CA LEU D 107 28.86 14.79 20.33
C LEU D 107 28.47 13.52 21.06
N LYS D 108 28.96 13.34 22.27
CA LYS D 108 28.58 12.21 23.11
C LYS D 108 27.91 12.74 24.38
N PHE D 109 26.74 12.24 24.75
CA PHE D 109 26.02 12.72 25.94
C PHE D 109 26.50 11.98 27.19
N GLN D 110 26.49 12.62 28.34
CA GLN D 110 26.66 11.92 29.61
C GLN D 110 25.31 11.63 30.18
N CYS D 111 25.13 10.44 30.72
CA CYS D 111 23.86 10.13 31.31
C CYS D 111 24.11 9.23 32.49
N ASP D 112 23.47 9.50 33.64
CA ASP D 112 23.48 8.51 34.74
C ASP D 112 22.72 7.25 34.44
N ASP D 113 21.76 7.28 33.50
CA ASP D 113 20.91 6.10 33.25
C ASP D 113 21.41 5.38 31.97
N GLU D 114 21.87 4.17 32.12
CA GLU D 114 22.50 3.53 31.02
C GLU D 114 21.48 3.23 29.90
N GLU D 115 20.24 2.99 30.30
CA GLU D 115 19.15 2.60 29.42
C GLU D 115 18.82 3.76 28.43
N ILE D 116 18.65 4.94 29.01
CA ILE D 116 18.39 6.17 28.24
C ILE D 116 19.66 6.68 27.54
N GLY D 117 20.81 6.49 28.22
CA GLY D 117 22.08 6.96 27.71
C GLY D 117 22.57 6.17 26.50
N THR D 118 21.83 5.17 26.04
CA THR D 118 22.28 4.34 24.90
C THR D 118 22.01 5.07 23.58
N TRP D 119 23.06 5.32 22.80
CA TRP D 119 22.94 5.97 21.50
C TRP D 119 22.53 4.98 20.37
N VAL D 120 21.50 5.30 19.61
CA VAL D 120 21.09 4.49 18.47
C VAL D 120 21.27 5.39 17.26
N TYR D 121 20.62 6.55 17.31
CA TYR D 121 20.79 7.61 16.31
C TYR D 121 20.23 8.95 16.81
N GLY D 122 20.50 10.00 16.06
CA GLY D 122 20.05 11.28 16.42
C GLY D 122 20.04 12.22 15.25
N TYR D 123 18.92 12.91 15.10
CA TYR D 123 18.78 13.95 14.09
C TYR D 123 17.89 15.09 14.62
N ASP D 124 17.59 16.07 13.78
CA ASP D 124 16.58 17.12 14.09
C ASP D 124 16.95 17.91 15.36
N PRO D 125 18.21 18.36 15.49
CA PRO D 125 18.52 19.10 16.77
C PRO D 125 17.85 20.51 16.82
N ARG D 126 17.62 20.96 18.05
CA ARG D 126 17.23 22.33 18.34
C ARG D 126 17.92 22.73 19.66
N VAL D 127 18.26 24.00 19.77
CA VAL D 127 19.05 24.50 20.89
C VAL D 127 18.49 25.86 21.26
N CYS D 128 18.26 26.04 22.56
CA CYS D 128 17.92 27.35 23.12
C CYS D 128 18.41 27.46 24.58
N PHE D 129 18.71 28.69 24.97
CA PHE D 129 19.02 29.04 26.34
C PHE D 129 17.71 29.24 27.12
N ILE D 130 17.58 28.53 28.25
CA ILE D 130 16.45 28.75 29.14
C ILE D 130 16.92 28.98 30.60
N GLU D 131 16.73 30.21 31.07
CA GLU D 131 17.03 30.69 32.43
C GLU D 131 18.50 30.66 32.78
N ASP D 132 19.14 29.49 32.76
CA ASP D 132 20.55 29.40 33.20
C ASP D 132 21.44 28.47 32.43
N ARG D 133 20.94 27.87 31.37
CA ARG D 133 21.72 26.90 30.61
C ARG D 133 21.13 26.70 29.26
N TYR D 134 21.89 26.09 28.37
CA TYR D 134 21.38 25.76 27.07
C TYR D 134 20.77 24.39 27.11
N TYR D 135 19.64 24.29 26.44
CA TYR D 135 19.01 23.00 26.29
C TYR D 135 19.08 22.58 24.84
N VAL D 136 19.27 21.27 24.69
CA VAL D 136 19.34 20.62 23.39
C VAL D 136 18.25 19.60 23.28
N THR D 137 17.42 19.67 22.23
CA THR D 137 16.52 18.58 21.94
C THR D 137 16.85 18.00 20.58
N TRP D 138 16.49 16.74 20.38
CA TRP D 138 16.73 16.10 19.08
C TRP D 138 15.78 14.93 18.91
N CYS D 139 15.69 14.40 17.69
CA CYS D 139 14.95 13.18 17.48
C CYS D 139 15.92 12.06 17.79
N ASN D 140 15.64 11.37 18.89
CA ASN D 140 16.51 10.41 19.50
C ASN D 140 15.87 9.05 19.34
N GLY D 141 16.66 8.09 18.87
CA GLY D 141 16.18 6.73 18.78
C GLY D 141 16.05 5.99 20.11
N TYR D 142 14.81 5.67 20.52
CA TYR D 142 14.58 4.87 21.70
C TYR D 142 13.40 4.01 21.36
N HIS D 143 13.72 2.84 20.76
CA HIS D 143 12.69 1.99 20.20
C HIS D 143 11.79 2.76 19.27
N GLY D 144 12.42 3.56 18.41
CA GLY D 144 11.71 4.43 17.46
C GLY D 144 11.94 5.91 17.78
N PRO D 145 11.53 6.82 16.89
CA PRO D 145 11.87 8.20 17.08
C PRO D 145 11.10 8.84 18.25
N THR D 146 11.86 9.44 19.17
CA THR D 146 11.28 10.31 20.15
C THR D 146 12.11 11.56 20.35
N ILE D 147 11.75 12.36 21.35
CA ILE D 147 12.47 13.57 21.52
C ILE D 147 13.38 13.46 22.73
N GLY D 148 14.67 13.56 22.43
CA GLY D 148 15.72 13.48 23.44
C GLY D 148 15.89 14.89 24.03
N VAL D 149 16.36 14.95 25.27
CA VAL D 149 16.60 16.23 25.93
C VAL D 149 17.92 16.17 26.68
N ALA D 150 18.71 17.26 26.56
CA ALA D 150 19.97 17.39 27.28
C ALA D 150 20.21 18.87 27.64
N TYR D 151 21.11 19.11 28.58
CA TYR D 151 21.58 20.50 28.80
C TYR D 151 23.08 20.64 28.71
N THR D 152 23.53 21.86 28.48
CA THR D 152 24.95 22.18 28.54
C THR D 152 25.14 23.63 29.00
N PHE D 153 26.22 23.84 29.73
CA PHE D 153 26.66 25.19 30.11
C PHE D 153 27.72 25.70 29.12
N ASP D 154 28.45 24.80 28.46
CA ASP D 154 29.65 25.25 27.74
C ASP D 154 29.79 24.75 26.28
N PHE D 155 28.90 23.88 25.83
CA PHE D 155 29.06 23.17 24.57
C PHE D 155 30.30 22.26 24.47
N GLU D 156 30.78 21.79 25.61
CA GLU D 156 31.84 20.76 25.68
C GLU D 156 31.22 19.54 26.35
N THR D 157 30.65 19.69 27.56
CA THR D 157 29.92 18.61 28.24
C THR D 157 28.39 18.80 28.14
N PHE D 158 27.72 17.74 27.67
CA PHE D 158 26.26 17.66 27.55
C PHE D 158 25.74 16.59 28.50
N HIS D 159 24.72 16.94 29.26
CA HIS D 159 24.12 16.09 30.26
C HIS D 159 22.72 15.72 29.73
N GLN D 160 22.48 14.43 29.50
CA GLN D 160 21.25 13.96 28.92
C GLN D 160 20.21 13.76 30.01
N LEU D 161 19.00 14.18 29.69
CA LEU D 161 17.84 14.02 30.53
C LEU D 161 16.92 12.96 29.96
N GLU D 162 15.78 12.72 30.61
CA GLU D 162 14.85 11.78 30.13
C GLU D 162 14.32 12.20 28.74
N ASN D 163 14.07 11.23 27.87
CA ASN D 163 13.33 11.51 26.69
C ASN D 163 11.97 12.03 27.13
N ALA D 164 11.50 13.04 26.46
CA ALA D 164 10.30 13.78 26.89
C ALA D 164 8.99 13.01 26.73
N PHE D 165 8.92 12.19 25.66
CA PHE D 165 7.72 11.52 25.23
C PHE D 165 8.04 10.08 24.87
N ILE D 166 6.98 9.29 24.79
CA ILE D 166 7.03 7.98 24.17
C ILE D 166 7.14 8.15 22.64
N PRO D 167 7.79 7.20 21.96
CA PRO D 167 7.71 7.27 20.48
C PRO D 167 6.26 7.18 20.02
N PHE D 168 5.86 7.68 18.84
CA PHE D 168 6.71 8.19 17.78
C PHE D 168 6.55 9.67 17.75
N ASN D 169 7.67 10.39 17.82
CA ASN D 169 7.56 11.85 17.94
C ASN D 169 8.85 12.46 17.47
N ARG D 170 8.76 13.61 16.85
CA ARG D 170 9.93 14.45 16.52
C ARG D 170 9.54 15.92 16.34
N ASN D 171 10.40 16.72 15.69
CA ASN D 171 10.26 18.18 15.63
C ASN D 171 9.91 18.74 17.01
N GLY D 172 10.71 18.34 17.99
CA GLY D 172 10.57 18.86 19.33
C GLY D 172 11.29 20.19 19.41
N VAL D 173 10.61 21.24 19.89
CA VAL D 173 11.18 22.57 19.91
C VAL D 173 10.74 23.25 21.24
N LEU D 174 11.69 23.48 22.15
CA LEU D 174 11.38 24.19 23.37
C LEU D 174 11.05 25.67 23.21
N PHE D 175 10.25 26.18 24.11
CA PHE D 175 10.15 27.64 24.20
C PHE D 175 11.35 28.23 24.96
N PRO D 176 11.81 29.43 24.58
CA PRO D 176 12.98 30.00 25.24
C PRO D 176 12.79 30.58 26.64
N ARG D 177 11.63 30.43 27.25
CA ARG D 177 11.44 30.76 28.65
C ARG D 177 10.30 29.88 29.12
N LYS D 178 10.04 29.89 30.40
CA LYS D 178 8.88 29.19 30.95
C LYS D 178 7.60 29.93 30.68
N ILE D 179 6.53 29.16 30.55
CA ILE D 179 5.20 29.69 30.33
C ILE D 179 4.41 29.36 31.57
N ASN D 180 4.01 30.41 32.28
CA ASN D 180 3.38 30.34 33.58
C ASN D 180 4.03 29.30 34.51
N GLY D 181 5.33 29.40 34.67
CA GLY D 181 6.06 28.59 35.64
C GLY D 181 6.44 27.18 35.21
N ARG D 182 6.22 26.87 33.94
CA ARG D 182 6.63 25.60 33.38
C ARG D 182 7.41 25.68 32.10
N PHE D 183 8.27 24.69 31.91
CA PHE D 183 8.92 24.51 30.63
C PHE D 183 7.83 24.14 29.59
N ALA D 184 8.01 24.58 28.36
CA ALA D 184 7.10 24.22 27.26
C ALA D 184 7.78 23.77 26.01
N MET D 185 7.13 22.82 25.31
CA MET D 185 7.72 22.25 24.12
C MET D 185 6.65 21.96 23.07
N LEU D 186 6.97 22.35 21.87
CA LEU D 186 6.26 21.93 20.68
C LEU D 186 6.76 20.56 20.24
N SER D 187 5.86 19.71 19.77
CA SER D 187 6.30 18.40 19.20
C SER D 187 5.44 18.04 18.02
N ARG D 188 5.58 16.82 17.53
CA ARG D 188 4.96 16.44 16.22
C ARG D 188 4.82 14.93 16.16
N PRO D 189 3.74 14.42 16.72
CA PRO D 189 3.53 13.02 16.74
C PRO D 189 3.57 12.45 15.29
N SER D 190 4.21 11.33 15.18
CA SER D 190 4.65 10.74 13.94
C SER D 190 4.43 9.23 13.99
N ASP D 191 5.10 8.49 13.09
CA ASP D 191 5.01 7.04 13.02
C ASP D 191 6.41 6.50 12.88
N ASN D 192 6.51 5.22 12.51
CA ASN D 192 7.79 4.52 12.45
C ASN D 192 8.54 4.62 11.10
N GLY D 193 8.06 5.44 10.14
CA GLY D 193 8.59 5.45 8.76
C GLY D 193 8.61 6.89 8.29
N HIS D 194 8.37 7.10 6.99
CA HIS D 194 8.29 8.46 6.41
C HIS D 194 6.89 8.97 6.59
N THR D 195 6.64 9.49 7.76
CA THR D 195 5.27 9.68 8.24
C THR D 195 4.41 10.47 7.22
N PRO D 196 3.25 9.93 6.80
CA PRO D 196 2.34 10.63 5.86
C PRO D 196 1.30 11.52 6.54
N PHE D 197 1.62 12.04 7.70
CA PHE D 197 0.70 12.86 8.48
C PHE D 197 1.50 13.65 9.50
N GLY D 198 0.83 14.51 10.24
CA GLY D 198 1.44 15.24 11.32
C GLY D 198 0.99 16.62 11.71
N ASP D 199 0.53 16.71 12.95
CA ASP D 199 0.04 17.90 13.60
C ASP D 199 1.10 18.37 14.57
N ILE D 200 1.14 19.67 14.80
CA ILE D 200 1.93 20.22 15.86
C ILE D 200 1.18 20.20 17.17
N PHE D 201 1.89 19.75 18.20
CA PHE D 201 1.38 19.68 19.56
C PHE D 201 2.19 20.54 20.48
N TYR D 202 1.62 20.79 21.65
CA TYR D 202 2.21 21.60 22.70
C TYR D 202 2.13 20.87 24.00
N SER D 203 3.23 20.82 24.75
CA SER D 203 3.22 20.22 26.10
C SER D 203 4.01 21.01 27.13
N GLU D 204 3.72 20.76 28.40
CA GLU D 204 4.44 21.45 29.47
C GLU D 204 5.08 20.53 30.47
N SER D 205 6.05 21.03 31.21
CA SER D 205 6.70 20.25 32.25
C SER D 205 7.22 21.13 33.37
N PRO D 206 6.97 20.75 34.62
CA PRO D 206 7.56 21.60 35.69
C PRO D 206 9.03 21.40 35.88
N ASP D 207 9.57 20.30 35.40
CA ASP D 207 10.91 19.87 35.82
C ASP D 207 11.81 19.26 34.72
N MET D 208 11.38 19.30 33.48
CA MET D 208 12.16 18.79 32.35
C MET D 208 12.37 17.23 32.44
N GLU D 209 11.40 16.59 33.09
CA GLU D 209 11.36 15.18 33.33
C GLU D 209 9.96 14.65 33.10
N PHE D 210 8.95 15.24 33.76
CA PHE D 210 7.56 14.80 33.58
C PHE D 210 6.80 15.81 32.75
N TRP D 211 6.10 15.31 31.73
CA TRP D 211 5.43 16.12 30.68
C TRP D 211 3.93 15.84 30.60
N GLY D 212 3.17 16.89 30.31
CA GLY D 212 1.73 16.75 30.35
C GLY D 212 1.00 18.03 29.89
N ARG D 213 -0.30 18.06 30.07
CA ARG D 213 -1.13 19.18 29.60
C ARG D 213 -1.04 19.35 28.08
N HIS D 214 -1.11 18.22 27.38
CA HIS D 214 -0.90 18.20 25.96
C HIS D 214 -2.05 18.91 25.24
N ARG D 215 -1.70 19.78 24.32
CA ARG D 215 -2.67 20.56 23.54
C ARG D 215 -2.32 20.60 22.07
N HIS D 216 -3.34 20.41 21.25
CA HIS D 216 -3.15 20.48 19.80
C HIS D 216 -2.93 21.93 19.40
N VAL D 217 -1.92 22.21 18.61
CA VAL D 217 -1.66 23.54 18.15
C VAL D 217 -2.30 23.71 16.75
N MET D 218 -1.86 22.92 15.79
CA MET D 218 -2.50 22.95 14.50
C MET D 218 -2.24 21.74 13.66
N SER D 219 -3.07 21.64 12.64
CA SER D 219 -3.08 20.54 11.67
C SER D 219 -2.68 21.03 10.29
N PRO D 220 -2.27 20.11 9.44
CA PRO D 220 -2.06 20.51 8.06
C PRO D 220 -3.33 21.14 7.52
N ALA D 221 -3.18 22.04 6.59
CA ALA D 221 -4.29 22.73 5.95
C ALA D 221 -4.91 21.82 4.91
N ALA D 222 -6.15 22.13 4.52
CA ALA D 222 -6.77 21.47 3.36
C ALA D 222 -5.97 21.79 2.09
N PHE D 223 -5.81 20.83 1.17
CA PHE D 223 -5.03 21.14 -0.02
C PHE D 223 -5.61 22.25 -0.82
N GLU D 224 -6.92 22.43 -0.78
CA GLU D 224 -7.47 23.48 -1.65
C GLU D 224 -7.34 24.90 -1.01
N VAL D 225 -6.96 24.94 0.26
CA VAL D 225 -6.68 26.21 0.99
C VAL D 225 -5.24 26.59 0.89
N SER D 226 -4.34 25.66 1.19
CA SER D 226 -2.92 25.94 1.23
C SER D 226 -2.13 24.62 1.12
N ALA D 227 -1.81 24.21 -0.11
CA ALA D 227 -1.28 22.87 -0.33
C ALA D 227 0.20 22.64 0.08
N TRP D 228 1.00 23.70 0.20
CA TRP D 228 2.39 23.51 0.70
C TRP D 228 2.49 22.96 2.14
N GLN D 229 1.39 23.00 2.85
CA GLN D 229 1.27 22.54 4.21
C GLN D 229 0.11 21.58 4.41
N CYS D 230 -0.25 20.80 3.40
CA CYS D 230 -1.45 19.98 3.51
C CYS D 230 -1.22 18.53 3.86
N THR D 231 0.00 18.03 3.74
CA THR D 231 0.26 16.63 4.16
C THR D 231 0.63 16.50 5.64
N LYS D 232 1.58 17.30 6.05
CA LYS D 232 2.08 17.32 7.46
C LYS D 232 2.80 18.62 7.66
N ILE D 233 2.97 19.04 8.92
CA ILE D 233 3.70 20.23 9.30
C ILE D 233 4.60 19.88 10.54
N GLY D 234 5.55 20.73 10.85
CA GLY D 234 6.41 20.55 12.00
C GLY D 234 7.14 21.85 12.31
N ALA D 235 7.34 22.11 13.59
CA ALA D 235 8.03 23.30 14.05
C ALA D 235 9.49 23.30 13.62
N GLY D 236 10.02 24.50 13.37
CA GLY D 236 11.41 24.73 12.97
C GLY D 236 12.19 25.43 14.07
N PRO D 237 12.59 26.68 13.84
CA PRO D 237 13.33 27.45 14.85
C PRO D 237 12.60 27.56 16.17
N ILE D 238 13.36 27.78 17.21
CA ILE D 238 12.78 28.14 18.53
C ILE D 238 11.75 29.29 18.39
N PRO D 239 10.57 29.21 19.04
CA PRO D 239 9.61 30.37 18.97
C PRO D 239 10.21 31.69 19.40
N VAL D 240 9.83 32.75 18.66
CA VAL D 240 10.41 34.07 18.84
C VAL D 240 9.33 34.93 19.43
N GLU D 241 9.57 35.41 20.65
CA GLU D 241 8.58 36.14 21.40
C GLU D 241 8.44 37.51 20.81
N THR D 242 7.20 37.92 20.56
CA THR D 242 6.89 39.32 20.09
C THR D 242 5.74 39.85 20.95
N PRO D 243 5.51 41.18 20.92
CA PRO D 243 4.36 41.70 21.66
C PRO D 243 3.02 41.11 21.22
N GLU D 244 2.93 40.75 19.95
CA GLU D 244 1.75 40.15 19.35
C GLU D 244 1.58 38.61 19.53
N GLY D 245 2.54 37.96 20.19
CA GLY D 245 2.49 36.51 20.36
C GLY D 245 3.79 35.86 19.93
N TRP D 246 3.82 34.54 19.96
CA TRP D 246 5.02 33.82 19.57
C TRP D 246 5.03 33.67 18.05
N LEU D 247 6.12 34.11 17.43
CA LEU D 247 6.41 33.86 16.05
C LEU D 247 7.00 32.45 15.84
N LEU D 248 6.17 31.62 15.23
CA LEU D 248 6.47 30.25 14.84
C LEU D 248 6.78 30.17 13.34
N ILE D 249 8.02 29.75 13.05
CA ILE D 249 8.47 29.42 11.74
C ILE D 249 8.39 27.87 11.67
N TYR D 250 7.60 27.35 10.71
CA TYR D 250 7.38 25.91 10.59
C TYR D 250 7.40 25.44 9.14
N HIS D 251 7.71 24.15 8.95
CA HIS D 251 7.66 23.55 7.63
C HIS D 251 6.33 22.93 7.37
N GLY D 252 6.01 22.86 6.06
CA GLY D 252 4.87 22.13 5.57
C GLY D 252 5.25 21.29 4.35
N VAL D 253 4.55 20.19 4.20
CA VAL D 253 4.80 19.24 3.10
C VAL D 253 3.62 19.16 2.16
N LEU D 254 3.96 19.16 0.88
CA LEU D 254 3.02 18.91 -0.20
C LEU D 254 3.42 17.58 -0.83
N HIS D 255 2.44 16.74 -1.10
CA HIS D 255 2.68 15.41 -1.71
C HIS D 255 2.38 15.42 -3.20
N SER D 256 3.45 15.40 -4.00
CA SER D 256 3.28 15.28 -5.47
C SER D 256 3.35 13.81 -5.87
N CYS D 257 3.13 13.53 -7.16
CA CYS D 257 3.28 12.17 -7.63
C CYS D 257 4.73 11.67 -7.44
N ASN D 258 5.69 12.56 -7.54
CA ASN D 258 7.11 12.16 -7.37
C ASN D 258 7.71 12.48 -6.04
N GLY D 259 6.88 12.70 -5.01
CA GLY D 259 7.39 12.77 -3.65
C GLY D 259 6.94 14.00 -2.86
N TYR D 260 7.68 14.34 -1.83
CA TYR D 260 7.35 15.41 -1.00
C TYR D 260 8.12 16.66 -1.34
N VAL D 261 7.45 17.81 -1.21
CA VAL D 261 8.08 19.11 -1.32
C VAL D 261 7.99 19.78 0.06
N TYR D 262 9.10 20.23 0.63
CA TYR D 262 9.09 20.92 1.95
C TYR D 262 9.28 22.43 1.69
N SER D 263 8.30 23.20 2.15
CA SER D 263 8.35 24.63 2.10
C SER D 263 8.24 25.09 3.58
N PHE D 264 8.41 26.38 3.86
CA PHE D 264 8.10 26.84 5.17
C PHE D 264 7.45 28.22 5.21
N GLY D 265 6.77 28.46 6.32
CA GLY D 265 5.95 29.62 6.53
C GLY D 265 5.86 30.03 8.00
N SER D 266 4.84 30.81 8.34
CA SER D 266 4.84 31.51 9.60
C SER D 266 3.49 31.50 10.24
N ALA D 267 3.50 31.37 11.56
CA ALA D 267 2.30 31.54 12.36
C ALA D 267 2.56 32.41 13.58
N LEU D 268 1.48 32.90 14.18
CA LEU D 268 1.53 33.64 15.43
C LEU D 268 0.73 32.96 16.49
N LEU D 269 1.38 32.61 17.59
CA LEU D 269 0.69 31.92 18.68
C LEU D 269 0.42 32.83 19.85
N ASP D 270 -0.67 32.57 20.55
CA ASP D 270 -1.01 33.35 21.72
C ASP D 270 0.19 33.33 22.73
N LEU D 271 0.44 34.45 23.35
CA LEU D 271 1.54 34.59 24.31
C LEU D 271 1.40 33.68 25.53
N ASP D 272 0.20 33.64 26.12
CA ASP D 272 -0.02 32.91 27.36
C ASP D 272 -0.44 31.48 27.16
N GLU D 273 -1.12 31.15 26.05
CA GLU D 273 -1.58 29.79 25.77
C GLU D 273 -1.16 29.43 24.37
N PRO D 274 0.11 28.99 24.19
CA PRO D 274 0.64 29.01 22.83
C PRO D 274 0.06 27.98 21.88
N TRP D 275 -0.78 27.09 22.42
CA TRP D 275 -1.49 26.16 21.64
C TRP D 275 -2.54 26.88 20.86
N LYS D 276 -2.89 28.11 21.25
CA LYS D 276 -3.91 28.86 20.50
C LYS D 276 -3.31 29.66 19.35
N VAL D 277 -3.64 29.30 18.12
CA VAL D 277 -3.00 29.95 16.98
C VAL D 277 -3.84 31.21 16.65
N LYS D 278 -3.18 32.35 16.53
CA LYS D 278 -3.86 33.61 16.25
C LYS D 278 -3.94 33.88 14.77
N PHE D 279 -2.84 33.69 14.07
CA PHE D 279 -2.74 33.88 12.65
C PHE D 279 -1.86 32.79 12.04
N ARG D 280 -2.12 32.41 10.78
CA ARG D 280 -1.35 31.34 10.13
C ARG D 280 -1.25 31.62 8.63
N SER D 281 -0.06 31.73 8.08
CA SER D 281 0.07 32.23 6.72
C SER D 281 -0.51 31.22 5.67
N GLY D 282 -1.21 31.75 4.68
CA GLY D 282 -1.69 31.01 3.52
C GLY D 282 -0.55 30.65 2.60
N PRO D 283 0.18 31.64 2.11
CA PRO D 283 1.38 31.41 1.32
C PRO D 283 2.60 31.01 2.18
N TYR D 284 3.54 30.34 1.51
CA TYR D 284 4.80 30.02 2.09
C TYR D 284 5.64 31.28 2.20
N LEU D 285 6.61 31.28 3.11
CA LEU D 285 7.74 32.26 3.06
C LEU D 285 8.86 31.87 2.10
N LEU D 286 9.11 30.58 2.00
CA LEU D 286 10.19 30.06 1.20
C LEU D 286 9.88 28.65 0.78
N ALA D 287 10.30 28.31 -0.43
CA ALA D 287 10.06 27.02 -1.01
C ALA D 287 11.22 26.64 -1.94
N PRO D 288 11.35 25.39 -2.31
CA PRO D 288 12.55 25.00 -3.04
C PRO D 288 12.55 25.56 -4.44
N ARG D 289 13.60 26.31 -4.74
CA ARG D 289 13.77 27.08 -5.96
C ARG D 289 15.14 26.92 -6.58
N GLU D 290 16.17 27.08 -5.78
CA GLU D 290 17.54 27.06 -6.24
C GLU D 290 18.01 25.64 -6.41
N PRO D 291 19.10 25.47 -7.27
CA PRO D 291 19.50 24.07 -7.44
C PRO D 291 19.91 23.36 -6.16
N TYR D 292 20.54 24.07 -5.23
CA TYR D 292 20.96 23.44 -3.97
C TYR D 292 19.78 23.09 -3.07
N GLU D 293 18.59 23.62 -3.39
CA GLU D 293 17.35 23.22 -2.72
C GLU D 293 16.61 22.06 -3.39
N CYS D 294 16.85 21.95 -4.69
CA CYS D 294 16.10 21.11 -5.57
C CYS D 294 16.89 19.91 -6.08
N MET D 295 18.19 19.88 -5.85
CA MET D 295 19.01 18.73 -6.18
C MET D 295 19.85 18.37 -4.92
N GLY D 296 19.94 17.09 -4.61
CA GLY D 296 20.82 16.56 -3.55
C GLY D 296 20.20 15.29 -3.03
N ASP D 297 20.48 14.96 -1.78
CA ASP D 297 20.11 13.67 -1.19
C ASP D 297 18.60 13.45 -1.11
N VAL D 298 17.87 14.53 -0.93
CA VAL D 298 16.43 14.50 -0.85
C VAL D 298 15.97 15.77 -1.56
N PRO D 299 15.60 15.66 -2.81
CA PRO D 299 15.32 16.86 -3.60
C PRO D 299 14.11 17.60 -3.14
N ASN D 300 14.05 18.88 -3.44
CA ASN D 300 12.96 19.76 -3.10
C ASN D 300 12.62 19.93 -1.62
N VAL D 301 13.64 20.24 -0.84
CA VAL D 301 13.48 20.48 0.59
C VAL D 301 14.08 21.80 1.07
N CYS D 302 13.27 22.58 1.76
CA CYS D 302 13.72 23.69 2.54
C CYS D 302 13.18 23.49 3.92
N PHE D 303 14.05 23.22 4.91
CA PHE D 303 13.64 22.76 6.23
C PHE D 303 14.24 23.66 7.26
N PRO D 304 13.46 24.60 7.81
CA PRO D 304 14.06 25.56 8.74
C PRO D 304 14.31 24.98 10.11
N CYS D 305 15.48 25.26 10.68
N CYS D 305 15.47 25.27 10.68
CA CYS D 305 15.95 24.60 11.90
CA CYS D 305 15.94 24.63 11.90
C CYS D 305 16.41 25.54 13.01
C CYS D 305 16.24 25.60 13.03
N ALA D 306 16.67 26.81 12.68
CA ALA D 306 17.05 27.79 13.72
C ALA D 306 16.93 29.20 13.20
N ALA D 307 16.97 30.16 14.12
CA ALA D 307 16.91 31.57 13.80
C ALA D 307 17.71 32.36 14.82
N LEU D 308 18.34 33.44 14.37
CA LEU D 308 18.90 34.47 15.24
C LEU D 308 18.16 35.74 14.93
N HIS D 309 17.79 36.51 15.96
CA HIS D 309 17.09 37.77 15.78
C HIS D 309 17.56 38.86 16.75
N ASP D 310 17.28 40.08 16.37
CA ASP D 310 17.60 41.27 17.13
C ASP D 310 16.34 42.09 17.15
N ASN D 311 15.76 42.25 18.34
CA ASN D 311 14.51 43.01 18.49
C ASN D 311 14.68 44.46 18.21
N GLU D 312 15.83 45.00 18.49
CA GLU D 312 16.03 46.41 18.28
C GLU D 312 15.75 46.77 16.82
N THR D 313 16.28 46.00 15.88
CA THR D 313 16.20 46.33 14.46
C THR D 313 15.11 45.54 13.70
N GLY D 314 14.46 44.59 14.37
CA GLY D 314 13.52 43.67 13.74
C GLY D 314 14.18 42.58 12.92
N ARG D 315 15.50 42.59 12.78
CA ARG D 315 16.17 41.64 11.89
C ARG D 315 16.11 40.21 12.40
N ILE D 316 15.86 39.28 11.48
CA ILE D 316 15.90 37.87 11.77
C ILE D 316 16.64 37.16 10.63
N ALA D 317 17.36 36.10 10.98
CA ALA D 317 18.17 35.30 10.08
C ALA D 317 17.80 33.86 10.33
N ILE D 318 17.29 33.18 9.32
CA ILE D 318 16.71 31.85 9.45
C ILE D 318 17.59 30.85 8.72
N TYR D 319 18.03 29.84 9.48
CA TYR D 319 18.82 28.76 8.94
C TYR D 319 17.90 27.65 8.48
N TYR D 320 18.21 27.09 7.33
CA TYR D 320 17.41 26.01 6.85
C TYR D 320 18.23 24.99 6.04
N GLY D 321 17.82 23.73 6.14
CA GLY D 321 18.46 22.67 5.37
C GLY D 321 17.95 22.67 3.94
N CYS D 322 18.88 22.54 2.99
CA CYS D 322 18.61 22.46 1.55
C CYS D 322 18.87 21.07 1.00
N ALA D 323 17.80 20.44 0.52
CA ALA D 323 17.84 19.16 -0.16
C ALA D 323 18.44 18.07 0.71
N ASP D 324 18.32 18.25 2.03
CA ASP D 324 18.99 17.38 3.05
C ASP D 324 20.44 17.14 2.67
N THR D 325 21.10 18.16 2.14
CA THR D 325 22.48 18.04 1.69
C THR D 325 23.41 19.11 2.31
N VAL D 326 22.96 20.37 2.30
CA VAL D 326 23.74 21.56 2.70
C VAL D 326 22.88 22.46 3.53
N THR D 327 23.47 23.52 4.10
CA THR D 327 22.77 24.46 4.96
C THR D 327 22.73 25.87 4.34
N GLY D 328 21.57 26.49 4.44
CA GLY D 328 21.31 27.79 3.86
C GLY D 328 20.87 28.81 4.90
N LEU D 329 20.96 30.06 4.54
CA LEU D 329 20.48 31.15 5.38
C LEU D 329 19.52 32.06 4.64
N ALA D 330 18.48 32.54 5.31
CA ALA D 330 17.58 33.53 4.73
C ALA D 330 17.30 34.66 5.69
N PHE D 331 16.94 35.81 5.13
CA PHE D 331 16.77 37.05 5.93
C PHE D 331 15.39 37.62 5.79
N GLY D 332 14.95 38.31 6.83
CA GLY D 332 13.68 39.02 6.84
C GLY D 332 13.57 40.03 7.99
N TYR D 333 12.48 40.79 8.02
CA TYR D 333 12.17 41.60 9.18
C TYR D 333 10.95 41.06 9.93
N ILE D 334 11.12 40.93 11.24
CA ILE D 334 10.05 40.47 12.10
C ILE D 334 8.73 41.23 11.92
N PRO D 335 8.74 42.57 11.89
CA PRO D 335 7.44 43.23 11.68
C PRO D 335 6.84 42.94 10.31
N GLU D 336 7.66 42.76 9.28
CA GLU D 336 7.13 42.39 7.94
C GLU D 336 6.54 40.98 7.96
N ILE D 337 7.20 40.07 8.64
CA ILE D 337 6.71 38.72 8.69
C ILE D 337 5.35 38.66 9.42
N ILE D 338 5.28 39.41 10.52
CA ILE D 338 4.06 39.46 11.30
C ILE D 338 2.88 40.03 10.45
N GLU D 339 3.12 41.11 9.74
CA GLU D 339 2.08 41.74 8.90
C GLU D 339 1.68 40.79 7.80
N PHE D 340 2.65 40.10 7.21
CA PHE D 340 2.31 39.12 6.14
C PHE D 340 1.46 37.97 6.67
N THR D 341 1.90 37.43 7.80
CA THR D 341 1.16 36.41 8.51
C THR D 341 -0.32 36.80 8.83
N LYS D 342 -0.54 38.01 9.31
CA LYS D 342 -1.91 38.46 9.57
C LYS D 342 -2.64 38.70 8.28
N ARG D 343 -1.98 39.33 7.31
CA ARG D 343 -2.71 39.77 6.12
C ARG D 343 -3.11 38.55 5.31
N THR D 344 -2.28 37.51 5.29
CA THR D 344 -2.58 36.35 4.48
C THR D 344 -3.16 35.19 5.29
N SER D 345 -3.61 35.48 6.50
CA SER D 345 -3.98 34.42 7.44
C SER D 345 -5.14 33.58 6.90
N ILE D 346 -5.01 32.28 7.11
CA ILE D 346 -6.05 31.33 6.79
C ILE D 346 -6.79 30.91 8.05
N ILE D 347 -6.45 31.52 9.17
CA ILE D 347 -7.30 31.56 10.36
C ILE D 347 -7.67 33.05 10.48
N ILE E 28 -0.06 34.23 -38.00
CA ILE E 28 1.43 34.12 -37.91
C ILE E 28 1.83 33.34 -36.67
N ILE E 29 1.85 31.99 -36.75
CA ILE E 29 2.18 31.19 -35.59
C ILE E 29 3.68 31.25 -35.36
N PRO E 30 4.10 31.12 -34.10
CA PRO E 30 5.52 31.01 -33.74
C PRO E 30 6.20 29.80 -34.39
N TRP E 31 7.47 30.00 -34.73
CA TRP E 31 8.26 29.04 -35.49
C TRP E 31 9.78 29.29 -35.33
N GLU E 32 10.56 28.20 -35.39
CA GLU E 32 12.02 28.25 -35.43
C GLU E 32 12.41 27.05 -36.27
N GLU E 33 13.36 27.28 -37.18
CA GLU E 33 13.85 26.25 -38.07
C GLU E 33 14.55 25.17 -37.33
N ARG E 34 14.47 23.99 -37.91
CA ARG E 34 15.16 22.83 -37.43
C ARG E 34 16.65 23.07 -37.41
N PRO E 35 17.29 22.98 -36.22
CA PRO E 35 18.75 23.04 -36.25
C PRO E 35 19.27 22.14 -37.39
N ALA E 36 20.21 22.56 -38.23
CA ALA E 36 20.68 21.64 -39.29
C ALA E 36 21.36 20.44 -38.62
N GLY E 37 21.43 19.30 -39.33
CA GLY E 37 21.89 18.05 -38.69
C GLY E 37 21.21 17.70 -37.36
N CYS E 38 19.97 18.15 -37.19
CA CYS E 38 19.05 17.59 -36.22
C CYS E 38 18.08 16.76 -37.07
N LYS E 39 17.91 15.49 -36.76
CA LYS E 39 16.93 14.69 -37.48
C LYS E 39 15.69 14.41 -36.59
N ASP E 40 15.52 15.12 -35.48
CA ASP E 40 14.39 14.89 -34.54
C ASP E 40 13.09 15.38 -35.16
N VAL E 41 11.99 14.67 -34.93
CA VAL E 41 10.67 15.09 -35.40
C VAL E 41 10.24 16.41 -34.75
N LEU E 42 10.55 16.59 -33.48
CA LEU E 42 10.32 17.85 -32.81
C LEU E 42 11.62 18.39 -32.26
N TRP E 43 11.74 19.71 -32.19
CA TRP E 43 12.88 20.36 -31.55
C TRP E 43 12.41 21.52 -30.67
N ARG E 44 13.02 21.59 -29.49
CA ARG E 44 12.65 22.58 -28.53
C ARG E 44 12.99 23.96 -29.04
N SER E 45 12.23 24.95 -28.61
CA SER E 45 12.61 26.34 -28.84
C SER E 45 13.92 26.64 -28.13
N VAL E 46 14.81 27.39 -28.75
CA VAL E 46 16.05 27.81 -28.09
C VAL E 46 15.79 28.82 -26.99
N ALA E 47 14.59 29.40 -26.99
CA ALA E 47 14.23 30.36 -25.97
C ALA E 47 13.50 29.74 -24.79
N ASN E 48 13.45 28.41 -24.69
CA ASN E 48 12.76 27.77 -23.56
C ASN E 48 13.48 28.05 -22.26
N PRO E 49 12.78 28.25 -21.13
CA PRO E 49 11.30 28.32 -21.04
C PRO E 49 10.70 29.61 -21.57
N ILE E 50 9.59 29.56 -22.26
CA ILE E 50 8.98 30.79 -22.77
C ILE E 50 8.14 31.51 -21.72
N ILE E 51 7.69 30.82 -20.66
CA ILE E 51 7.02 31.49 -19.55
C ILE E 51 7.68 31.12 -18.23
N PRO E 52 8.16 32.13 -17.46
CA PRO E 52 8.87 31.81 -16.21
C PRO E 52 7.86 31.58 -15.08
N ARG E 53 8.34 31.00 -13.98
CA ARG E 53 7.47 30.56 -12.90
C ARG E 53 6.90 31.72 -12.08
N ASP E 54 7.59 32.85 -12.13
CA ASP E 54 7.30 33.96 -11.24
C ASP E 54 6.90 35.16 -12.04
N LEU E 55 6.22 34.94 -13.14
CA LEU E 55 5.79 36.05 -13.95
C LEU E 55 4.81 36.97 -13.22
N LEU E 56 4.00 36.38 -12.33
CA LEU E 56 2.98 37.13 -11.60
C LEU E 56 3.54 37.41 -10.25
N PRO E 57 3.07 38.46 -9.60
CA PRO E 57 3.69 38.70 -8.34
C PRO E 57 3.49 37.59 -7.33
N THR E 58 2.47 36.73 -7.47
CA THR E 58 2.20 35.64 -6.49
C THR E 58 2.26 34.25 -7.10
N SER E 59 2.80 34.11 -8.31
CA SER E 59 2.84 32.82 -8.95
C SER E 59 4.04 32.03 -8.44
N ASN E 60 3.78 30.78 -8.10
CA ASN E 60 4.78 29.77 -7.78
C ASN E 60 5.28 29.04 -9.08
N SER E 61 4.35 28.81 -10.01
CA SER E 61 4.61 28.07 -11.23
C SER E 61 3.53 28.36 -12.26
N ILE E 62 3.93 28.25 -13.53
CA ILE E 62 3.03 28.48 -14.70
C ILE E 62 3.43 27.47 -15.78
N PHE E 63 2.58 26.47 -15.95
CA PHE E 63 2.93 25.29 -16.75
C PHE E 63 1.82 24.63 -17.56
N ASN E 64 0.67 25.27 -17.63
CA ASN E 64 -0.31 24.93 -18.62
C ASN E 64 -0.64 26.22 -19.32
N SER E 65 -0.58 26.21 -20.64
CA SER E 65 -0.92 27.35 -21.45
C SER E 65 -1.86 26.91 -22.54
N ALA E 66 -3.15 27.10 -22.35
CA ALA E 66 -4.17 26.73 -23.31
C ALA E 66 -4.40 27.86 -24.30
N VAL E 67 -3.71 27.78 -25.42
CA VAL E 67 -3.48 28.93 -26.33
C VAL E 67 -4.29 28.81 -27.62
N VAL E 68 -4.87 29.94 -28.03
CA VAL E 68 -5.52 30.08 -29.35
C VAL E 68 -5.25 31.43 -30.02
N PRO E 69 -5.40 31.49 -31.36
CA PRO E 69 -5.44 32.81 -32.01
C PRO E 69 -6.70 33.57 -31.56
N PHE E 70 -6.58 34.89 -31.42
CA PHE E 70 -7.70 35.75 -30.99
C PHE E 70 -7.44 37.16 -31.49
N GLY E 71 -8.45 37.82 -32.05
CA GLY E 71 -8.28 39.16 -32.64
C GLY E 71 -7.00 39.30 -33.45
N ASP E 72 -6.20 40.31 -33.13
CA ASP E 72 -4.99 40.58 -33.90
C ASP E 72 -3.82 39.83 -33.29
N GLY E 73 -4.07 38.95 -32.32
CA GLY E 73 -3.00 38.17 -31.73
C GLY E 73 -3.45 36.85 -31.13
N PHE E 74 -3.13 36.64 -29.86
CA PHE E 74 -3.39 35.37 -29.21
C PHE E 74 -3.93 35.63 -27.81
N ALA E 75 -4.69 34.66 -27.32
CA ALA E 75 -5.21 34.65 -25.97
C ALA E 75 -4.99 33.27 -25.40
N GLY E 76 -5.07 33.17 -24.08
CA GLY E 76 -4.84 31.89 -23.42
C GLY E 76 -5.48 31.81 -22.06
N VAL E 77 -5.72 30.60 -21.58
CA VAL E 77 -6.06 30.37 -20.18
C VAL E 77 -4.92 29.56 -19.64
N PHE E 78 -4.27 30.06 -18.57
CA PHE E 78 -3.03 29.50 -18.01
C PHE E 78 -3.30 28.96 -16.61
N ARG E 79 -2.74 27.80 -16.34
CA ARG E 79 -2.67 27.27 -14.97
C ARG E 79 -1.50 27.99 -14.27
N CYS E 80 -1.86 28.82 -13.30
CA CYS E 80 -0.89 29.54 -12.51
C CYS E 80 -1.08 29.11 -11.06
N ASP E 81 -0.15 28.33 -10.51
CA ASP E 81 -0.28 27.94 -9.11
C ASP E 81 0.39 29.06 -8.30
N ASP E 82 -0.25 29.49 -7.22
CA ASP E 82 0.25 30.60 -6.47
C ASP E 82 1.15 30.13 -5.34
N THR E 83 1.60 31.08 -4.54
CA THR E 83 2.51 30.82 -3.46
C THR E 83 1.82 30.19 -2.27
N SER E 84 0.50 30.07 -2.31
CA SER E 84 -0.25 29.17 -1.47
C SER E 84 -0.37 27.73 -2.04
N ARG E 85 0.24 27.50 -3.20
CA ARG E 85 0.07 26.27 -3.96
C ARG E 85 -1.42 25.97 -4.22
N ARG E 86 -2.26 27.00 -4.34
CA ARG E 86 -3.60 26.81 -4.84
C ARG E 86 -3.49 26.78 -6.38
N MET E 87 -4.42 26.05 -7.00
CA MET E 87 -4.50 25.92 -8.44
C MET E 87 -5.57 26.84 -8.98
N ARG E 88 -5.13 27.83 -9.72
CA ARG E 88 -6.02 28.77 -10.32
C ARG E 88 -5.77 28.97 -11.83
N LEU E 89 -6.79 29.51 -12.51
CA LEU E 89 -6.74 29.81 -13.95
C LEU E 89 -6.74 31.32 -14.18
N HIS E 90 -5.84 31.76 -15.06
CA HIS E 90 -5.63 33.16 -15.41
C HIS E 90 -5.64 33.35 -16.95
N VAL E 91 -6.23 34.46 -17.40
CA VAL E 91 -6.24 34.81 -18.83
C VAL E 91 -4.93 35.48 -19.20
N GLY E 92 -4.46 35.18 -20.38
CA GLY E 92 -3.35 35.94 -20.95
C GLY E 92 -3.59 36.36 -22.38
N PHE E 93 -2.81 37.32 -22.84
CA PHE E 93 -2.86 37.88 -24.20
C PHE E 93 -1.44 38.01 -24.74
N SER E 94 -1.28 37.99 -26.05
CA SER E 94 0.06 38.09 -26.57
C SER E 94 0.00 38.49 -28.01
N LYS E 95 0.89 39.38 -28.43
CA LYS E 95 1.05 39.74 -29.86
C LYS E 95 1.67 38.56 -30.60
N ASP E 96 2.62 37.83 -30.01
CA ASP E 96 3.38 36.83 -30.80
C ASP E 96 3.21 35.39 -30.34
N ALA E 97 2.37 35.14 -29.33
CA ALA E 97 2.24 33.80 -28.75
C ALA E 97 3.47 33.28 -27.98
N ILE E 98 4.45 34.14 -27.72
CA ILE E 98 5.70 33.74 -27.05
C ILE E 98 5.83 34.56 -25.76
N ASN E 99 5.64 35.86 -25.85
CA ASN E 99 5.70 36.72 -24.69
C ASN E 99 4.28 37.02 -24.27
N TRP E 100 3.96 36.63 -23.04
CA TRP E 100 2.58 36.68 -22.56
C TRP E 100 2.37 37.73 -21.50
N ASN E 101 1.21 38.35 -21.56
CA ASN E 101 0.76 39.20 -20.50
C ASN E 101 -0.40 38.53 -19.87
N ILE E 102 -0.15 37.97 -18.69
CA ILE E 102 -1.13 37.17 -17.98
C ILE E 102 -1.70 38.07 -16.90
N LYS E 103 -3.02 38.04 -16.73
CA LYS E 103 -3.69 38.84 -15.72
C LYS E 103 -3.29 38.43 -14.32
N GLU E 104 -3.06 39.42 -13.48
CA GLU E 104 -2.71 39.16 -12.11
C GLU E 104 -3.78 38.42 -11.34
N GLU E 105 -5.03 38.77 -11.60
CA GLU E 105 -6.17 38.20 -10.90
C GLU E 105 -6.65 36.92 -11.58
N PRO E 106 -7.02 35.87 -10.81
CA PRO E 106 -7.55 34.67 -11.46
C PRO E 106 -8.87 34.96 -12.12
N LEU E 107 -9.19 34.24 -13.18
CA LEU E 107 -10.46 34.43 -13.79
C LEU E 107 -11.53 33.76 -12.91
N LYS E 108 -12.69 34.44 -12.89
CA LYS E 108 -13.96 33.96 -12.34
C LYS E 108 -14.95 33.59 -13.46
N PHE E 109 -15.78 32.60 -13.17
CA PHE E 109 -16.77 32.17 -14.11
C PHE E 109 -18.07 32.68 -13.64
N GLN E 110 -18.87 32.91 -14.67
CA GLN E 110 -20.18 33.41 -14.34
C GLN E 110 -21.09 32.26 -14.24
N CYS E 111 -22.06 31.75 -13.49
CA CYS E 111 -22.88 30.55 -13.56
C CYS E 111 -24.26 30.85 -12.97
N ASP E 112 -25.33 30.52 -13.70
CA ASP E 112 -26.67 30.68 -13.17
C ASP E 112 -26.98 29.69 -12.09
N ASP E 113 -26.16 28.65 -11.91
CA ASP E 113 -26.44 27.62 -10.94
C ASP E 113 -25.39 27.78 -9.90
N GLU E 114 -25.82 28.00 -8.69
CA GLU E 114 -24.94 28.32 -7.59
C GLU E 114 -24.07 27.11 -7.23
N GLU E 115 -24.66 25.92 -7.31
CA GLU E 115 -23.96 24.71 -6.91
C GLU E 115 -22.76 24.38 -7.84
N ILE E 116 -23.00 24.46 -9.13
CA ILE E 116 -22.01 24.22 -10.15
C ILE E 116 -20.99 25.36 -10.18
N GLY E 117 -21.45 26.61 -10.01
CA GLY E 117 -20.57 27.79 -9.99
C GLY E 117 -19.72 27.96 -8.71
N THR E 118 -19.78 27.01 -7.77
CA THR E 118 -18.90 27.05 -6.63
C THR E 118 -17.48 26.68 -7.00
N TRP E 119 -16.52 27.55 -6.69
CA TRP E 119 -15.15 27.30 -7.04
C TRP E 119 -14.44 26.55 -5.91
N VAL E 120 -13.75 25.45 -6.24
CA VAL E 120 -12.96 24.69 -5.26
C VAL E 120 -11.50 24.72 -5.69
N TYR E 121 -11.23 24.29 -6.92
CA TYR E 121 -9.93 24.44 -7.53
C TYR E 121 -10.08 24.21 -9.03
N GLY E 122 -9.09 24.62 -9.81
CA GLY E 122 -9.08 24.38 -11.25
C GLY E 122 -7.66 24.21 -11.82
N TYR E 123 -7.50 23.20 -12.66
CA TYR E 123 -6.24 23.01 -13.38
C TYR E 123 -6.46 22.39 -14.74
N ASP E 124 -5.39 21.98 -15.45
CA ASP E 124 -5.51 21.25 -16.71
C ASP E 124 -6.43 21.97 -17.77
N PRO E 125 -6.25 23.27 -18.02
CA PRO E 125 -7.15 23.91 -18.97
C PRO E 125 -6.86 23.53 -20.43
N ARG E 126 -7.90 23.63 -21.24
CA ARG E 126 -7.82 23.51 -22.69
C ARG E 126 -8.83 24.49 -23.32
N VAL E 127 -8.48 25.03 -24.48
CA VAL E 127 -9.28 26.05 -25.13
C VAL E 127 -9.34 25.75 -26.62
N CYS E 128 -10.53 25.79 -27.18
CA CYS E 128 -10.62 25.83 -28.66
C CYS E 128 -11.84 26.63 -29.12
N PHE E 129 -11.83 27.07 -30.35
CA PHE E 129 -12.99 27.71 -30.95
C PHE E 129 -13.84 26.64 -31.62
N ILE E 130 -15.10 26.60 -31.22
CA ILE E 130 -16.08 25.83 -31.91
C ILE E 130 -17.26 26.67 -32.44
N GLU E 131 -17.33 26.82 -33.75
CA GLU E 131 -18.45 27.39 -34.48
C GLU E 131 -18.71 28.87 -34.25
N ASP E 132 -19.04 29.26 -33.02
CA ASP E 132 -19.29 30.66 -32.75
C ASP E 132 -18.59 31.28 -31.54
N ARG E 133 -17.83 30.51 -30.80
CA ARG E 133 -17.32 31.03 -29.54
C ARG E 133 -16.20 30.16 -29.07
N TYR E 134 -15.43 30.66 -28.12
CA TYR E 134 -14.35 29.81 -27.59
C TYR E 134 -14.84 29.00 -26.39
N TYR E 135 -14.52 27.71 -26.32
CA TYR E 135 -14.88 26.88 -25.18
C TYR E 135 -13.64 26.59 -24.38
N VAL E 136 -13.80 26.69 -23.06
CA VAL E 136 -12.75 26.30 -22.08
C VAL E 136 -13.19 25.04 -21.35
N THR E 137 -12.29 24.04 -21.27
CA THR E 137 -12.48 22.93 -20.38
C THR E 137 -11.35 22.95 -19.37
N TRP E 138 -11.60 22.40 -18.22
CA TRP E 138 -10.52 22.28 -17.20
C TRP E 138 -10.86 21.18 -16.22
N CYS E 139 -9.90 20.78 -15.40
CA CYS E 139 -10.15 19.89 -14.29
C CYS E 139 -10.68 20.69 -13.13
N ASN E 140 -11.97 20.52 -12.88
CA ASN E 140 -12.71 21.34 -11.99
C ASN E 140 -13.06 20.51 -10.79
N GLY E 141 -12.84 21.05 -9.59
CA GLY E 141 -13.25 20.32 -8.38
C GLY E 141 -14.74 20.39 -8.13
N TYR E 142 -15.36 19.21 -8.12
CA TYR E 142 -16.78 19.05 -7.75
C TYR E 142 -16.93 17.73 -7.08
N HIS E 143 -16.69 17.71 -5.78
CA HIS E 143 -16.56 16.49 -5.02
C HIS E 143 -15.55 15.48 -5.64
N GLY E 144 -14.40 16.04 -6.02
CA GLY E 144 -13.37 15.33 -6.75
C GLY E 144 -13.15 15.92 -8.15
N PRO E 145 -12.13 15.45 -8.85
CA PRO E 145 -11.81 15.99 -10.14
C PRO E 145 -12.83 15.57 -11.22
N THR E 146 -13.36 16.58 -11.94
CA THR E 146 -14.13 16.32 -13.10
C THR E 146 -13.84 17.35 -14.14
N ILE E 147 -14.58 17.34 -15.27
CA ILE E 147 -14.26 18.26 -16.34
CA ILE E 147 -14.25 18.24 -16.36
C ILE E 147 -15.26 19.38 -16.33
N GLY E 148 -14.78 20.59 -16.03
CA GLY E 148 -15.55 21.81 -16.11
C GLY E 148 -15.60 22.33 -17.56
N VAL E 149 -16.70 23.02 -17.89
CA VAL E 149 -16.89 23.53 -19.22
C VAL E 149 -17.43 24.93 -19.10
N ALA E 150 -16.88 25.80 -19.95
CA ALA E 150 -17.29 27.21 -20.08
C ALA E 150 -17.08 27.72 -21.51
N TYR E 151 -17.74 28.83 -21.86
CA TYR E 151 -17.55 29.53 -23.13
C TYR E 151 -17.26 31.00 -22.88
N THR E 152 -16.48 31.59 -23.77
CA THR E 152 -16.32 33.01 -23.84
C THR E 152 -16.37 33.45 -25.29
N PHE E 153 -16.80 34.69 -25.46
CA PHE E 153 -16.70 35.34 -26.76
C PHE E 153 -15.47 36.25 -26.82
N ASP E 154 -15.08 36.77 -25.66
CA ASP E 154 -14.08 37.81 -25.58
C ASP E 154 -12.87 37.59 -24.70
N PHE E 155 -12.86 36.52 -23.92
CA PHE E 155 -11.81 36.29 -22.94
C PHE E 155 -11.82 37.31 -21.80
N GLU E 156 -12.97 37.91 -21.52
CA GLU E 156 -13.10 38.74 -20.36
C GLU E 156 -14.17 38.17 -19.47
N THR E 157 -15.29 37.81 -20.05
CA THR E 157 -16.37 37.11 -19.34
C THR E 157 -16.40 35.67 -19.80
N PHE E 158 -16.53 34.76 -18.82
CA PHE E 158 -16.65 33.33 -19.04
C PHE E 158 -17.90 32.80 -18.42
N HIS E 159 -18.69 32.12 -19.23
CA HIS E 159 -19.95 31.53 -18.80
C HIS E 159 -19.83 30.05 -18.63
N GLN E 160 -20.08 29.63 -17.39
CA GLN E 160 -19.82 28.26 -16.98
C GLN E 160 -21.05 27.45 -17.23
N LEU E 161 -20.83 26.32 -17.88
CA LEU E 161 -21.82 25.29 -18.14
C LEU E 161 -21.72 24.11 -17.19
N GLU E 162 -22.55 23.11 -17.46
CA GLU E 162 -22.53 21.93 -16.59
C GLU E 162 -21.20 21.23 -16.67
N ASN E 163 -20.73 20.68 -15.56
CA ASN E 163 -19.60 19.79 -15.64
C ASN E 163 -20.08 18.63 -16.52
N ALA E 164 -19.21 18.20 -17.39
CA ALA E 164 -19.53 17.23 -18.48
C ALA E 164 -19.71 15.80 -17.92
N PHE E 165 -18.92 15.45 -16.89
CA PHE E 165 -19.01 14.10 -16.36
C PHE E 165 -19.03 14.06 -14.84
N ILE E 166 -19.33 12.91 -14.30
CA ILE E 166 -19.24 12.65 -12.85
C ILE E 166 -17.71 12.51 -12.58
N PRO E 167 -17.21 12.90 -11.37
CA PRO E 167 -15.82 12.54 -11.08
C PRO E 167 -15.65 11.01 -11.10
N PHE E 168 -14.47 10.47 -11.31
CA PHE E 168 -13.21 11.17 -11.35
C PHE E 168 -12.73 11.17 -12.78
N ASN E 169 -12.36 12.35 -13.28
CA ASN E 169 -12.00 12.49 -14.68
C ASN E 169 -11.24 13.76 -14.90
N ARG E 170 -10.27 13.67 -15.78
CA ARG E 170 -9.58 14.85 -16.23
C ARG E 170 -9.00 14.66 -17.63
N ASN E 171 -8.12 15.57 -18.05
CA ASN E 171 -7.57 15.67 -19.39
C ASN E 171 -8.71 15.64 -20.39
N GLY E 172 -9.68 16.51 -20.14
CA GLY E 172 -10.78 16.74 -21.06
C GLY E 172 -10.33 17.65 -22.17
N VAL E 173 -10.57 17.21 -23.41
CA VAL E 173 -10.14 17.92 -24.57
C VAL E 173 -11.21 17.86 -25.66
N LEU E 174 -11.83 18.99 -25.95
CA LEU E 174 -12.81 19.12 -27.01
C LEU E 174 -12.21 18.97 -28.44
N PHE E 175 -12.97 18.38 -29.37
CA PHE E 175 -12.64 18.51 -30.79
C PHE E 175 -13.09 19.92 -31.27
N PRO E 176 -12.36 20.53 -32.24
CA PRO E 176 -12.62 21.91 -32.63
C PRO E 176 -13.78 22.09 -33.61
N ARG E 177 -14.54 21.04 -33.91
CA ARG E 177 -15.78 21.17 -34.65
C ARG E 177 -16.66 20.03 -34.21
N LYS E 178 -17.91 20.10 -34.60
CA LYS E 178 -18.77 18.98 -34.34
C LYS E 178 -18.40 17.75 -35.17
N ILE E 179 -18.65 16.56 -34.62
CA ILE E 179 -18.44 15.31 -35.30
C ILE E 179 -19.82 14.72 -35.50
N ASN E 180 -20.17 14.59 -36.75
CA ASN E 180 -21.51 14.27 -37.17
C ASN E 180 -22.68 14.89 -36.33
N GLY E 181 -22.69 16.20 -36.26
CA GLY E 181 -23.73 16.96 -35.59
C GLY E 181 -23.64 17.04 -34.09
N ARG E 182 -22.56 16.50 -33.49
CA ARG E 182 -22.42 16.61 -32.02
C ARG E 182 -21.07 17.16 -31.55
N PHE E 183 -21.09 17.84 -30.40
CA PHE E 183 -19.88 18.21 -29.71
C PHE E 183 -19.16 16.92 -29.31
N ALA E 184 -17.85 16.89 -29.34
CA ALA E 184 -17.15 15.72 -28.94
C ALA E 184 -15.95 16.10 -28.10
N MET E 185 -15.67 15.24 -27.16
CA MET E 185 -14.59 15.44 -26.16
C MET E 185 -13.86 14.16 -25.77
N LEU E 186 -12.54 14.25 -25.70
CA LEU E 186 -11.73 13.19 -25.19
C LEU E 186 -11.65 13.41 -23.69
N SER E 187 -11.56 12.34 -22.88
CA SER E 187 -11.41 12.47 -21.43
C SER E 187 -10.51 11.35 -20.93
N ARG E 188 -10.41 11.26 -19.59
CA ARG E 188 -9.42 10.37 -18.98
C ARG E 188 -9.81 9.96 -17.60
N PRO E 189 -10.63 8.92 -17.48
CA PRO E 189 -11.11 8.51 -16.19
C PRO E 189 -9.95 8.24 -15.23
N SER E 190 -10.09 8.71 -14.01
CA SER E 190 -9.04 8.81 -13.04
C SER E 190 -9.60 8.38 -11.67
N ASP E 191 -8.86 8.72 -10.61
CA ASP E 191 -9.28 8.44 -9.22
C ASP E 191 -9.15 9.72 -8.38
N ASN E 192 -9.22 9.56 -7.05
CA ASN E 192 -9.14 10.69 -6.13
C ASN E 192 -7.73 11.12 -5.71
N GLY E 193 -6.69 10.51 -6.29
CA GLY E 193 -5.30 10.77 -5.90
C GLY E 193 -4.42 10.94 -7.11
N HIS E 194 -3.14 10.59 -6.99
CA HIS E 194 -2.20 10.57 -8.13
C HIS E 194 -2.45 9.24 -8.86
N THR E 195 -3.37 9.31 -9.76
CA THR E 195 -3.94 8.09 -10.35
C THR E 195 -2.90 7.14 -10.98
N PRO E 196 -2.87 5.85 -10.61
CA PRO E 196 -1.86 4.94 -11.19
C PRO E 196 -2.34 4.21 -12.42
N PHE E 197 -3.25 4.80 -13.18
CA PHE E 197 -3.81 4.12 -14.37
C PHE E 197 -4.44 5.26 -15.18
N GLY E 198 -4.87 4.97 -16.42
CA GLY E 198 -5.56 6.03 -17.22
C GLY E 198 -5.69 5.67 -18.68
N ASP E 199 -6.93 5.42 -19.14
CA ASP E 199 -7.20 5.24 -20.57
C ASP E 199 -7.85 6.56 -21.10
N ILE E 200 -7.65 6.84 -22.39
CA ILE E 200 -8.35 7.92 -23.05
C ILE E 200 -9.68 7.42 -23.59
N PHE E 201 -10.73 8.20 -23.33
CA PHE E 201 -12.09 7.95 -23.77
C PHE E 201 -12.59 9.09 -24.63
N TYR E 202 -13.67 8.84 -25.30
CA TYR E 202 -14.31 9.75 -26.24
C TYR E 202 -15.78 9.79 -25.94
N SER E 203 -16.34 10.98 -25.92
CA SER E 203 -17.77 11.12 -25.67
C SER E 203 -18.39 12.24 -26.55
N GLU E 204 -19.70 12.16 -26.78
CA GLU E 204 -20.40 13.19 -27.54
C GLU E 204 -21.58 13.83 -26.79
N SER E 205 -22.01 15.01 -27.27
CA SER E 205 -23.14 15.72 -26.69
C SER E 205 -23.82 16.56 -27.74
N PRO E 206 -25.13 16.50 -27.80
CA PRO E 206 -25.77 17.39 -28.79
C PRO E 206 -25.79 18.86 -28.35
N ASP E 207 -25.58 19.17 -27.09
CA ASP E 207 -25.93 20.51 -26.58
C ASP E 207 -24.95 21.07 -25.56
N MET E 208 -23.84 20.39 -25.36
CA MET E 208 -22.86 20.82 -24.36
C MET E 208 -23.39 20.76 -22.91
N GLU E 209 -24.37 19.89 -22.71
CA GLU E 209 -25.00 19.71 -21.42
C GLU E 209 -25.13 18.22 -21.07
N PHE E 210 -25.70 17.44 -21.99
CA PHE E 210 -25.86 16.04 -21.76
C PHE E 210 -24.88 15.28 -22.66
N TRP E 211 -24.15 14.31 -22.07
CA TRP E 211 -23.01 13.62 -22.74
C TRP E 211 -23.25 12.14 -22.74
N GLY E 212 -22.72 11.48 -23.75
CA GLY E 212 -23.00 10.09 -23.92
C GLY E 212 -22.26 9.49 -25.11
N ARG E 213 -22.63 8.26 -25.43
CA ARG E 213 -21.95 7.49 -26.52
C ARG E 213 -20.48 7.36 -26.25
N HIS E 214 -20.17 6.95 -25.02
CA HIS E 214 -18.79 6.90 -24.59
C HIS E 214 -18.17 5.69 -25.30
N ARG E 215 -16.98 5.90 -25.83
CA ARG E 215 -16.19 4.90 -26.49
C ARG E 215 -14.73 4.98 -26.00
N HIS E 216 -14.10 3.82 -25.80
CA HIS E 216 -12.68 3.76 -25.41
C HIS E 216 -11.78 4.09 -26.57
N VAL E 217 -10.83 4.98 -26.40
CA VAL E 217 -9.92 5.36 -27.48
C VAL E 217 -8.66 4.45 -27.41
N MET E 218 -7.92 4.53 -26.34
CA MET E 218 -6.78 3.66 -26.17
C MET E 218 -6.34 3.61 -24.70
N SER E 219 -5.58 2.56 -24.44
CA SER E 219 -5.07 2.25 -23.11
C SER E 219 -3.56 2.41 -23.15
N PRO E 220 -2.95 2.52 -21.96
CA PRO E 220 -1.50 2.49 -21.94
C PRO E 220 -0.97 1.27 -22.67
N ALA E 221 0.19 1.40 -23.27
CA ALA E 221 0.87 0.27 -23.91
C ALA E 221 1.49 -0.70 -22.91
N ALA E 222 1.77 -1.93 -23.35
CA ALA E 222 2.56 -2.86 -22.50
C ALA E 222 3.98 -2.33 -22.30
N PHE E 223 4.55 -2.52 -21.14
CA PHE E 223 5.86 -1.89 -20.86
C PHE E 223 6.93 -2.47 -21.75
N GLU E 224 6.79 -3.73 -22.14
CA GLU E 224 7.78 -4.30 -23.05
C GLU E 224 7.74 -3.77 -24.47
N VAL E 225 6.66 -3.09 -24.83
CA VAL E 225 6.43 -2.54 -26.18
C VAL E 225 6.80 -1.08 -26.21
N SER E 226 6.30 -0.32 -25.27
CA SER E 226 6.51 1.11 -25.27
C SER E 226 6.33 1.65 -23.84
N ALA E 227 7.40 1.70 -23.04
CA ALA E 227 7.24 1.97 -21.62
C ALA E 227 7.03 3.41 -21.29
N TRP E 228 7.32 4.34 -22.18
CA TRP E 228 7.04 5.74 -21.85
C TRP E 228 5.50 5.98 -21.65
N GLN E 229 4.64 5.03 -22.13
CA GLN E 229 3.16 5.21 -22.07
C GLN E 229 2.53 3.94 -21.50
N CYS E 230 3.24 3.26 -20.61
CA CYS E 230 2.72 2.05 -20.02
C CYS E 230 1.94 2.19 -18.68
N THR E 231 2.02 3.34 -18.00
CA THR E 231 1.30 3.47 -16.73
C THR E 231 -0.08 4.10 -16.92
N LYS E 232 -0.11 5.19 -17.66
CA LYS E 232 -1.30 5.95 -17.93
C LYS E 232 -0.96 6.91 -19.06
N ILE E 233 -2.01 7.36 -19.74
CA ILE E 233 -1.91 8.30 -20.83
C ILE E 233 -3.06 9.32 -20.68
N GLY E 234 -2.88 10.47 -21.33
CA GLY E 234 -3.91 11.47 -21.46
C GLY E 234 -3.75 12.44 -22.58
N ALA E 235 -4.87 12.98 -23.11
CA ALA E 235 -4.80 13.90 -24.24
C ALA E 235 -4.17 15.24 -23.81
N GLY E 236 -3.45 15.86 -24.73
CA GLY E 236 -2.90 17.17 -24.52
C GLY E 236 -3.62 18.22 -25.37
N PRO E 237 -2.96 18.74 -26.42
CA PRO E 237 -3.54 19.69 -27.36
C PRO E 237 -4.89 19.29 -27.96
N ILE E 238 -5.67 20.32 -28.31
CA ILE E 238 -6.87 20.12 -29.10
C ILE E 238 -6.48 19.30 -30.34
N PRO E 239 -7.20 18.20 -30.60
CA PRO E 239 -6.94 17.43 -31.78
C PRO E 239 -6.87 18.29 -33.02
N VAL E 240 -5.92 17.96 -33.91
CA VAL E 240 -5.64 18.68 -35.12
C VAL E 240 -6.12 17.87 -36.31
N GLU E 241 -7.06 18.43 -37.04
CA GLU E 241 -7.62 17.79 -38.23
C GLU E 241 -6.62 17.78 -39.38
N THR E 242 -6.36 16.60 -39.91
CA THR E 242 -5.56 16.41 -41.11
C THR E 242 -6.46 15.66 -42.11
N PRO E 243 -6.10 15.70 -43.41
CA PRO E 243 -7.02 15.06 -44.34
C PRO E 243 -7.04 13.52 -44.12
N GLU E 244 -6.01 12.97 -43.47
CA GLU E 244 -5.98 11.55 -43.07
C GLU E 244 -6.30 11.25 -41.56
N GLY E 245 -7.17 12.05 -40.93
CA GLY E 245 -7.55 11.78 -39.56
C GLY E 245 -7.07 12.84 -38.59
N TRP E 246 -7.36 12.61 -37.31
CA TRP E 246 -7.09 13.58 -36.26
C TRP E 246 -5.74 13.33 -35.67
N LEU E 247 -4.86 14.32 -35.71
CA LEU E 247 -3.60 14.21 -35.01
C LEU E 247 -3.79 14.47 -33.51
N LEU E 248 -3.56 13.45 -32.69
CA LEU E 248 -3.66 13.57 -31.24
C LEU E 248 -2.27 13.50 -30.66
N ILE E 249 -1.89 14.58 -29.95
CA ILE E 249 -0.64 14.65 -29.18
C ILE E 249 -1.06 14.35 -27.75
N TYR E 250 -0.42 13.39 -27.08
CA TYR E 250 -0.86 12.91 -25.77
C TYR E 250 0.32 12.54 -24.90
N HIS E 251 0.17 12.70 -23.59
CA HIS E 251 1.26 12.36 -22.70
C HIS E 251 1.15 10.93 -22.28
N GLY E 252 2.30 10.37 -21.86
CA GLY E 252 2.34 9.03 -21.39
C GLY E 252 3.19 9.02 -20.13
N VAL E 253 2.89 8.12 -19.23
CA VAL E 253 3.70 7.96 -17.99
C VAL E 253 4.38 6.62 -17.86
N LEU E 254 5.66 6.71 -17.48
CA LEU E 254 6.48 5.63 -17.06
C LEU E 254 6.73 5.72 -15.53
N HIS E 255 6.63 4.59 -14.86
CA HIS E 255 6.80 4.50 -13.38
C HIS E 255 8.17 3.88 -13.07
N SER E 256 9.10 4.71 -12.59
CA SER E 256 10.42 4.25 -12.18
C SER E 256 10.37 4.02 -10.64
N CYS E 257 11.42 3.45 -10.04
CA CYS E 257 11.43 3.36 -8.60
C CYS E 257 11.32 4.71 -7.92
N ASN E 258 11.64 5.80 -8.62
CA ASN E 258 11.69 7.12 -8.04
C ASN E 258 10.55 8.02 -8.40
N GLY E 259 9.58 7.49 -9.14
CA GLY E 259 8.31 8.18 -9.39
C GLY E 259 7.96 8.12 -10.86
N TYR E 260 7.25 9.11 -11.31
CA TYR E 260 6.73 9.10 -12.66
C TYR E 260 7.60 9.94 -13.60
N VAL E 261 7.70 9.49 -14.83
CA VAL E 261 8.29 10.30 -15.90
C VAL E 261 7.22 10.54 -16.98
N TYR E 262 6.95 11.81 -17.27
CA TYR E 262 5.94 12.17 -18.30
C TYR E 262 6.67 12.54 -19.58
N SER E 263 6.37 11.78 -20.64
CA SER E 263 6.81 12.12 -21.97
C SER E 263 5.55 12.32 -22.84
N PHE E 264 5.71 12.67 -24.12
CA PHE E 264 4.58 12.71 -25.02
C PHE E 264 4.90 12.29 -26.44
N GLY E 265 3.82 11.85 -27.09
CA GLY E 265 3.90 11.32 -28.42
C GLY E 265 2.63 11.57 -29.21
N SER E 266 2.46 10.79 -30.28
CA SER E 266 1.46 11.07 -31.31
C SER E 266 0.62 9.87 -31.71
N ALA E 267 -0.67 10.13 -31.96
CA ALA E 267 -1.53 9.14 -32.60
C ALA E 267 -2.41 9.76 -33.72
N LEU E 268 -3.00 8.91 -34.53
CA LEU E 268 -3.86 9.36 -35.62
C LEU E 268 -5.17 8.68 -35.47
N LEU E 269 -6.25 9.43 -35.30
CA LEU E 269 -7.57 8.88 -35.04
C LEU E 269 -8.43 8.98 -36.30
N ASP E 270 -9.32 8.03 -36.51
CA ASP E 270 -10.23 8.10 -37.63
C ASP E 270 -11.02 9.43 -37.62
N LEU E 271 -11.25 9.99 -38.80
CA LEU E 271 -11.96 11.28 -38.87
C LEU E 271 -13.38 11.24 -38.39
N ASP E 272 -14.09 10.19 -38.75
CA ASP E 272 -15.51 10.11 -38.53
C ASP E 272 -15.88 9.43 -37.23
N GLU E 273 -15.01 8.52 -36.78
CA GLU E 273 -15.20 7.80 -35.55
C GLU E 273 -13.89 7.86 -34.74
N PRO E 274 -13.67 9.00 -34.04
CA PRO E 274 -12.32 9.29 -33.51
C PRO E 274 -11.85 8.41 -32.37
N TRP E 275 -12.71 7.58 -31.82
CA TRP E 275 -12.30 6.55 -30.91
C TRP E 275 -11.53 5.40 -31.57
N LYS E 276 -11.52 5.33 -32.90
CA LYS E 276 -10.78 4.34 -33.62
C LYS E 276 -9.39 4.83 -33.97
N VAL E 277 -8.37 4.22 -33.36
CA VAL E 277 -7.04 4.72 -33.45
C VAL E 277 -6.46 4.00 -34.64
N LYS E 278 -5.99 4.77 -35.59
CA LYS E 278 -5.41 4.25 -36.83
C LYS E 278 -3.91 3.97 -36.69
N PHE E 279 -3.16 4.88 -36.07
CA PHE E 279 -1.73 4.71 -35.86
C PHE E 279 -1.38 5.32 -34.49
N ARG E 280 -0.35 4.78 -33.86
CA ARG E 280 0.08 5.27 -32.55
C ARG E 280 1.55 5.03 -32.38
N SER E 281 2.28 6.07 -32.02
CA SER E 281 3.72 5.98 -32.07
C SER E 281 4.30 5.12 -30.97
N GLY E 282 5.26 4.27 -31.36
CA GLY E 282 6.08 3.51 -30.37
C GLY E 282 7.03 4.38 -29.57
N PRO E 283 7.89 5.12 -30.25
CA PRO E 283 8.75 6.08 -29.57
C PRO E 283 7.97 7.30 -29.16
N TYR E 284 8.52 8.06 -28.23
CA TYR E 284 7.94 9.32 -27.86
C TYR E 284 8.37 10.33 -28.90
N LEU E 285 7.73 11.49 -28.85
CA LEU E 285 8.21 12.65 -29.57
C LEU E 285 9.13 13.49 -28.72
N LEU E 286 8.81 13.62 -27.46
CA LEU E 286 9.65 14.42 -26.55
C LEU E 286 9.56 13.83 -25.16
N ALA E 287 10.64 13.94 -24.42
CA ALA E 287 10.79 13.35 -23.08
C ALA E 287 11.70 14.24 -22.25
N PRO E 288 11.65 14.16 -20.94
CA PRO E 288 12.39 15.14 -20.15
C PRO E 288 13.88 14.99 -20.30
N ARG E 289 14.51 16.05 -20.71
CA ARG E 289 15.92 16.04 -21.03
C ARG E 289 16.66 17.20 -20.46
N GLU E 290 16.10 18.39 -20.62
CA GLU E 290 16.71 19.60 -20.17
C GLU E 290 16.50 19.86 -18.71
N PRO E 291 17.43 20.72 -18.13
CA PRO E 291 17.23 20.95 -16.71
C PRO E 291 15.90 21.56 -16.35
N TYR E 292 15.38 22.45 -17.15
CA TYR E 292 14.05 23.03 -16.88
C TYR E 292 12.90 21.98 -16.92
N GLU E 293 13.17 20.80 -17.50
CA GLU E 293 12.21 19.67 -17.57
C GLU E 293 12.45 18.67 -16.43
N CYS E 294 13.70 18.60 -15.98
CA CYS E 294 14.12 17.55 -15.05
C CYS E 294 14.23 18.00 -13.57
N MET E 295 14.20 19.30 -13.31
CA MET E 295 14.31 19.92 -11.98
C MET E 295 13.16 20.91 -11.79
N GLY E 296 12.49 20.91 -10.65
CA GLY E 296 11.38 21.85 -10.41
C GLY E 296 10.40 21.24 -9.47
N ASP E 297 9.19 21.79 -9.41
CA ASP E 297 8.22 21.30 -8.46
C ASP E 297 7.84 19.83 -8.62
N VAL E 298 7.83 19.34 -9.86
CA VAL E 298 7.64 17.91 -10.08
C VAL E 298 8.65 17.48 -11.15
N PRO E 299 9.75 16.85 -10.77
CA PRO E 299 10.82 16.55 -11.74
C PRO E 299 10.37 15.60 -12.82
N ASN E 300 11.01 15.73 -13.97
CA ASN E 300 10.85 14.80 -15.08
C ASN E 300 9.45 14.76 -15.68
N VAL E 301 8.97 15.97 -16.07
CA VAL E 301 7.68 16.16 -16.68
C VAL E 301 7.75 17.05 -17.94
N CYS E 302 7.26 16.50 -19.04
CA CYS E 302 6.92 17.22 -20.25
C CYS E 302 5.46 16.92 -20.56
N PHE E 303 4.58 17.94 -20.40
CA PHE E 303 3.17 17.75 -20.38
C PHE E 303 2.53 18.66 -21.43
N PRO E 304 2.20 18.11 -22.61
CA PRO E 304 1.67 18.95 -23.69
C PRO E 304 0.24 19.41 -23.44
N CYS E 305 -0.02 20.71 -23.66
CA CYS E 305 -1.29 21.35 -23.29
C CYS E 305 -2.00 22.11 -24.42
N ALA E 306 -1.26 22.57 -25.46
CA ALA E 306 -1.84 23.27 -26.59
C ALA E 306 -0.93 23.22 -27.78
N ALA E 307 -1.49 23.56 -28.92
CA ALA E 307 -0.73 23.63 -30.14
C ALA E 307 -1.34 24.69 -31.02
N LEU E 308 -0.49 25.44 -31.70
CA LEU E 308 -0.91 26.27 -32.83
C LEU E 308 -0.39 25.66 -34.12
N HIS E 309 -1.16 25.74 -35.20
CA HIS E 309 -0.69 25.18 -36.46
C HIS E 309 -1.14 25.97 -37.64
N ASP E 310 -0.38 25.78 -38.73
CA ASP E 310 -0.62 26.37 -40.05
C ASP E 310 -0.68 25.26 -41.10
N ASN E 311 -1.88 24.95 -41.57
CA ASN E 311 -2.01 23.98 -42.64
C ASN E 311 -1.25 24.40 -43.89
N GLU E 312 -1.28 25.68 -44.27
CA GLU E 312 -0.58 26.14 -45.46
C GLU E 312 0.89 25.63 -45.45
N THR E 313 1.62 25.79 -44.34
CA THR E 313 3.04 25.45 -44.29
C THR E 313 3.31 24.10 -43.62
N GLY E 314 2.27 23.46 -43.10
CA GLY E 314 2.46 22.26 -42.30
C GLY E 314 3.08 22.41 -40.92
N ARG E 315 3.34 23.65 -40.48
CA ARG E 315 4.00 23.94 -39.19
C ARG E 315 3.11 23.76 -37.99
N ILE E 316 3.71 23.24 -36.93
CA ILE E 316 3.00 23.10 -35.69
C ILE E 316 3.90 23.48 -34.52
N ALA E 317 3.29 24.21 -33.58
CA ALA E 317 4.02 24.71 -32.41
C ALA E 317 3.30 24.20 -31.23
N ILE E 318 4.00 23.41 -30.39
CA ILE E 318 3.41 22.67 -29.31
C ILE E 318 3.85 23.23 -27.95
N TYR E 319 2.88 23.66 -27.16
CA TYR E 319 3.13 24.16 -25.80
C TYR E 319 3.12 23.01 -24.81
N TYR E 320 4.03 23.03 -23.83
CA TYR E 320 4.08 21.98 -22.84
C TYR E 320 4.65 22.45 -21.52
N GLY E 321 4.09 21.88 -20.45
CA GLY E 321 4.53 22.20 -19.07
C GLY E 321 5.84 21.43 -18.83
N CYS E 322 6.82 22.14 -18.24
CA CYS E 322 8.11 21.57 -17.89
C CYS E 322 8.25 21.47 -16.35
N ALA E 323 8.34 20.24 -15.82
CA ALA E 323 8.59 20.00 -14.38
C ALA E 323 7.57 20.65 -13.46
N ASP E 324 6.36 20.83 -14.01
CA ASP E 324 5.26 21.52 -13.32
C ASP E 324 5.68 22.85 -12.73
N THR E 325 6.54 23.57 -13.47
CA THR E 325 7.13 24.80 -13.03
C THR E 325 7.09 25.91 -14.04
N VAL E 326 7.47 25.61 -15.29
CA VAL E 326 7.51 26.61 -16.38
C VAL E 326 6.84 26.06 -17.66
N THR E 327 6.75 26.91 -18.67
CA THR E 327 6.17 26.53 -19.97
C THR E 327 7.23 26.61 -21.06
N GLY E 328 7.29 25.57 -21.89
CA GLY E 328 8.19 25.58 -23.02
C GLY E 328 7.50 25.37 -24.34
N LEU E 329 8.23 25.53 -25.42
CA LEU E 329 7.68 25.38 -26.73
C LEU E 329 8.53 24.40 -27.52
N ALA E 330 7.90 23.60 -28.39
CA ALA E 330 8.60 22.77 -29.37
C ALA E 330 7.93 22.86 -30.76
N PHE E 331 8.68 22.54 -31.81
CA PHE E 331 8.27 22.73 -33.19
C PHE E 331 8.40 21.46 -34.01
N GLY E 332 7.57 21.32 -35.02
CA GLY E 332 7.72 20.22 -36.00
C GLY E 332 6.82 20.45 -37.20
N TYR E 333 6.74 19.45 -38.08
CA TYR E 333 5.89 19.51 -39.28
C TYR E 333 4.81 18.46 -39.20
N ILE E 334 3.59 18.88 -39.46
CA ILE E 334 2.48 17.94 -39.40
C ILE E 334 2.77 16.70 -40.29
N PRO E 335 3.12 16.91 -41.59
CA PRO E 335 3.39 15.75 -42.41
C PRO E 335 4.45 14.86 -41.82
N GLU E 336 5.49 15.42 -41.20
CA GLU E 336 6.58 14.58 -40.62
C GLU E 336 6.14 13.75 -39.40
N ILE E 337 5.40 14.40 -38.52
CA ILE E 337 4.79 13.79 -37.38
C ILE E 337 3.86 12.64 -37.79
N ILE E 338 3.11 12.85 -38.87
CA ILE E 338 2.21 11.80 -39.34
C ILE E 338 3.00 10.60 -39.87
N GLU E 339 4.02 10.87 -40.69
CA GLU E 339 4.93 9.85 -41.24
C GLU E 339 5.57 9.06 -40.09
N PHE E 340 6.12 9.77 -39.13
CA PHE E 340 6.71 9.15 -37.92
C PHE E 340 5.69 8.24 -37.22
N THR E 341 4.47 8.74 -37.04
CA THR E 341 3.40 7.99 -36.36
C THR E 341 3.02 6.70 -37.08
N LYS E 342 2.90 6.74 -38.41
CA LYS E 342 2.63 5.54 -39.20
C LYS E 342 3.80 4.57 -39.22
N ARG E 343 4.99 5.12 -39.45
CA ARG E 343 6.18 4.33 -39.58
C ARG E 343 6.53 3.57 -38.27
N THR E 344 6.25 4.15 -37.11
CA THR E 344 6.65 3.54 -35.85
C THR E 344 5.44 2.99 -35.14
N SER E 345 4.36 2.77 -35.89
CA SER E 345 3.06 2.50 -35.23
C SER E 345 3.07 1.16 -34.49
N ILE E 346 2.56 1.15 -33.26
CA ILE E 346 2.43 -0.08 -32.46
C ILE E 346 1.02 -0.64 -32.56
N ILE E 347 0.16 0.07 -33.26
CA ILE E 347 -1.13 -0.49 -33.55
C ILE E 347 -0.98 -1.05 -34.95
N ILE F 28 46.48 -2.34 -21.26
CA ILE F 28 46.47 -0.90 -20.86
C ILE F 28 45.10 -0.36 -20.44
N ILE F 29 44.74 -0.56 -19.17
CA ILE F 29 43.47 -0.01 -18.62
C ILE F 29 43.37 1.54 -18.54
N PRO F 30 42.14 2.09 -18.59
CA PRO F 30 42.09 3.53 -18.45
C PRO F 30 42.48 3.93 -17.04
N TRP F 31 43.06 5.12 -16.94
CA TRP F 31 43.64 5.56 -15.71
C TRP F 31 43.74 7.06 -15.65
N GLU F 32 43.43 7.62 -14.48
CA GLU F 32 43.69 9.02 -14.20
C GLU F 32 44.19 9.04 -12.78
N GLU F 33 45.22 9.82 -12.52
CA GLU F 33 45.81 9.85 -11.19
C GLU F 33 44.89 10.55 -10.22
N ARG F 34 45.03 10.26 -8.93
CA ARG F 34 44.20 10.93 -7.91
C ARG F 34 44.55 12.42 -7.90
N PRO F 35 43.53 13.30 -7.88
CA PRO F 35 43.85 14.73 -7.75
C PRO F 35 44.69 15.03 -6.50
N ALA F 36 45.62 15.95 -6.60
CA ALA F 36 46.40 16.26 -5.44
C ALA F 36 45.44 16.81 -4.45
N GLY F 37 45.69 16.55 -3.18
CA GLY F 37 44.73 16.91 -2.15
C GLY F 37 43.34 16.31 -2.27
N CYS F 38 43.04 15.07 -2.19
CA CYS F 38 41.92 14.15 -2.15
C CYS F 38 42.31 12.90 -1.37
N LYS F 39 41.65 12.68 -0.41
CA LYS F 39 41.86 11.52 0.47
C LYS F 39 40.87 10.41 0.10
N ASP F 40 40.07 10.60 -0.95
CA ASP F 40 39.03 9.64 -1.34
C ASP F 40 39.64 8.35 -1.89
N VAL F 41 39.02 7.24 -1.54
CA VAL F 41 39.43 5.93 -2.03
C VAL F 41 39.17 5.73 -3.53
N LEU F 42 38.07 6.30 -4.03
CA LEU F 42 37.84 6.44 -5.50
C LEU F 42 37.64 7.87 -5.96
N TRP F 43 38.05 8.14 -7.20
CA TRP F 43 37.88 9.43 -7.80
C TRP F 43 37.26 9.28 -9.19
N ARG F 44 36.32 10.17 -9.45
CA ARG F 44 35.62 10.16 -10.68
C ARG F 44 36.57 10.63 -11.75
N SER F 45 36.45 10.02 -12.92
CA SER F 45 37.13 10.55 -14.07
C SER F 45 36.64 11.96 -14.33
N VAL F 46 37.59 12.79 -14.73
CA VAL F 46 37.30 14.18 -15.05
C VAL F 46 36.56 14.31 -16.38
N ALA F 47 36.45 13.23 -17.14
CA ALA F 47 35.77 13.27 -18.43
C ALA F 47 34.39 12.60 -18.39
N ASN F 48 33.86 12.38 -17.20
CA ASN F 48 32.52 11.83 -17.06
C ASN F 48 31.46 12.80 -17.57
N PRO F 49 30.38 12.33 -18.18
CA PRO F 49 30.17 10.94 -18.54
C PRO F 49 31.00 10.51 -19.76
N ILE F 50 31.47 9.28 -19.78
CA ILE F 50 32.28 8.76 -20.89
C ILE F 50 31.41 8.16 -22.01
N ILE F 51 30.15 7.86 -21.73
CA ILE F 51 29.19 7.48 -22.78
C ILE F 51 27.95 8.35 -22.61
N PRO F 52 27.58 9.10 -23.64
CA PRO F 52 26.41 9.95 -23.54
C PRO F 52 25.11 9.19 -23.86
N ARG F 53 23.98 9.78 -23.48
CA ARG F 53 22.69 9.12 -23.57
C ARG F 53 22.23 8.91 -25.03
N ASP F 54 22.73 9.79 -25.91
CA ASP F 54 22.28 9.88 -27.31
C ASP F 54 23.35 9.39 -28.32
N LEU F 55 24.16 8.42 -27.95
CA LEU F 55 25.18 7.93 -28.84
C LEU F 55 24.61 7.27 -30.08
N LEU F 56 23.51 6.56 -29.94
CA LEU F 56 22.87 5.88 -31.08
C LEU F 56 21.69 6.68 -31.58
N PRO F 57 21.31 6.46 -32.85
CA PRO F 57 20.20 7.23 -33.39
C PRO F 57 18.88 7.16 -32.58
N THR F 58 18.60 6.03 -31.92
CA THR F 58 17.35 5.92 -31.15
C THR F 58 17.62 5.64 -29.69
N SER F 59 18.80 5.95 -29.20
CA SER F 59 19.05 5.66 -27.78
C SER F 59 18.49 6.81 -26.94
N ASN F 60 17.78 6.43 -25.89
CA ASN F 60 17.29 7.33 -24.85
C ASN F 60 18.30 7.41 -23.68
N SER F 61 18.97 6.30 -23.41
CA SER F 61 19.95 6.26 -22.32
C SER F 61 20.87 5.06 -22.46
N ILE F 62 22.09 5.18 -21.94
CA ILE F 62 23.06 4.10 -22.04
C ILE F 62 23.80 4.08 -20.73
N PHE F 63 23.53 3.09 -19.89
CA PHE F 63 24.01 3.19 -18.51
C PHE F 63 24.43 1.91 -17.81
N ASN F 64 24.49 0.81 -18.58
CA ASN F 64 25.26 -0.34 -18.14
C ASN F 64 26.26 -0.61 -19.25
N SER F 65 27.51 -0.79 -18.84
CA SER F 65 28.60 -1.07 -19.74
C SER F 65 29.36 -2.27 -19.20
N ALA F 66 29.03 -3.46 -19.68
CA ALA F 66 29.69 -4.69 -19.23
C ALA F 66 30.95 -4.93 -20.06
N VAL F 67 32.07 -4.40 -19.58
CA VAL F 67 33.31 -4.27 -20.36
C VAL F 67 34.36 -5.36 -20.03
N VAL F 68 35.06 -5.86 -21.06
CA VAL F 68 36.21 -6.78 -20.92
C VAL F 68 37.32 -6.46 -21.92
N PRO F 69 38.57 -6.86 -21.62
CA PRO F 69 39.61 -6.77 -22.64
C PRO F 69 39.25 -7.76 -23.74
N PHE F 70 39.52 -7.40 -25.02
CA PHE F 70 39.26 -8.26 -26.18
C PHE F 70 40.17 -7.91 -27.39
N GLY F 71 40.88 -8.90 -27.93
CA GLY F 71 41.84 -8.67 -29.00
C GLY F 71 42.91 -7.71 -28.50
N ASP F 72 43.21 -6.71 -29.31
CA ASP F 72 44.15 -5.68 -28.90
C ASP F 72 43.36 -4.45 -28.44
N GLY F 73 42.16 -4.63 -27.89
CA GLY F 73 41.38 -3.55 -27.29
C GLY F 73 40.30 -4.05 -26.34
N PHE F 74 39.12 -3.47 -26.41
CA PHE F 74 38.03 -3.78 -25.49
C PHE F 74 36.70 -4.01 -26.16
N ALA F 75 35.90 -4.87 -25.54
CA ALA F 75 34.51 -5.14 -25.97
C ALA F 75 33.58 -5.00 -24.80
N GLY F 76 32.30 -4.95 -25.08
CA GLY F 76 31.31 -4.87 -24.04
C GLY F 76 29.93 -5.17 -24.53
N VAL F 77 29.05 -5.53 -23.61
CA VAL F 77 27.63 -5.53 -23.83
C VAL F 77 27.05 -4.39 -22.99
N PHE F 78 26.17 -3.62 -23.59
CA PHE F 78 25.74 -2.32 -23.10
C PHE F 78 24.24 -2.34 -23.06
N ARG F 79 23.70 -1.85 -21.96
CA ARG F 79 22.26 -1.66 -21.87
C ARG F 79 21.98 -0.31 -22.49
N CYS F 80 21.24 -0.33 -23.60
CA CYS F 80 20.82 0.87 -24.27
C CYS F 80 19.30 0.87 -24.34
N ASP F 81 18.64 1.76 -23.60
CA ASP F 81 17.19 1.84 -23.66
C ASP F 81 16.87 2.81 -24.79
N ASP F 82 15.87 2.49 -25.59
CA ASP F 82 15.66 3.30 -26.79
C ASP F 82 14.57 4.36 -26.52
N THR F 83 14.16 5.09 -27.55
CA THR F 83 13.15 6.14 -27.44
C THR F 83 11.71 5.63 -27.25
N SER F 84 11.55 4.31 -27.33
CA SER F 84 10.36 3.64 -26.94
C SER F 84 10.43 3.21 -25.47
N ARG F 85 11.56 3.50 -24.80
CA ARG F 85 11.87 3.02 -23.51
C ARG F 85 11.90 1.51 -23.42
N ARG F 86 12.25 0.82 -24.51
CA ARG F 86 12.48 -0.63 -24.44
C ARG F 86 13.90 -0.85 -24.02
N MET F 87 14.12 -1.94 -23.30
CA MET F 87 15.44 -2.25 -22.77
C MET F 87 16.10 -3.26 -23.68
N ARG F 88 17.17 -2.83 -24.32
CA ARG F 88 17.96 -3.75 -25.16
C ARG F 88 19.44 -3.73 -24.81
N LEU F 89 20.09 -4.80 -25.25
CA LEU F 89 21.52 -4.99 -25.19
C LEU F 89 22.15 -4.81 -26.59
N HIS F 90 23.28 -4.11 -26.63
CA HIS F 90 24.04 -3.89 -27.84
C HIS F 90 25.53 -4.18 -27.55
N VAL F 91 26.23 -4.78 -28.53
CA VAL F 91 27.70 -4.94 -28.47
C VAL F 91 28.41 -3.61 -28.78
N GLY F 92 29.50 -3.35 -28.07
CA GLY F 92 30.38 -2.16 -28.28
C GLY F 92 31.86 -2.55 -28.30
N PHE F 93 32.69 -1.75 -28.96
CA PHE F 93 34.17 -1.98 -29.05
C PHE F 93 34.84 -0.67 -28.85
N SER F 94 36.08 -0.75 -28.45
CA SER F 94 36.82 0.41 -28.05
C SER F 94 38.27 -0.03 -28.03
N LYS F 95 39.14 0.84 -28.49
CA LYS F 95 40.55 0.59 -28.37
C LYS F 95 41.09 1.02 -27.00
N ASP F 96 40.45 2.00 -26.33
CA ASP F 96 40.99 2.61 -25.11
C ASP F 96 40.05 2.44 -23.92
N ALA F 97 38.91 1.77 -24.14
CA ALA F 97 37.87 1.51 -23.11
C ALA F 97 37.14 2.74 -22.54
N ILE F 98 37.38 3.89 -23.15
CA ILE F 98 36.72 5.13 -22.79
C ILE F 98 35.71 5.57 -23.87
N ASN F 99 36.16 5.54 -25.14
CA ASN F 99 35.38 5.99 -26.26
C ASN F 99 34.87 4.79 -27.00
N TRP F 100 33.54 4.63 -27.01
CA TRP F 100 32.95 3.39 -27.43
C TRP F 100 32.23 3.51 -28.78
N ASN F 101 32.45 2.52 -29.65
CA ASN F 101 31.64 2.33 -30.85
C ASN F 101 30.68 1.20 -30.59
N ILE F 102 29.43 1.55 -30.30
CA ILE F 102 28.41 0.60 -29.94
C ILE F 102 27.56 0.38 -31.16
N LYS F 103 27.22 -0.86 -31.47
CA LYS F 103 26.53 -1.14 -32.75
C LYS F 103 25.10 -0.59 -32.65
N GLU F 104 24.53 -0.10 -33.75
CA GLU F 104 23.10 0.31 -33.71
C GLU F 104 22.12 -0.81 -33.47
N GLU F 105 22.41 -1.97 -34.01
CA GLU F 105 21.47 -3.07 -33.89
C GLU F 105 21.57 -3.69 -32.52
N PRO F 106 20.41 -3.89 -31.85
CA PRO F 106 20.45 -4.73 -30.67
C PRO F 106 21.03 -6.11 -30.98
N LEU F 107 21.65 -6.68 -29.97
CA LEU F 107 22.21 -8.00 -30.04
C LEU F 107 21.07 -9.04 -30.02
N LYS F 108 21.17 -10.04 -30.89
CA LYS F 108 20.27 -11.22 -30.95
C LYS F 108 21.06 -12.44 -30.53
N PHE F 109 20.51 -13.18 -29.59
CA PHE F 109 21.16 -14.38 -29.13
C PHE F 109 20.70 -15.52 -30.06
N GLN F 110 21.57 -16.49 -30.33
CA GLN F 110 21.13 -17.69 -31.03
C GLN F 110 20.75 -18.70 -29.95
N CYS F 111 19.67 -19.41 -30.16
CA CYS F 111 19.29 -20.42 -29.22
C CYS F 111 18.59 -21.51 -29.99
N ASP F 112 18.87 -22.74 -29.62
CA ASP F 112 18.18 -23.82 -30.28
C ASP F 112 16.81 -24.12 -29.74
N ASP F 113 16.53 -23.67 -28.51
CA ASP F 113 15.24 -23.89 -27.92
C ASP F 113 14.47 -22.61 -28.14
N GLU F 114 13.31 -22.69 -28.78
CA GLU F 114 12.60 -21.47 -29.17
C GLU F 114 11.92 -20.85 -27.97
N GLU F 115 11.56 -21.68 -27.01
CA GLU F 115 11.00 -21.19 -25.76
C GLU F 115 11.92 -20.24 -24.96
N ILE F 116 13.11 -20.72 -24.62
CA ILE F 116 14.17 -19.92 -24.00
C ILE F 116 14.72 -18.80 -24.89
N GLY F 117 14.72 -19.05 -26.20
CA GLY F 117 15.22 -18.09 -27.18
C GLY F 117 14.35 -16.89 -27.46
N THR F 118 13.14 -16.88 -26.95
CA THR F 118 12.23 -15.77 -27.15
C THR F 118 12.67 -14.53 -26.39
N TRP F 119 12.82 -13.41 -27.09
CA TRP F 119 13.19 -12.16 -26.48
C TRP F 119 11.96 -11.44 -25.99
N VAL F 120 11.95 -11.08 -24.73
CA VAL F 120 10.89 -10.22 -24.14
C VAL F 120 11.51 -8.89 -23.74
N TYR F 121 12.58 -8.91 -22.93
CA TYR F 121 13.39 -7.69 -22.65
C TYR F 121 14.74 -8.09 -22.06
N GLY F 122 15.67 -7.15 -21.95
CA GLY F 122 16.97 -7.47 -21.37
C GLY F 122 17.72 -6.27 -20.82
N TYR F 123 18.27 -6.41 -19.64
CA TYR F 123 18.97 -5.34 -19.00
C TYR F 123 20.02 -5.96 -18.05
N ASP F 124 20.70 -5.12 -17.26
CA ASP F 124 21.66 -5.60 -16.27
C ASP F 124 22.72 -6.57 -16.82
N PRO F 125 23.36 -6.23 -17.95
CA PRO F 125 24.38 -7.17 -18.41
C PRO F 125 25.67 -7.19 -17.59
N ARG F 126 26.35 -8.34 -17.62
CA ARG F 126 27.67 -8.51 -17.10
C ARG F 126 28.44 -9.45 -18.04
N VAL F 127 29.75 -9.30 -18.11
CA VAL F 127 30.52 -10.07 -19.04
C VAL F 127 31.84 -10.49 -18.35
N CYS F 128 32.22 -11.77 -18.46
CA CYS F 128 33.56 -12.20 -18.08
C CYS F 128 34.04 -13.40 -18.92
N PHE F 129 35.34 -13.47 -19.06
CA PHE F 129 36.01 -14.62 -19.63
C PHE F 129 36.17 -15.74 -18.58
N ILE F 130 35.70 -16.93 -18.90
CA ILE F 130 35.98 -18.08 -18.09
C ILE F 130 36.62 -19.22 -18.91
N GLU F 131 37.91 -19.42 -18.69
CA GLU F 131 38.64 -20.53 -19.26
C GLU F 131 38.83 -20.47 -20.78
N ASP F 132 37.76 -20.54 -21.56
CA ASP F 132 37.92 -20.56 -23.01
C ASP F 132 37.03 -19.66 -23.83
N ARG F 133 36.27 -18.80 -23.16
CA ARG F 133 35.25 -18.00 -23.83
C ARG F 133 34.71 -16.95 -22.90
N TYR F 134 34.02 -16.00 -23.51
CA TYR F 134 33.34 -14.99 -22.77
C TYR F 134 31.90 -15.39 -22.45
N TYR F 135 31.48 -15.15 -21.20
CA TYR F 135 30.13 -15.45 -20.82
C TYR F 135 29.43 -14.14 -20.56
N VAL F 136 28.18 -14.09 -21.01
CA VAL F 136 27.28 -12.93 -20.81
C VAL F 136 26.09 -13.36 -19.97
N THR F 137 25.83 -12.62 -18.88
CA THR F 137 24.62 -12.77 -18.11
C THR F 137 23.88 -11.45 -18.20
N TRP F 138 22.59 -11.52 -18.02
CA TRP F 138 21.74 -10.35 -18.03
C TRP F 138 20.44 -10.65 -17.33
N CYS F 139 19.67 -9.61 -17.01
CA CYS F 139 18.34 -9.81 -16.54
C CYS F 139 17.45 -10.02 -17.72
N ASN F 140 16.92 -11.22 -17.88
CA ASN F 140 16.21 -11.67 -19.09
C ASN F 140 14.78 -11.90 -18.70
N GLY F 141 13.83 -11.38 -19.47
CA GLY F 141 12.44 -11.60 -19.17
C GLY F 141 12.04 -13.00 -19.57
N TYR F 142 11.59 -13.77 -18.59
CA TYR F 142 11.08 -15.11 -18.87
C TYR F 142 9.97 -15.30 -17.87
N HIS F 143 8.75 -14.84 -18.26
CA HIS F 143 7.69 -14.72 -17.29
C HIS F 143 8.06 -14.04 -15.99
N GLY F 144 8.73 -12.90 -16.11
CA GLY F 144 9.34 -12.23 -14.99
C GLY F 144 10.89 -12.17 -15.13
N PRO F 145 11.54 -11.34 -14.30
CA PRO F 145 12.96 -11.20 -14.40
C PRO F 145 13.67 -12.46 -13.89
N THR F 146 14.59 -12.96 -14.70
CA THR F 146 15.49 -13.95 -14.28
C THR F 146 16.87 -13.70 -14.87
N ILE F 147 17.81 -14.64 -14.71
CA ILE F 147 19.18 -14.43 -15.16
CA ILE F 147 19.14 -14.39 -15.19
C ILE F 147 19.40 -15.25 -16.43
N GLY F 148 19.55 -14.55 -17.54
CA GLY F 148 19.92 -15.13 -18.83
C GLY F 148 21.41 -15.41 -18.89
N VAL F 149 21.79 -16.38 -19.71
CA VAL F 149 23.17 -16.73 -19.82
C VAL F 149 23.44 -17.05 -21.30
N ALA F 150 24.60 -16.58 -21.79
CA ALA F 150 25.11 -16.87 -23.13
C ALA F 150 26.61 -16.85 -23.15
N TYR F 151 27.21 -17.37 -24.22
CA TYR F 151 28.65 -17.25 -24.41
C TYR F 151 28.96 -16.75 -25.77
N THR F 152 30.16 -16.21 -25.92
CA THR F 152 30.68 -15.82 -27.22
C THR F 152 32.21 -15.97 -27.29
N PHE F 153 32.71 -16.31 -28.48
CA PHE F 153 34.15 -16.34 -28.71
C PHE F 153 34.67 -15.04 -29.32
N ASP F 154 33.80 -14.27 -29.96
CA ASP F 154 34.26 -13.21 -30.85
C ASP F 154 33.52 -11.88 -30.70
N PHE F 155 32.49 -11.86 -29.88
CA PHE F 155 31.61 -10.68 -29.70
C PHE F 155 30.85 -10.34 -30.97
N GLU F 156 30.65 -11.36 -31.79
CA GLU F 156 29.80 -11.24 -32.95
C GLU F 156 28.64 -12.21 -32.88
N THR F 157 28.88 -13.48 -32.59
CA THR F 157 27.81 -14.46 -32.39
C THR F 157 27.73 -14.82 -30.91
N PHE F 158 26.52 -14.86 -30.37
CA PHE F 158 26.28 -15.07 -28.99
C PHE F 158 25.36 -16.25 -28.88
N HIS F 159 25.78 -17.29 -28.17
CA HIS F 159 24.97 -18.52 -28.04
C HIS F 159 24.29 -18.60 -26.68
N GLN F 160 22.95 -18.54 -26.67
CA GLN F 160 22.19 -18.54 -25.44
C GLN F 160 22.08 -19.93 -24.79
N LEU F 161 22.26 -19.93 -23.49
CA LEU F 161 22.15 -21.12 -22.65
C LEU F 161 20.88 -21.00 -21.81
N GLU F 162 20.59 -22.01 -21.01
CA GLU F 162 19.47 -21.95 -20.12
C GLU F 162 19.52 -20.73 -19.20
N ASN F 163 18.37 -20.19 -18.89
CA ASN F 163 18.29 -19.25 -17.83
C ASN F 163 18.69 -20.00 -16.57
N ALA F 164 19.53 -19.37 -15.79
CA ALA F 164 20.15 -20.01 -14.60
C ALA F 164 19.24 -20.31 -13.44
N PHE F 165 18.24 -19.44 -13.22
CA PHE F 165 17.31 -19.59 -12.20
C PHE F 165 15.85 -19.38 -12.62
N ILE F 166 14.96 -19.79 -11.75
CA ILE F 166 13.53 -19.38 -11.88
C ILE F 166 13.37 -17.87 -11.52
N PRO F 167 12.41 -17.14 -12.14
CA PRO F 167 12.18 -15.77 -11.64
C PRO F 167 11.76 -15.84 -10.17
N PHE F 168 11.94 -14.74 -9.41
CA PHE F 168 12.40 -13.46 -9.84
C PHE F 168 13.79 -13.23 -9.28
N ASN F 169 14.68 -12.85 -10.15
CA ASN F 169 16.09 -12.75 -9.81
C ASN F 169 16.78 -11.84 -10.80
N ARG F 170 17.80 -11.17 -10.31
CA ARG F 170 18.69 -10.37 -11.13
C ARG F 170 20.00 -10.06 -10.42
N ASN F 171 20.76 -9.13 -10.98
CA ASN F 171 22.12 -8.80 -10.59
C ASN F 171 22.95 -10.09 -10.55
N GLY F 172 22.80 -10.86 -11.61
CA GLY F 172 23.61 -12.07 -11.85
C GLY F 172 25.03 -11.70 -12.21
N VAL F 173 25.98 -12.25 -11.46
CA VAL F 173 27.36 -11.98 -11.71
C VAL F 173 28.25 -13.20 -11.53
N LEU F 174 28.78 -13.72 -12.63
CA LEU F 174 29.68 -14.89 -12.56
C LEU F 174 31.03 -14.57 -11.95
N PHE F 175 31.63 -15.56 -11.28
CA PHE F 175 33.04 -15.53 -10.97
C PHE F 175 33.91 -15.80 -12.23
N PRO F 176 35.10 -15.17 -12.31
CA PRO F 176 35.95 -15.26 -13.51
C PRO F 176 36.77 -16.57 -13.63
N ARG F 177 36.59 -17.51 -12.71
CA ARG F 177 37.16 -18.85 -12.89
C ARG F 177 36.26 -19.77 -12.12
N LYS F 178 36.44 -21.07 -12.29
CA LYS F 178 35.68 -22.01 -11.50
C LYS F 178 36.12 -22.00 -10.04
N ILE F 179 35.21 -22.37 -9.15
CA ILE F 179 35.50 -22.46 -7.74
C ILE F 179 35.31 -23.92 -7.40
N ASN F 180 36.42 -24.52 -7.04
CA ASN F 180 36.50 -25.94 -6.81
C ASN F 180 35.81 -26.79 -7.86
N GLY F 181 36.17 -26.58 -9.11
CA GLY F 181 35.64 -27.38 -10.19
C GLY F 181 34.28 -26.98 -10.71
N ARG F 182 33.66 -25.94 -10.16
CA ARG F 182 32.33 -25.48 -10.66
C ARG F 182 32.27 -24.04 -11.05
N PHE F 183 31.36 -23.73 -11.96
CA PHE F 183 31.06 -22.36 -12.26
C PHE F 183 30.32 -21.81 -11.03
N ALA F 184 30.43 -20.53 -10.77
CA ALA F 184 29.80 -19.93 -9.60
C ALA F 184 29.20 -18.59 -9.98
N MET F 185 28.06 -18.26 -9.38
CA MET F 185 27.43 -17.04 -9.73
C MET F 185 26.79 -16.39 -8.56
N LEU F 186 26.96 -15.09 -8.44
CA LEU F 186 26.21 -14.34 -7.44
C LEU F 186 24.89 -13.93 -8.07
N SER F 187 23.84 -13.85 -7.26
CA SER F 187 22.55 -13.32 -7.76
C SER F 187 21.83 -12.57 -6.66
N ARG F 188 20.59 -12.17 -6.95
CA ARG F 188 19.82 -11.26 -6.07
C ARG F 188 18.30 -11.50 -6.21
N PRO F 189 17.78 -12.43 -5.43
CA PRO F 189 16.36 -12.71 -5.46
C PRO F 189 15.54 -11.43 -5.23
N SER F 190 14.52 -11.29 -6.05
CA SER F 190 13.71 -10.04 -6.20
C SER F 190 12.24 -10.38 -6.30
N ASP F 191 11.44 -9.45 -6.80
CA ASP F 191 10.00 -9.67 -7.04
C ASP F 191 9.71 -9.20 -8.44
N ASN F 192 8.41 -8.99 -8.70
CA ASN F 192 7.94 -8.63 -10.01
C ASN F 192 7.84 -7.13 -10.23
N GLY F 193 8.47 -6.32 -9.37
CA GLY F 193 8.31 -4.87 -9.44
C GLY F 193 9.62 -4.15 -9.11
N HIS F 194 9.50 -2.94 -8.60
CA HIS F 194 10.62 -2.19 -8.05
C HIS F 194 10.86 -2.77 -6.64
N THR F 195 11.62 -3.81 -6.62
CA THR F 195 11.77 -4.65 -5.43
C THR F 195 12.19 -3.85 -4.18
N PRO F 196 11.41 -3.96 -3.08
CA PRO F 196 11.75 -3.25 -1.83
C PRO F 196 12.67 -4.05 -0.87
N PHE F 197 13.39 -5.04 -1.36
CA PHE F 197 14.19 -5.93 -0.53
C PHE F 197 15.27 -6.51 -1.42
N GLY F 198 16.32 -7.12 -0.86
CA GLY F 198 17.27 -7.82 -1.69
C GLY F 198 18.58 -8.25 -1.05
N ASP F 199 18.76 -9.55 -0.90
CA ASP F 199 20.00 -10.17 -0.41
C ASP F 199 20.82 -10.66 -1.60
N ILE F 200 22.13 -10.68 -1.45
CA ILE F 200 22.99 -11.31 -2.42
C ILE F 200 23.16 -12.79 -2.05
N PHE F 201 22.95 -13.65 -3.04
CA PHE F 201 23.13 -15.10 -2.93
C PHE F 201 24.26 -15.60 -3.82
N TYR F 202 24.68 -16.85 -3.58
CA TYR F 202 25.76 -17.54 -4.32
C TYR F 202 25.28 -18.92 -4.71
N SER F 203 25.58 -19.36 -5.95
CA SER F 203 25.16 -20.66 -6.43
C SER F 203 26.27 -21.22 -7.33
N GLU F 204 26.30 -22.53 -7.48
CA GLU F 204 27.30 -23.18 -8.32
C GLU F 204 26.65 -24.04 -9.37
N SER F 205 27.39 -24.35 -10.44
CA SER F 205 26.90 -25.27 -11.45
C SER F 205 28.07 -26.06 -12.06
N PRO F 206 27.93 -27.39 -12.19
CA PRO F 206 29.03 -28.12 -12.91
C PRO F 206 29.14 -27.85 -14.43
N ASP F 207 28.11 -27.30 -15.03
CA ASP F 207 27.94 -27.35 -16.48
C ASP F 207 27.26 -26.14 -17.14
N MET F 208 27.07 -25.07 -16.38
CA MET F 208 26.40 -23.86 -16.86
C MET F 208 24.93 -24.11 -17.34
N GLU F 209 24.31 -25.13 -16.77
CA GLU F 209 22.93 -25.49 -17.06
C GLU F 209 22.15 -25.79 -15.76
N PHE F 210 22.71 -26.65 -14.90
CA PHE F 210 22.06 -26.98 -13.64
C PHE F 210 22.80 -26.28 -12.47
N TRP F 211 22.05 -25.58 -11.63
CA TRP F 211 22.55 -24.70 -10.55
C TRP F 211 22.07 -25.17 -9.20
N GLY F 212 22.86 -24.97 -8.14
CA GLY F 212 22.46 -25.42 -6.84
C GLY F 212 23.54 -25.06 -5.82
N ARG F 213 23.46 -25.70 -4.67
CA ARG F 213 24.30 -25.34 -3.52
C ARG F 213 24.18 -23.87 -3.22
N HIS F 214 22.95 -23.41 -3.16
CA HIS F 214 22.68 -21.99 -2.95
C HIS F 214 23.07 -21.56 -1.53
N ARG F 215 23.78 -20.47 -1.40
CA ARG F 215 24.18 -19.99 -0.09
C ARG F 215 23.96 -18.49 0.00
N HIS F 216 23.44 -18.03 1.13
CA HIS F 216 23.29 -16.62 1.38
C HIS F 216 24.63 -15.94 1.58
N VAL F 217 24.87 -14.86 0.84
CA VAL F 217 26.12 -14.12 0.96
C VAL F 217 25.92 -12.99 1.98
N MET F 218 25.01 -12.08 1.70
CA MET F 218 24.75 -11.05 2.68
C MET F 218 23.40 -10.37 2.45
N SER F 219 22.96 -9.68 3.49
CA SER F 219 21.70 -8.95 3.49
C SER F 219 21.99 -7.47 3.61
N PRO F 220 21.02 -6.63 3.22
CA PRO F 220 21.15 -5.23 3.61
C PRO F 220 21.50 -5.04 5.09
N ALA F 221 22.26 -4.01 5.39
CA ALA F 221 22.63 -3.64 6.75
C ALA F 221 21.44 -2.97 7.45
N ALA F 222 21.48 -2.97 8.79
CA ALA F 222 20.57 -2.16 9.60
C ALA F 222 20.79 -0.67 9.31
N PHE F 223 19.72 0.09 9.19
CA PHE F 223 19.86 1.51 8.80
C PHE F 223 20.71 2.30 9.82
N GLU F 224 20.70 1.89 11.09
CA GLU F 224 21.45 2.66 12.09
C GLU F 224 22.95 2.37 12.05
N VAL F 225 23.31 1.32 11.29
CA VAL F 225 24.67 0.92 11.02
C VAL F 225 25.22 1.48 9.70
N SER F 226 24.52 1.30 8.59
CA SER F 226 25.01 1.75 7.33
C SER F 226 23.79 1.92 6.42
N ALA F 227 23.18 3.10 6.41
CA ALA F 227 21.89 3.25 5.74
C ALA F 227 21.95 3.28 4.19
N TRP F 228 23.12 3.50 3.58
CA TRP F 228 23.25 3.56 2.09
C TRP F 228 22.99 2.19 1.48
N GLN F 229 23.06 1.18 2.33
CA GLN F 229 22.89 -0.21 1.99
C GLN F 229 21.85 -0.93 2.85
N CYS F 230 20.87 -0.22 3.37
CA CYS F 230 19.87 -0.83 4.23
C CYS F 230 18.58 -1.29 3.60
N THR F 231 18.24 -0.87 2.38
CA THR F 231 17.01 -1.39 1.76
C THR F 231 17.21 -2.67 0.95
N LYS F 232 18.17 -2.63 0.06
CA LYS F 232 18.57 -3.80 -0.74
C LYS F 232 19.96 -3.57 -1.24
N ILE F 233 20.62 -4.66 -1.68
CA ILE F 233 21.96 -4.62 -2.21
C ILE F 233 21.96 -5.55 -3.43
N GLY F 234 22.98 -5.43 -4.25
CA GLY F 234 23.19 -6.30 -5.41
C GLY F 234 24.61 -6.19 -5.96
N ALA F 235 25.11 -7.30 -6.53
CA ALA F 235 26.47 -7.37 -7.04
C ALA F 235 26.60 -6.48 -8.25
N GLY F 236 27.79 -5.90 -8.41
CA GLY F 236 28.13 -5.04 -9.54
C GLY F 236 29.14 -5.71 -10.48
N PRO F 237 30.37 -5.19 -10.57
CA PRO F 237 31.41 -5.80 -11.35
C PRO F 237 31.66 -7.25 -11.04
N ILE F 238 32.22 -7.93 -12.03
CA ILE F 238 32.71 -9.30 -11.87
C ILE F 238 33.67 -9.28 -10.66
N PRO F 239 33.50 -10.22 -9.74
CA PRO F 239 34.41 -10.29 -8.59
C PRO F 239 35.90 -10.32 -8.98
N VAL F 240 36.73 -9.57 -8.26
CA VAL F 240 38.14 -9.46 -8.53
C VAL F 240 38.97 -10.29 -7.53
N GLU F 241 39.73 -11.25 -8.02
CA GLU F 241 40.50 -12.12 -7.16
C GLU F 241 41.69 -11.36 -6.58
N THR F 242 41.83 -11.37 -5.26
CA THR F 242 43.02 -10.80 -4.61
C THR F 242 43.58 -11.90 -3.69
N PRO F 243 44.83 -11.76 -3.24
CA PRO F 243 45.35 -12.75 -2.26
C PRO F 243 44.55 -12.85 -0.97
N GLU F 244 43.87 -11.78 -0.60
CA GLU F 244 43.05 -11.72 0.60
C GLU F 244 41.55 -12.09 0.40
N GLY F 245 41.12 -12.44 -0.80
CA GLY F 245 39.74 -12.83 -1.04
C GLY F 245 39.27 -12.18 -2.32
N TRP F 246 38.00 -12.39 -2.63
CA TRP F 246 37.37 -11.80 -3.80
C TRP F 246 36.89 -10.40 -3.40
N LEU F 247 37.36 -9.41 -4.14
CA LEU F 247 36.85 -8.07 -3.99
C LEU F 247 35.54 -7.93 -4.75
N LEU F 248 34.48 -7.67 -4.00
CA LEU F 248 33.17 -7.47 -4.55
C LEU F 248 32.82 -5.98 -4.38
N ILE F 249 32.48 -5.35 -5.52
CA ILE F 249 31.93 -4.01 -5.58
C ILE F 249 30.45 -4.22 -5.86
N TYR F 250 29.63 -3.61 -5.01
CA TYR F 250 28.21 -3.86 -4.99
C TYR F 250 27.45 -2.57 -4.68
N HIS F 251 26.24 -2.47 -5.17
CA HIS F 251 25.40 -1.31 -4.91
C HIS F 251 24.54 -1.53 -3.68
N GLY F 252 24.20 -0.39 -3.03
CA GLY F 252 23.31 -0.42 -1.90
C GLY F 252 22.24 0.67 -2.09
N VAL F 253 21.04 0.39 -1.60
CA VAL F 253 19.92 1.32 -1.65
C VAL F 253 19.48 1.82 -0.24
N LEU F 254 19.28 3.13 -0.19
CA LEU F 254 18.68 3.86 0.91
C LEU F 254 17.34 4.39 0.43
N HIS F 255 16.35 4.28 1.28
CA HIS F 255 14.97 4.71 0.94
C HIS F 255 14.64 6.02 1.66
N SER F 256 14.64 7.12 0.91
CA SER F 256 14.18 8.42 1.42
C SER F 256 12.68 8.63 1.20
N CYS F 257 12.13 9.72 1.74
CA CYS F 257 10.75 10.01 1.41
C CYS F 257 10.51 10.19 -0.10
N ASN F 258 11.54 10.60 -0.85
CA ASN F 258 11.41 10.96 -2.24
C ASN F 258 11.99 9.92 -3.18
N GLY F 259 12.31 8.73 -2.70
CA GLY F 259 12.72 7.65 -3.54
C GLY F 259 13.96 6.91 -3.04
N TYR F 260 14.55 6.17 -3.96
CA TYR F 260 15.72 5.39 -3.69
C TYR F 260 16.94 6.18 -4.08
N VAL F 261 18.01 5.99 -3.28
CA VAL F 261 19.32 6.49 -3.57
C VAL F 261 20.28 5.27 -3.68
N TYR F 262 20.98 5.18 -4.78
CA TYR F 262 21.88 4.05 -5.06
C TYR F 262 23.29 4.54 -4.90
N SER F 263 24.01 3.98 -3.96
CA SER F 263 25.44 4.22 -3.78
C SER F 263 26.15 2.88 -3.98
N PHE F 264 27.48 2.84 -3.94
CA PHE F 264 28.14 1.56 -3.96
C PHE F 264 29.36 1.47 -3.08
N GLY F 265 29.70 0.25 -2.68
CA GLY F 265 30.77 0.03 -1.67
C GLY F 265 31.48 -1.26 -1.98
N SER F 266 32.21 -1.80 -0.98
CA SER F 266 33.10 -2.90 -1.21
C SER F 266 32.98 -3.97 -0.11
N ALA F 267 33.16 -5.22 -0.50
CA ALA F 267 33.33 -6.28 0.46
C ALA F 267 34.46 -7.24 0.00
N LEU F 268 34.99 -7.96 0.97
CA LEU F 268 35.92 -9.06 0.72
C LEU F 268 35.32 -10.41 1.03
N LEU F 269 35.27 -11.31 0.05
CA LEU F 269 34.70 -12.63 0.24
C LEU F 269 35.80 -13.67 0.37
N ASP F 270 35.53 -14.72 1.12
CA ASP F 270 36.51 -15.82 1.29
C ASP F 270 36.84 -16.45 -0.10
N LEU F 271 38.11 -16.84 -0.32
CA LEU F 271 38.51 -17.21 -1.68
C LEU F 271 37.86 -18.53 -2.10
N ASP F 272 37.80 -19.45 -1.15
CA ASP F 272 37.35 -20.83 -1.33
C ASP F 272 35.85 -21.00 -1.15
N GLU F 273 35.20 -20.22 -0.28
CA GLU F 273 33.78 -20.39 -0.04
C GLU F 273 33.17 -18.99 -0.09
N PRO F 274 32.89 -18.50 -1.31
CA PRO F 274 32.75 -17.03 -1.41
C PRO F 274 31.43 -16.45 -0.92
N TRP F 275 30.55 -17.28 -0.38
CA TRP F 275 29.42 -16.81 0.36
C TRP F 275 29.79 -16.32 1.75
N LYS F 276 30.99 -16.66 2.24
CA LYS F 276 31.45 -16.13 3.51
C LYS F 276 32.11 -14.79 3.34
N VAL F 277 31.45 -13.78 3.89
CA VAL F 277 31.97 -12.42 3.88
C VAL F 277 32.97 -12.21 5.00
N LYS F 278 34.18 -11.81 4.63
CA LYS F 278 35.24 -11.56 5.63
C LYS F 278 35.21 -10.12 6.11
N PHE F 279 35.06 -9.17 5.20
CA PHE F 279 34.96 -7.76 5.53
C PHE F 279 33.91 -7.07 4.60
N ARG F 280 33.27 -6.02 5.12
CA ARG F 280 32.23 -5.28 4.39
C ARG F 280 32.25 -3.81 4.78
N SER F 281 32.41 -2.89 3.83
CA SER F 281 32.61 -1.47 4.13
C SER F 281 31.36 -0.87 4.80
N GLY F 282 31.57 -0.11 5.88
CA GLY F 282 30.48 0.71 6.49
C GLY F 282 30.14 1.93 5.62
N PRO F 283 31.16 2.72 5.25
CA PRO F 283 30.93 3.81 4.32
C PRO F 283 30.82 3.29 2.89
N TYR F 284 30.20 4.10 2.03
CA TYR F 284 30.17 3.84 0.62
C TYR F 284 31.49 4.27 -0.02
N LEU F 285 31.77 3.81 -1.21
CA LEU F 285 32.93 4.25 -1.99
C LEU F 285 32.51 5.43 -2.88
N LEU F 286 31.27 5.44 -3.32
CA LEU F 286 30.79 6.49 -4.19
C LEU F 286 29.27 6.56 -4.09
N ALA F 287 28.74 7.76 -4.19
CA ALA F 287 27.30 8.03 -4.01
C ALA F 287 26.90 9.22 -4.89
N PRO F 288 25.62 9.37 -5.20
CA PRO F 288 25.24 10.42 -6.16
C PRO F 288 25.57 11.81 -5.67
N ARG F 289 26.43 12.48 -6.42
CA ARG F 289 26.91 13.81 -6.07
C ARG F 289 26.94 14.81 -7.22
N GLU F 290 27.30 14.38 -8.41
CA GLU F 290 27.42 15.27 -9.55
C GLU F 290 26.08 15.34 -10.28
N PRO F 291 25.90 16.39 -11.10
CA PRO F 291 24.61 16.57 -11.73
C PRO F 291 24.20 15.44 -12.63
N TYR F 292 25.18 14.83 -13.30
CA TYR F 292 24.92 13.68 -14.17
C TYR F 292 24.54 12.39 -13.43
N GLU F 293 24.76 12.39 -12.10
CA GLU F 293 24.34 11.28 -11.23
C GLU F 293 23.01 11.56 -10.52
N CYS F 294 22.68 12.84 -10.40
CA CYS F 294 21.51 13.27 -9.60
C CYS F 294 20.33 13.64 -10.47
N MET F 295 20.60 14.09 -11.69
CA MET F 295 19.54 14.52 -12.59
C MET F 295 19.47 13.55 -13.78
N GLY F 296 18.26 13.16 -14.16
CA GLY F 296 18.09 12.26 -15.29
C GLY F 296 16.91 11.35 -15.15
N ASP F 297 16.89 10.30 -15.97
CA ASP F 297 15.74 9.39 -15.99
C ASP F 297 15.37 8.79 -14.63
N VAL F 298 16.40 8.41 -13.88
CA VAL F 298 16.20 7.96 -12.52
C VAL F 298 17.24 8.70 -11.62
N PRO F 299 16.81 9.76 -10.93
CA PRO F 299 17.67 10.60 -10.11
C PRO F 299 18.36 9.85 -8.99
N ASN F 300 19.60 10.26 -8.72
CA ASN F 300 20.34 9.78 -7.55
C ASN F 300 20.70 8.29 -7.62
N VAL F 301 21.35 7.93 -8.72
CA VAL F 301 21.81 6.58 -8.97
C VAL F 301 23.23 6.53 -9.45
N CYS F 302 24.05 5.82 -8.68
CA CYS F 302 25.35 5.31 -9.09
C CYS F 302 25.33 3.74 -9.05
N PHE F 303 25.38 3.09 -10.21
CA PHE F 303 25.13 1.68 -10.28
C PHE F 303 26.37 1.09 -10.92
N PRO F 304 27.28 0.50 -10.12
CA PRO F 304 28.45 -0.17 -10.72
C PRO F 304 28.12 -1.48 -11.51
N CYS F 305 28.71 -1.60 -12.69
N CYS F 305 28.70 -1.61 -12.70
CA CYS F 305 28.39 -2.68 -13.65
CA CYS F 305 28.40 -2.71 -13.63
C CYS F 305 29.60 -3.45 -14.21
C CYS F 305 29.65 -3.52 -14.02
N ALA F 306 30.81 -2.90 -14.10
CA ALA F 306 32.01 -3.57 -14.62
C ALA F 306 33.27 -2.92 -14.10
N ALA F 307 34.42 -3.61 -14.25
CA ALA F 307 35.69 -3.07 -13.78
C ALA F 307 36.82 -3.68 -14.55
N LEU F 308 37.83 -2.89 -14.83
CA LEU F 308 39.03 -3.35 -15.49
C LEU F 308 40.11 -3.12 -14.45
N HIS F 309 41.11 -4.01 -14.36
CA HIS F 309 42.11 -3.84 -13.27
C HIS F 309 43.42 -4.41 -13.68
N ASP F 310 44.50 -3.91 -13.11
CA ASP F 310 45.86 -4.34 -13.39
C ASP F 310 46.52 -4.75 -12.06
N ASN F 311 46.75 -6.04 -11.90
CA ASN F 311 47.27 -6.54 -10.66
C ASN F 311 48.70 -6.12 -10.38
N GLU F 312 49.44 -5.78 -11.42
CA GLU F 312 50.83 -5.45 -11.26
C GLU F 312 50.95 -4.06 -10.63
N THR F 313 50.10 -3.13 -11.07
CA THR F 313 50.07 -1.77 -10.48
C THR F 313 48.96 -1.52 -9.44
N GLY F 314 48.05 -2.46 -9.21
CA GLY F 314 46.92 -2.30 -8.30
C GLY F 314 45.80 -1.43 -8.88
N ARG F 315 45.92 -0.96 -10.10
CA ARG F 315 44.89 -0.02 -10.56
C ARG F 315 43.59 -0.71 -10.95
N ILE F 316 42.47 -0.07 -10.65
CA ILE F 316 41.19 -0.60 -11.03
C ILE F 316 40.37 0.57 -11.55
N ALA F 317 39.63 0.30 -12.62
CA ALA F 317 38.72 1.29 -13.26
C ALA F 317 37.29 0.74 -13.22
N ILE F 318 36.41 1.42 -12.51
CA ILE F 318 35.07 0.95 -12.25
C ILE F 318 34.07 1.75 -13.11
N TYR F 319 33.26 1.02 -13.87
CA TYR F 319 32.24 1.59 -14.71
C TYR F 319 30.94 1.58 -13.92
N TYR F 320 30.16 2.65 -14.08
CA TYR F 320 28.89 2.73 -13.39
C TYR F 320 27.88 3.62 -14.10
N GLY F 321 26.62 3.24 -13.98
CA GLY F 321 25.52 4.04 -14.47
C GLY F 321 25.17 5.19 -13.54
N CYS F 322 24.79 6.29 -14.20
CA CYS F 322 24.55 7.58 -13.60
C CYS F 322 23.13 7.98 -13.97
N ALA F 323 22.31 7.97 -12.93
CA ALA F 323 20.94 8.39 -13.02
C ALA F 323 20.19 7.60 -14.07
N ASP F 324 20.65 6.37 -14.31
CA ASP F 324 20.08 5.51 -15.37
C ASP F 324 20.01 6.30 -16.68
N THR F 325 21.02 7.10 -16.98
CA THR F 325 21.00 7.90 -18.18
C THR F 325 22.24 7.79 -19.04
N VAL F 326 23.40 7.96 -18.40
CA VAL F 326 24.72 7.94 -18.98
C VAL F 326 25.61 6.98 -18.20
N THR F 327 26.83 6.78 -18.70
CA THR F 327 27.81 5.89 -18.11
C THR F 327 29.00 6.74 -17.67
N GLY F 328 29.52 6.38 -16.48
CA GLY F 328 30.62 7.09 -15.89
C GLY F 328 31.72 6.15 -15.44
N LEU F 329 32.88 6.73 -15.17
CA LEU F 329 34.06 5.97 -14.82
C LEU F 329 34.69 6.50 -13.52
N ALA F 330 35.13 5.60 -12.64
CA ALA F 330 35.85 6.00 -11.43
C ALA F 330 37.09 5.13 -11.24
N PHE F 331 38.11 5.65 -10.57
CA PHE F 331 39.37 4.93 -10.43
C PHE F 331 39.73 4.78 -8.98
N GLY F 332 40.57 3.77 -8.70
CA GLY F 332 41.16 3.57 -7.38
C GLY F 332 42.26 2.53 -7.43
N TYR F 333 42.86 2.27 -6.28
CA TYR F 333 43.90 1.27 -6.13
C TYR F 333 43.37 0.16 -5.24
N ILE F 334 43.47 -1.05 -5.75
CA ILE F 334 43.01 -2.25 -5.09
C ILE F 334 43.53 -2.40 -3.67
N PRO F 335 44.85 -2.25 -3.43
CA PRO F 335 45.31 -2.34 -2.02
C PRO F 335 44.63 -1.33 -1.10
N GLU F 336 44.38 -0.12 -1.61
CA GLU F 336 43.70 0.90 -0.82
C GLU F 336 42.24 0.52 -0.54
N ILE F 337 41.56 -0.04 -1.53
CA ILE F 337 40.18 -0.41 -1.35
C ILE F 337 40.06 -1.54 -0.32
N ILE F 338 40.95 -2.51 -0.39
CA ILE F 338 41.02 -3.60 0.61
C ILE F 338 41.23 -3.09 2.04
N GLU F 339 42.13 -2.12 2.19
CA GLU F 339 42.49 -1.59 3.49
C GLU F 339 41.28 -0.84 4.06
N PHE F 340 40.68 0.00 3.19
CA PHE F 340 39.42 0.69 3.48
C PHE F 340 38.34 -0.28 3.96
N THR F 341 38.15 -1.35 3.20
CA THR F 341 37.11 -2.38 3.48
C THR F 341 37.37 -3.05 4.85
N LYS F 342 38.63 -3.41 5.08
CA LYS F 342 39.01 -3.91 6.39
C LYS F 342 38.85 -2.91 7.50
N ARG F 343 39.39 -1.72 7.34
CA ARG F 343 39.39 -0.78 8.43
C ARG F 343 38.00 -0.34 8.82
N THR F 344 37.07 -0.29 7.86
CA THR F 344 35.72 0.23 8.14
C THR F 344 34.68 -0.89 8.27
N SER F 345 35.13 -2.13 8.44
CA SER F 345 34.24 -3.27 8.28
C SER F 345 33.12 -3.26 9.36
N ILE F 346 31.92 -3.63 8.94
CA ILE F 346 30.81 -3.75 9.85
C ILE F 346 30.52 -5.19 10.13
N ILE F 347 31.21 -5.72 9.77
CA ILE F 347 31.31 -7.09 10.26
C ILE F 347 32.70 -7.36 10.74
P PO4 G . -19.44 -1.25 -3.49
O1 PO4 G . -18.06 -0.76 -3.94
O2 PO4 G . -19.41 -2.58 -2.81
O3 PO4 G . -20.44 -1.15 -4.66
O4 PO4 G . -19.90 -0.20 -2.37
C1 GOL H . -21.01 -6.87 -3.22
O1 GOL H . -22.01 -7.38 -2.31
C2 GOL H . -20.01 -6.04 -2.43
O2 GOL H . -19.09 -5.35 -3.29
C3 GOL H . -19.18 -6.94 -1.52
O3 GOL H . -18.43 -7.85 -2.35
C1 GOL I . -33.57 0.01 14.13
O1 GOL I . -34.63 -0.82 14.69
C2 GOL I . -32.15 -0.46 14.50
O2 GOL I . -31.12 0.45 14.08
C3 GOL I . -31.89 -1.83 13.87
O3 GOL I . -31.05 -2.63 14.72
C1 GOL J . -11.99 -4.11 -14.74
O1 GOL J . -13.30 -4.48 -15.07
C2 GOL J . -11.76 -4.28 -13.25
O2 GOL J . -12.79 -4.95 -12.46
C3 GOL J . -11.56 -2.83 -12.86
O3 GOL J . -10.99 -2.13 -13.98
K K K . -26.45 16.55 -1.76
C1 GOL L . -27.74 -6.85 14.94
O1 GOL L . -27.11 -6.15 13.85
C2 GOL L . -28.20 -6.15 16.28
O2 GOL L . -27.92 -4.71 16.43
C3 GOL L . -27.67 -6.91 17.51
O3 GOL L . -26.97 -6.07 18.45
C1 EDO M . -19.40 -15.00 -4.84
O1 EDO M . -20.39 -15.55 -4.11
C2 EDO M . -19.73 -13.87 -5.63
O2 EDO M . -18.58 -13.24 -6.12
C1 EDO N . -43.75 7.98 -14.86
O1 EDO N . -44.86 7.49 -14.15
C2 EDO N . -43.64 9.44 -15.01
O2 EDO N . -42.45 9.81 -15.62
C1 PGE O . -40.66 -1.00 -8.81
O1 PGE O . -39.31 -0.75 -8.37
C2 PGE O . -40.94 -0.71 -10.30
O2 PGE O . -41.79 -1.76 -10.85
C3 PGE O . -43.22 -1.68 -10.48
C4 PGE O . -44.11 -2.51 -11.38
O4 PGE O . -47.03 -2.28 -14.40
C6 PGE O . -46.27 -1.64 -13.40
C5 PGE O . -46.32 -2.57 -12.21
O3 PGE O . -45.47 -2.10 -11.17
C1 EDO P . -22.93 -20.67 5.28
O1 EDO P . -22.23 -21.23 4.16
C2 EDO P . -23.71 -21.65 6.15
O2 EDO P . -24.22 -20.72 7.11
C1 EDO Q . -14.30 -20.61 -17.52
O1 EDO Q . -14.54 -19.52 -18.45
C2 EDO Q . -15.12 -21.75 -18.05
O2 EDO Q . -15.72 -22.43 -17.00
C1 EDO R . -29.09 -28.41 -7.84
O1 EDO R . -27.89 -27.77 -7.36
C2 EDO R . -29.23 -28.18 -9.35
O2 EDO R . -28.72 -29.32 -10.08
C1 EDO S . -26.53 1.66 -28.72
O1 EDO S . -26.30 2.89 -29.42
C2 EDO S . -28.02 1.32 -28.61
O2 EDO S . -28.91 2.47 -28.66
C1 EDO T . -36.42 5.27 -23.72
O1 EDO T . -37.61 5.84 -24.35
C2 EDO T . -35.64 4.54 -24.79
O2 EDO T . -35.86 5.32 -25.97
P PO4 U . -4.50 -3.09 19.07
O1 PO4 U . -3.95 -2.13 18.01
O2 PO4 U . -3.30 -4.05 19.40
O3 PO4 U . -5.72 -3.87 18.60
O4 PO4 U . -4.84 -2.34 20.40
C1 GOL V . -9.56 -5.62 17.11
O1 GOL V . -10.58 -4.85 16.45
C2 GOL V . -9.12 -4.93 18.40
O2 GOL V . -8.40 -3.75 18.07
C3 GOL V . -10.28 -4.64 19.31
O3 GOL V . -10.54 -5.90 19.97
C1 GOL W . -1.88 -23.77 27.59
O1 GOL W . -2.70 -24.67 28.33
C2 GOL W . -2.53 -23.34 26.24
O2 GOL W . -1.48 -22.93 25.33
C3 GOL W . -3.46 -24.42 25.60
O3 GOL W . -4.23 -23.92 24.48
C1 GOL X . -4.75 13.36 43.68
O1 GOL X . -4.09 12.37 44.44
C2 GOL X . -5.42 12.71 42.52
O2 GOL X . -4.53 12.05 41.60
C3 GOL X . -5.99 13.84 41.73
O3 GOL X . -6.92 13.17 40.92
C1 GOL Y . -8.50 9.48 14.48
O1 GOL Y . -8.95 9.23 15.77
C2 GOL Y . -7.91 8.27 13.89
O2 GOL Y . -8.49 7.07 14.46
C3 GOL Y . -6.43 8.47 14.10
O3 GOL Y . -5.99 9.56 13.27
K K Z . 11.98 -4.30 28.72
C1 GOL AA . -20.27 10.30 26.83
O1 GOL AA . -18.90 10.49 27.10
C2 GOL AA . -20.84 11.31 25.86
O2 GOL AA . -21.99 11.88 26.44
C3 GOL AA . -21.44 10.65 24.64
O3 GOL AA . -22.28 11.76 24.32
C1 GOL BA . -7.50 -23.95 20.50
O1 GOL BA . -7.07 -22.59 20.52
C2 GOL BA . -6.42 -25.06 20.70
O2 GOL BA . -5.07 -24.70 20.31
C3 GOL BA . -6.88 -26.31 19.94
O3 GOL BA . -6.02 -26.67 18.87
C1 EDO CA . -1.40 1.74 46.79
O1 EDO CA . -1.96 0.72 47.56
C2 EDO CA . 0.01 2.07 47.05
O2 EDO CA . 0.32 3.12 46.23
C1 PGE DA . -9.70 -2.85 42.03
O1 PGE DA . -8.38 -2.65 41.37
C2 PGE DA . -9.73 -3.83 43.23
O2 PGE DA . -10.50 -3.41 44.35
C3 PGE DA . -10.20 -4.20 45.49
C4 PGE DA . -10.81 -3.48 46.71
O4 PGE DA . -12.67 0.11 48.70
C6 PGE DA . -11.76 -0.94 48.30
C5 PGE DA . -12.34 -1.67 47.10
O3 PGE DA . -11.28 -2.20 46.30
C1 EDO EA . -25.56 8.47 14.74
O1 EDO EA . -26.86 7.99 15.21
C2 EDO EA . -25.15 9.84 15.30
O2 EDO EA . -23.77 10.10 15.04
P PO4 FA . 0.10 -19.75 -1.78
O1 PO4 FA . 0.85 -18.40 -1.81
O2 PO4 FA . 1.12 -20.89 -1.84
O3 PO4 FA . -0.60 -19.89 -3.11
O4 PO4 FA . -0.94 -19.80 -0.70
C1 GOL GA . -3.53 -19.91 3.11
O1 GOL GA . -2.99 -19.44 4.35
C2 GOL GA . -2.50 -20.77 2.46
O2 GOL GA . -1.40 -19.93 2.18
C3 GOL GA . -2.15 -21.99 3.26
O3 GOL GA . -3.27 -22.87 3.16
C1 GOL HA . -17.68 -30.01 -10.68
O1 GOL HA . -18.58 -31.02 -10.23
C2 GOL HA . -18.13 -28.69 -10.01
O2 GOL HA . -17.36 -27.56 -10.42
C3 GOL HA . -18.03 -28.81 -8.49
O3 GOL HA . -18.90 -27.93 -7.76
C1 GOL IA . 19.46 -38.66 -5.94
O1 GOL IA . 20.10 -39.26 -7.10
C2 GOL IA . 19.53 -39.57 -4.74
O2 GOL IA . 20.88 -39.86 -4.56
C3 GOL IA . 19.15 -38.74 -3.56
O3 GOL IA . 20.38 -38.24 -3.00
C1 GOL JA . 10.06 -15.01 5.60
O1 GOL JA . 10.83 -16.14 5.91
C2 GOL JA . 10.62 -14.33 4.38
O2 GOL JA . 9.49 -13.79 3.73
C3 GOL JA . 11.70 -13.26 4.66
O3 GOL JA . 11.54 -12.10 3.82
K K KA . 3.35 -23.93 -20.22
C1 GOL LA . 12.34 -29.86 13.48
O1 GOL LA . 13.09 -30.00 12.27
C2 GOL LA . 13.04 -28.96 14.49
O2 GOL LA . 13.55 -29.76 15.53
C3 GOL LA . 12.07 -28.04 15.21
O3 GOL LA . 11.96 -28.60 16.51
C1 GOL MA . -20.30 -25.00 -3.34
O1 GOL MA . -18.88 -24.73 -3.58
C2 GOL MA . -21.25 -25.12 -4.57
O2 GOL MA . -20.77 -24.39 -5.74
C3 GOL MA . -22.68 -24.67 -4.25
O3 GOL MA . -23.00 -23.45 -5.01
C1 EDO NA . -17.51 -22.05 -2.75
O1 EDO NA . -18.54 -22.80 -2.15
C2 EDO NA . -17.65 -20.61 -3.15
O2 EDO NA . -16.61 -20.13 -3.95
C1 EDO OA . 10.39 -44.13 -11.16
O1 EDO OA . 9.62 -45.31 -11.07
C2 EDO OA . 11.14 -43.95 -12.42
O2 EDO OA . 12.00 -42.85 -12.62
C1 EDO PA . 18.67 -41.17 -8.34
O1 EDO PA . 19.71 -40.68 -9.23
C2 EDO PA . 17.98 -42.47 -8.70
O2 EDO PA . 16.79 -42.77 -7.95
C1 PGE QA . 7.18 -50.34 -3.34
O1 PGE QA . 7.80 -50.16 -2.06
C2 PGE QA . 5.84 -49.62 -3.28
O2 PGE QA . 5.99 -48.27 -2.82
C3 PGE QA . 4.71 -47.64 -2.96
C4 PGE QA . 4.85 -46.13 -2.91
O4 PGE QA . 4.28 -41.81 -4.31
C6 PGE QA . 4.05 -42.82 -3.23
C5 PGE QA . 3.34 -44.23 -3.41
O3 PGE QA . 4.01 -45.41 -3.89
C1 EDO RA . 9.56 -24.91 22.90
O1 EDO RA . 10.70 -24.54 22.12
C2 EDO RA . 9.12 -26.27 22.40
O2 EDO RA . 7.90 -26.42 23.07
C1 EDO SA . -7.36 -45.08 -14.89
O1 EDO SA . -8.17 -45.23 -13.70
C2 EDO SA . -7.07 -43.59 -14.92
O2 EDO SA . -5.86 -43.29 -15.61
C1 EDO TA . -12.59 -25.65 16.71
O1 EDO TA . -12.05 -24.34 16.40
C2 EDO TA . -13.17 -25.91 18.10
O2 EDO TA . -12.20 -26.68 18.84
P PO4 UA . 8.82 15.52 9.10
O1 PO4 UA . 9.84 15.57 7.98
O2 PO4 UA . 8.14 14.16 9.22
O3 PO4 UA . 7.69 16.58 8.87
O4 PO4 UA . 9.54 15.90 10.40
C1 GOL VA . 14.20 16.13 6.86
O1 GOL VA . 14.57 17.39 6.26
C2 GOL VA . 12.89 15.71 6.26
O2 GOL VA . 12.31 14.67 7.06
C3 GOL VA . 13.07 15.32 4.80
O3 GOL VA . 13.97 14.24 4.77
C1 GOL WA . 7.75 35.09 1.02
O1 GOL WA . 9.13 35.44 1.22
C2 GOL WA . 7.03 35.83 -0.12
O2 GOL WA . 7.00 37.24 0.05
C3 GOL WA . 5.59 35.32 -0.12
O3 GOL WA . 5.53 33.96 -0.56
C1 GOL XA . 17.28 19.81 35.69
O1 GOL XA . 18.23 20.05 34.63
C2 GOL XA . 16.36 20.99 35.67
O2 GOL XA . 15.82 21.24 34.35
C3 GOL XA . 17.18 22.18 36.00
O3 GOL XA . 16.44 22.85 37.00
C1 GOL YA . 11.01 2.45 14.18
O1 GOL YA . 9.78 2.99 13.76
C2 GOL YA . 11.84 3.66 13.82
O2 GOL YA . 11.41 4.33 12.63
C3 GOL YA . 13.25 3.29 13.68
O3 GOL YA . 13.77 4.22 14.58
K K ZA . -4.94 25.20 18.66
C1 EDO AB . 14.30 32.50 31.01
O1 EDO AB . 13.16 33.25 31.37
C2 EDO AB . 14.89 33.06 29.74
O2 EDO AB . 15.43 31.98 29.01
P PO4 BB . -2.47 12.50 -15.35
O1 PO4 BB . -3.47 13.58 -15.88
O2 PO4 BB . -2.11 11.53 -16.53
O3 PO4 BB . -3.12 11.69 -14.24
O4 PO4 BB . -1.28 13.34 -14.89
C1 GOL CB . 0.56 17.44 -14.32
O1 GOL CB . 1.63 17.97 -15.11
C2 GOL CB . 0.86 16.01 -13.95
O2 GOL CB . -0.32 15.43 -13.41
C3 GOL CB . 2.06 15.89 -13.01
O3 GOL CB . 1.81 16.58 -11.79
C1 GOL DB . -10.24 15.71 -4.59
O1 GOL DB . -10.45 16.91 -5.30
C2 GOL DB . -9.47 14.77 -5.49
O2 GOL DB . -10.03 13.49 -5.12
C3 GOL DB . -7.93 15.06 -5.43
O3 GOL DB . -7.22 14.80 -6.67
K K EB . -10.41 2.44 -29.85
C1 EDO FB . -23.77 25.82 -25.47
O1 EDO FB . -24.84 26.76 -25.44
C2 EDO FB . -23.84 25.35 -26.88
O2 EDO FB . -24.52 26.47 -27.52
C1 EDO GB . -11.35 31.52 -9.03
O1 EDO GB . -12.11 31.26 -10.23
C2 EDO GB . -11.93 32.74 -8.32
O2 EDO GB . -11.36 32.76 -7.02
C1 EDO HB . -26.27 25.08 -16.32
O1 EDO HB . -27.13 24.54 -15.31
C2 EDO HB . -25.05 25.65 -15.59
O2 EDO HB . -24.97 27.00 -16.09
P PO4 IB . 18.06 -3.54 -7.90
O1 PO4 IB . 18.07 -2.12 -8.48
O2 PO4 IB . 18.80 -4.40 -8.91
O3 PO4 IB . 16.66 -4.05 -7.57
O4 PO4 IB . 18.87 -3.50 -6.60
C1 GOL JB . 19.00 0.37 -12.25
O1 GOL JB . 20.02 1.38 -12.27
C2 GOL JB . 18.35 0.51 -10.91
O2 GOL JB . 17.33 -0.47 -10.75
C3 GOL JB . 17.69 1.88 -10.77
O3 GOL JB . 16.49 1.94 -11.53
C1 GOL KB . 35.91 6.74 0.67
O1 GOL KB . 36.97 7.58 0.18
C2 GOL KB . 34.67 7.57 1.01
O2 GOL KB . 33.76 6.76 1.76
C3 GOL KB . 34.01 8.07 -0.27
O3 GOL KB . 33.56 9.43 -0.15
C1 GOL LB . 6.81 -9.36 -14.03
O1 GOL LB . 7.33 -9.40 -12.72
C2 GOL LB . 7.53 -8.22 -14.74
O2 GOL LB . 8.59 -7.72 -13.91
C3 GOL LB . 8.08 -8.74 -16.03
O3 GOL LB . 9.42 -8.33 -16.04
K K MB . 27.41 -15.26 4.11
C1 GOL NB . 17.18 -8.34 -29.14
O1 GOL NB . 17.83 -9.59 -28.76
C2 GOL NB . 15.82 -8.55 -29.78
O2 GOL NB . 15.93 -9.10 -31.11
C3 GOL NB . 15.10 -7.22 -29.84
O3 GOL NB . 14.63 -7.17 -31.16
C1 GOL OB . 29.44 12.92 -1.42
O1 GOL OB . 29.29 11.65 -2.11
C2 GOL OB . 30.79 13.12 -0.70
O2 GOL OB . 30.85 12.21 0.42
C3 GOL OB . 30.94 14.55 -0.18
O3 GOL OB . 30.06 14.80 0.93
C1 EDO PB . 16.05 4.04 -17.86
O1 EDO PB . 15.43 2.85 -18.30
C2 EDO PB . 16.48 4.92 -18.99
O2 EDO PB . 17.15 6.02 -18.42
C1 EDO QB . 20.07 -24.80 -23.97
O1 EDO QB . 18.85 -25.37 -23.50
C2 EDO QB . 19.64 -23.57 -24.75
O2 EDO QB . 19.64 -23.89 -26.15
#